data_5L47
#
_entry.id   5L47
#
_cell.length_a   181.158
_cell.length_b   128.124
_cell.length_c   162.193
_cell.angle_alpha   90.00
_cell.angle_beta   102.72
_cell.angle_gamma   90.00
#
_symmetry.space_group_name_H-M   'C 1 2 1'
#
loop_
_entity.id
_entity.type
_entity.pdbx_description
1 polymer 'Proton-gated ion channel'
2 non-polymer 'CHLORIDE ION'
3 non-polymer 'ACETATE ION'
4 non-polymer 'SODIUM ION'
5 non-polymer '2-[5-ethyl-2,4,6-tris(oxidanylidene)-1,3-diazinan-5-yl]ethyl selenocyanate'
6 non-polymer DODECANE
7 water water
#
_entity_poly.entity_id   1
_entity_poly.type   'polypeptide(L)'
_entity_poly.pdbx_seq_one_letter_code
;GQDMVSPPPPIADEPLTVNTGIYLIESYSLDDCAETFKVNAFLSLSWKDRRLAFDPVRSGVRVKTYEPEAIWIPEIRFVN
VENARDADVVDISVSPDGTVQYLERFSARVLSPLDFRRYPFDSQTLHIYLIVRSVDTRNIVLAVDLEKVGKNDDVFLTGW
DIESFTAVVKPANFALEDRLESKLDYQLRISRQYFSYIPNIILPMLFILFISWTAFWSTSYEANVTLVVSTLIAHIAFNI
LVETNCPKTPYMTYTGAIIFMIYLFYFVAVIEVTVQHYLKVESQPARAASITRASRIAFPVVFLLANIILAFLFFGF
;
_entity_poly.pdbx_strand_id   A,B,C,D,E
#
# COMPACT_ATOMS: atom_id res chain seq x y z
N VAL A 5 2.26 40.67 -18.49
CA VAL A 5 2.11 40.17 -17.13
C VAL A 5 1.14 41.07 -16.30
N SER A 6 -0.03 41.32 -16.89
CA SER A 6 -1.14 42.11 -16.38
C SER A 6 -2.37 41.61 -17.14
N PRO A 7 -3.59 41.53 -16.56
CA PRO A 7 -4.74 41.02 -17.35
C PRO A 7 -5.17 41.95 -18.49
N PRO A 8 -5.77 41.45 -19.58
CA PRO A 8 -6.13 42.34 -20.70
C PRO A 8 -7.14 43.41 -20.33
N PRO A 9 -7.07 44.63 -20.93
CA PRO A 9 -8.05 45.67 -20.55
C PRO A 9 -9.43 45.46 -21.17
N PRO A 10 -10.53 45.77 -20.46
CA PRO A 10 -11.87 45.55 -21.05
C PRO A 10 -12.22 46.64 -22.05
N ILE A 11 -12.97 46.29 -23.10
CA ILE A 11 -13.40 47.31 -24.08
C ILE A 11 -14.46 48.25 -23.44
N ALA A 12 -15.37 47.65 -22.68
CA ALA A 12 -16.41 48.24 -21.88
C ALA A 12 -16.16 47.53 -20.57
N ASP A 13 -17.09 47.60 -19.63
CA ASP A 13 -17.05 47.07 -18.26
C ASP A 13 -17.45 45.58 -18.18
N GLU A 14 -17.06 44.80 -19.20
CA GLU A 14 -17.35 43.38 -19.29
C GLU A 14 -16.25 42.50 -18.64
N PRO A 15 -16.62 41.31 -18.11
CA PRO A 15 -15.60 40.42 -17.55
C PRO A 15 -14.94 39.63 -18.68
N LEU A 16 -13.73 39.11 -18.41
CA LEU A 16 -13.01 38.30 -19.38
C LEU A 16 -13.59 36.89 -19.40
N THR A 17 -13.92 36.43 -20.59
CA THR A 17 -14.47 35.09 -20.77
C THR A 17 -13.38 34.16 -21.21
N VAL A 18 -13.15 33.14 -20.41
CA VAL A 18 -12.17 32.12 -20.71
C VAL A 18 -12.95 30.87 -21.14
N ASN A 19 -12.95 30.59 -22.44
CA ASN A 19 -13.63 29.42 -22.97
C ASN A 19 -12.75 28.20 -22.68
N THR A 20 -13.36 27.19 -22.04
CA THR A 20 -12.69 25.96 -21.66
C THR A 20 -13.20 24.74 -22.43
N GLY A 21 -12.38 23.70 -22.40
CA GLY A 21 -12.61 22.39 -22.98
C GLY A 21 -11.64 21.37 -22.36
N ILE A 22 -12.14 20.16 -22.11
CA ILE A 22 -11.33 19.08 -21.58
C ILE A 22 -11.53 17.91 -22.54
N TYR A 23 -10.42 17.29 -22.99
CA TYR A 23 -10.49 16.13 -23.87
C TYR A 23 -9.80 14.95 -23.18
N LEU A 24 -10.58 13.97 -22.70
CA LEU A 24 -10.05 12.80 -22.01
C LEU A 24 -9.20 11.94 -22.90
N ILE A 25 -7.92 11.81 -22.54
CA ILE A 25 -6.95 10.97 -23.24
C ILE A 25 -7.03 9.56 -22.65
N GLU A 26 -6.86 9.46 -21.33
CA GLU A 26 -6.90 8.21 -20.57
C GLU A 26 -7.59 8.44 -19.23
N SER A 27 -8.33 7.45 -18.79
CA SER A 27 -8.93 7.43 -17.46
C SER A 27 -8.45 6.13 -16.83
N TYR A 28 -7.96 6.20 -15.60
CA TYR A 28 -7.48 5.01 -14.89
C TYR A 28 -7.68 5.11 -13.37
N SER A 29 -7.13 4.16 -12.61
CA SER A 29 -7.19 4.13 -11.16
C SER A 29 -8.49 4.65 -10.50
N LEU A 30 -9.69 4.15 -10.89
CA LEU A 30 -10.91 4.54 -10.16
C LEU A 30 -10.94 3.74 -8.83
N ASP A 31 -10.62 4.43 -7.73
CA ASP A 31 -10.55 3.83 -6.41
C ASP A 31 -11.87 4.03 -5.68
N ASP A 32 -12.59 2.94 -5.41
CA ASP A 32 -13.89 3.01 -4.74
C ASP A 32 -13.74 3.35 -3.27
N CYS A 33 -12.67 2.84 -2.63
CA CYS A 33 -12.37 3.08 -1.22
C CYS A 33 -12.05 4.53 -0.98
N ALA A 34 -11.18 5.10 -1.83
CA ALA A 34 -10.74 6.48 -1.72
C ALA A 34 -11.68 7.49 -2.34
N GLU A 35 -12.63 7.01 -3.19
CA GLU A 35 -13.59 7.83 -3.96
C GLU A 35 -12.83 8.82 -4.87
N THR A 36 -11.68 8.37 -5.43
CA THR A 36 -10.86 9.18 -6.30
C THR A 36 -10.65 8.48 -7.63
N PHE A 37 -10.34 9.26 -8.68
CA PHE A 37 -10.04 8.71 -9.99
C PHE A 37 -8.94 9.50 -10.66
N LYS A 38 -7.98 8.79 -11.25
CA LYS A 38 -6.87 9.43 -11.93
C LYS A 38 -7.25 9.52 -13.40
N VAL A 39 -7.11 10.74 -13.95
CA VAL A 39 -7.43 11.05 -15.35
C VAL A 39 -6.28 11.79 -16.02
N ASN A 40 -6.04 11.48 -17.30
CA ASN A 40 -5.06 12.15 -18.16
C ASN A 40 -5.86 12.81 -19.29
N ALA A 41 -5.68 14.13 -19.50
CA ALA A 41 -6.47 14.85 -20.48
C ALA A 41 -5.79 16.09 -20.96
N PHE A 42 -6.38 16.67 -22.02
CA PHE A 42 -6.03 17.98 -22.59
C PHE A 42 -6.92 19.02 -21.88
N LEU A 43 -6.42 20.23 -21.71
CA LEU A 43 -7.21 21.32 -21.17
C LEU A 43 -6.96 22.45 -22.14
N SER A 44 -8.00 22.84 -22.87
CA SER A 44 -7.91 23.93 -23.82
C SER A 44 -8.52 25.20 -23.20
N LEU A 45 -7.86 26.32 -23.38
CA LEU A 45 -8.31 27.63 -22.89
C LEU A 45 -8.23 28.63 -24.01
N SER A 46 -9.26 29.46 -24.13
CA SER A 46 -9.32 30.50 -25.16
C SER A 46 -9.90 31.78 -24.60
N TRP A 47 -9.21 32.90 -24.80
CA TRP A 47 -9.63 34.23 -24.34
C TRP A 47 -9.06 35.29 -25.25
N LYS A 48 -9.66 36.50 -25.25
CA LYS A 48 -9.18 37.60 -26.10
C LYS A 48 -8.38 38.64 -25.30
N ASP A 49 -7.18 38.95 -25.78
CA ASP A 49 -6.28 39.96 -25.23
C ASP A 49 -5.94 40.83 -26.43
N ARG A 50 -6.54 42.04 -26.51
CA ARG A 50 -6.31 42.97 -27.61
C ARG A 50 -4.88 43.51 -27.68
N ARG A 51 -4.13 43.49 -26.57
CA ARG A 51 -2.72 43.90 -26.56
C ARG A 51 -1.87 43.01 -27.49
N LEU A 52 -2.27 41.74 -27.64
CA LEU A 52 -1.59 40.73 -28.45
C LEU A 52 -2.08 40.68 -29.90
N ALA A 53 -3.05 41.57 -30.27
CA ALA A 53 -3.57 41.65 -31.62
C ALA A 53 -2.51 42.23 -32.58
N PHE A 54 -2.61 41.87 -33.87
CA PHE A 54 -1.67 42.29 -34.91
C PHE A 54 -2.31 42.37 -36.30
N ASP A 55 -1.68 43.14 -37.22
CA ASP A 55 -2.09 43.22 -38.62
C ASP A 55 -1.38 42.05 -39.30
N PRO A 56 -2.13 41.06 -39.85
CA PRO A 56 -1.45 39.90 -40.49
C PRO A 56 -0.62 40.27 -41.73
N VAL A 57 -0.92 41.44 -42.34
CA VAL A 57 -0.22 41.98 -43.52
C VAL A 57 1.21 42.39 -43.14
N ARG A 58 1.34 43.35 -42.17
CA ARG A 58 2.64 43.85 -41.70
C ARG A 58 3.48 42.77 -41.01
N SER A 59 2.83 41.88 -40.25
CA SER A 59 3.50 40.79 -39.51
C SER A 59 3.89 39.62 -40.38
N GLY A 60 3.04 39.30 -41.37
CA GLY A 60 3.26 38.19 -42.28
C GLY A 60 3.15 36.79 -41.73
N VAL A 61 2.32 36.52 -40.68
CA VAL A 61 2.15 35.15 -40.08
C VAL A 61 0.67 34.79 -39.82
N ARG A 62 0.32 33.47 -39.82
CA ARG A 62 -1.05 32.98 -39.52
C ARG A 62 -1.37 33.29 -38.04
N VAL A 63 -0.53 32.76 -37.15
CA VAL A 63 -0.64 32.90 -35.71
C VAL A 63 0.72 33.10 -35.08
N LYS A 64 0.80 33.92 -34.05
CA LYS A 64 2.03 34.15 -33.31
C LYS A 64 2.09 33.17 -32.12
N THR A 65 3.21 32.43 -31.99
CA THR A 65 3.41 31.48 -30.90
C THR A 65 4.15 32.18 -29.77
N TYR A 66 3.74 31.95 -28.53
CA TYR A 66 4.38 32.53 -27.36
C TYR A 66 4.74 31.46 -26.33
N GLU A 67 5.68 31.81 -25.43
CA GLU A 67 6.08 30.96 -24.33
C GLU A 67 5.18 31.42 -23.18
N PRO A 68 4.78 30.53 -22.24
CA PRO A 68 3.85 30.94 -21.18
C PRO A 68 4.29 32.16 -20.37
N GLU A 69 5.63 32.28 -20.20
CA GLU A 69 6.30 33.35 -19.48
C GLU A 69 6.16 34.73 -20.17
N ALA A 70 6.02 34.72 -21.51
CA ALA A 70 5.93 35.91 -22.34
C ALA A 70 4.60 36.65 -22.28
N ILE A 71 3.47 35.93 -22.07
CA ILE A 71 2.11 36.54 -22.06
C ILE A 71 1.29 36.25 -20.80
N TRP A 72 0.17 36.98 -20.65
CA TRP A 72 -0.76 36.78 -19.55
C TRP A 72 -1.65 35.58 -19.87
N ILE A 73 -1.66 34.59 -18.95
CA ILE A 73 -2.45 33.36 -19.00
C ILE A 73 -3.27 33.28 -17.69
N PRO A 74 -4.61 33.03 -17.77
CA PRO A 74 -5.40 32.95 -16.53
C PRO A 74 -5.06 31.73 -15.68
N GLU A 75 -4.96 31.88 -14.35
CA GLU A 75 -4.65 30.73 -13.50
C GLU A 75 -5.94 29.90 -13.32
N ILE A 76 -6.05 28.81 -14.07
CA ILE A 76 -7.16 27.87 -13.96
C ILE A 76 -6.70 26.76 -13.00
N ARG A 77 -7.52 26.48 -11.99
CA ARG A 77 -7.25 25.43 -11.01
C ARG A 77 -8.47 24.52 -10.92
N PHE A 78 -8.31 23.36 -10.31
CA PHE A 78 -9.36 22.37 -10.15
C PHE A 78 -9.70 22.44 -8.71
N VAL A 79 -10.98 22.30 -8.40
CA VAL A 79 -11.44 22.40 -7.02
C VAL A 79 -11.20 21.12 -6.24
N ASN A 80 -11.65 19.99 -6.82
CA ASN A 80 -11.64 18.67 -6.24
C ASN A 80 -10.44 17.83 -6.66
N VAL A 81 -9.23 18.34 -6.41
CA VAL A 81 -8.00 17.58 -6.67
C VAL A 81 -7.24 17.43 -5.36
N GLU A 82 -6.50 16.29 -5.23
CA GLU A 82 -5.68 15.98 -4.06
C GLU A 82 -4.55 17.07 -4.00
N ASN A 83 -3.67 17.09 -5.01
CA ASN A 83 -2.63 18.12 -5.17
C ASN A 83 -2.84 18.72 -6.53
N ALA A 84 -2.18 19.85 -6.84
CA ALA A 84 -2.36 20.48 -8.14
C ALA A 84 -2.01 19.52 -9.27
N ARG A 85 -2.74 19.61 -10.40
CA ARG A 85 -2.52 18.77 -11.57
C ARG A 85 -1.10 18.92 -12.10
N ASP A 86 -0.58 17.85 -12.69
CA ASP A 86 0.73 17.83 -13.33
C ASP A 86 0.44 18.30 -14.74
N ALA A 87 0.79 19.54 -15.07
CA ALA A 87 0.50 20.08 -16.39
C ALA A 87 1.73 20.34 -17.21
N ASP A 88 1.60 20.15 -18.55
CA ASP A 88 2.62 20.38 -19.59
C ASP A 88 1.97 21.24 -20.66
N VAL A 89 2.41 22.51 -20.87
CA VAL A 89 1.87 23.37 -21.92
C VAL A 89 2.28 22.77 -23.25
N VAL A 90 1.29 22.41 -24.08
CA VAL A 90 1.52 21.80 -25.38
C VAL A 90 1.70 22.87 -26.46
N ASP A 91 0.81 23.90 -26.49
CA ASP A 91 0.83 24.97 -27.49
C ASP A 91 0.09 26.24 -27.03
N ILE A 92 0.59 27.40 -27.47
CA ILE A 92 0.00 28.74 -27.28
C ILE A 92 0.02 29.42 -28.64
N SER A 93 -1.16 29.72 -29.20
CA SER A 93 -1.30 30.35 -30.52
C SER A 93 -2.15 31.59 -30.43
N VAL A 94 -1.65 32.73 -30.92
CA VAL A 94 -2.40 34.00 -30.92
C VAL A 94 -2.80 34.36 -32.35
N SER A 95 -4.10 34.54 -32.61
CA SER A 95 -4.61 34.93 -33.93
C SER A 95 -4.63 36.46 -34.09
N PRO A 96 -4.76 37.03 -35.34
CA PRO A 96 -4.64 38.49 -35.52
C PRO A 96 -5.44 39.41 -34.59
N ASP A 97 -6.65 39.00 -34.21
CA ASP A 97 -7.58 39.77 -33.38
C ASP A 97 -7.24 39.86 -31.87
N GLY A 98 -6.25 39.06 -31.43
CA GLY A 98 -5.84 38.99 -30.03
C GLY A 98 -6.40 37.79 -29.29
N THR A 99 -7.00 36.83 -30.04
CA THR A 99 -7.53 35.59 -29.47
C THR A 99 -6.39 34.65 -29.14
N VAL A 100 -6.26 34.27 -27.87
CA VAL A 100 -5.24 33.34 -27.42
C VAL A 100 -5.84 31.95 -27.37
N GLN A 101 -5.16 30.97 -27.97
CA GLN A 101 -5.57 29.59 -27.97
C GLN A 101 -4.48 28.79 -27.26
N TYR A 102 -4.74 28.47 -26.00
CA TYR A 102 -3.85 27.76 -25.10
C TYR A 102 -4.27 26.30 -25.05
N LEU A 103 -3.27 25.40 -24.94
CA LEU A 103 -3.45 23.95 -24.82
C LEU A 103 -2.39 23.33 -23.94
N GLU A 104 -2.83 22.45 -23.04
CA GLU A 104 -1.92 21.76 -22.13
C GLU A 104 -2.38 20.36 -21.89
N ARG A 105 -1.45 19.48 -21.59
CA ARG A 105 -1.77 18.10 -21.25
C ARG A 105 -1.52 17.94 -19.74
N PHE A 106 -2.53 17.44 -19.03
CA PHE A 106 -2.44 17.30 -17.59
C PHE A 106 -2.83 15.92 -17.13
N SER A 107 -2.35 15.55 -15.94
CA SER A 107 -2.75 14.33 -15.24
C SER A 107 -3.14 14.81 -13.83
N ALA A 108 -4.25 14.27 -13.27
CA ALA A 108 -4.71 14.66 -11.95
C ALA A 108 -5.48 13.57 -11.27
N ARG A 109 -5.33 13.44 -9.92
CA ARG A 109 -6.14 12.47 -9.14
C ARG A 109 -7.27 13.31 -8.53
N VAL A 110 -8.45 13.19 -9.17
CA VAL A 110 -9.67 13.93 -8.84
C VAL A 110 -10.47 13.20 -7.72
N LEU A 111 -10.97 13.97 -6.73
CA LEU A 111 -11.79 13.47 -5.64
C LEU A 111 -13.27 13.69 -6.00
N SER A 112 -14.03 12.61 -6.10
CA SER A 112 -15.44 12.68 -6.46
C SER A 112 -16.25 11.65 -5.63
N PRO A 113 -17.25 12.10 -4.82
CA PRO A 113 -17.99 11.15 -3.99
C PRO A 113 -18.75 10.08 -4.78
N LEU A 114 -18.82 8.87 -4.20
CA LEU A 114 -19.48 7.73 -4.84
C LEU A 114 -20.59 7.21 -3.94
N ASP A 115 -21.78 6.97 -4.53
CA ASP A 115 -22.95 6.46 -3.83
C ASP A 115 -23.14 4.98 -4.15
N PHE A 116 -22.83 4.11 -3.18
CA PHE A 116 -22.90 2.65 -3.29
C PHE A 116 -24.24 2.03 -2.83
N ARG A 117 -25.29 2.86 -2.58
CA ARG A 117 -26.60 2.35 -2.16
C ARG A 117 -27.16 1.28 -3.12
N ARG A 118 -27.02 1.45 -4.46
CA ARG A 118 -27.53 0.49 -5.44
C ARG A 118 -26.47 -0.50 -5.98
N TYR A 119 -25.33 -0.66 -5.27
CA TYR A 119 -24.24 -1.55 -5.68
C TYR A 119 -24.74 -3.01 -5.78
N PRO A 120 -24.38 -3.78 -6.83
CA PRO A 120 -23.49 -3.47 -7.96
C PRO A 120 -24.20 -3.06 -9.24
N PHE A 121 -25.41 -2.49 -9.11
CA PHE A 121 -26.20 -2.04 -10.26
C PHE A 121 -26.20 -0.49 -10.32
N ASP A 122 -25.20 0.11 -9.66
CA ASP A 122 -25.05 1.55 -9.53
C ASP A 122 -24.40 2.23 -10.70
N SER A 123 -24.78 3.50 -10.89
CA SER A 123 -24.24 4.43 -11.86
C SER A 123 -23.66 5.58 -11.06
N GLN A 124 -22.58 6.17 -11.57
CA GLN A 124 -21.91 7.28 -10.93
C GLN A 124 -21.68 8.40 -11.91
N THR A 125 -21.70 9.65 -11.38
CA THR A 125 -21.38 10.86 -12.14
C THR A 125 -20.10 11.41 -11.49
N LEU A 126 -18.95 11.22 -12.17
CA LEU A 126 -17.65 11.71 -11.72
C LEU A 126 -17.49 13.19 -12.10
N HIS A 127 -17.09 14.04 -11.14
CA HIS A 127 -16.96 15.47 -11.38
C HIS A 127 -15.52 15.96 -11.50
N ILE A 128 -15.27 17.00 -12.29
CA ILE A 128 -13.99 17.69 -12.44
C ILE A 128 -14.42 19.13 -12.45
N TYR A 129 -14.11 19.87 -11.36
CA TYR A 129 -14.54 21.25 -11.21
C TYR A 129 -13.43 22.23 -11.53
N LEU A 130 -13.57 22.95 -12.66
CA LEU A 130 -12.61 23.99 -13.04
C LEU A 130 -12.99 25.24 -12.30
N ILE A 131 -12.02 26.07 -11.95
CA ILE A 131 -12.29 27.33 -11.25
C ILE A 131 -11.24 28.36 -11.64
N VAL A 132 -11.66 29.64 -11.75
CA VAL A 132 -10.80 30.79 -12.00
C VAL A 132 -11.12 31.90 -10.96
N ARG A 133 -10.09 32.51 -10.38
CA ARG A 133 -10.33 33.59 -9.44
C ARG A 133 -10.09 34.90 -10.14
N SER A 134 -11.03 35.83 -9.98
CA SER A 134 -10.97 37.15 -10.58
C SER A 134 -9.82 37.97 -9.97
N VAL A 135 -9.24 38.86 -10.79
CA VAL A 135 -8.10 39.71 -10.45
C VAL A 135 -8.51 41.15 -10.04
N ASP A 136 -7.52 41.99 -9.66
CA ASP A 136 -7.68 43.38 -9.22
C ASP A 136 -8.32 44.28 -10.29
N THR A 137 -7.72 44.31 -11.49
CA THR A 137 -8.17 45.16 -12.59
C THR A 137 -9.36 44.62 -13.35
N ARG A 138 -9.69 43.30 -13.29
CA ARG A 138 -10.90 42.82 -13.95
C ARG A 138 -11.40 41.42 -13.50
N ASN A 139 -12.69 41.16 -13.75
CA ASN A 139 -13.35 39.92 -13.40
C ASN A 139 -13.20 38.89 -14.50
N ILE A 140 -12.96 37.62 -14.11
CA ILE A 140 -12.79 36.52 -15.05
C ILE A 140 -13.92 35.51 -14.84
N VAL A 141 -14.55 35.14 -15.95
CA VAL A 141 -15.68 34.21 -16.03
C VAL A 141 -15.33 33.05 -16.97
N LEU A 142 -15.70 31.82 -16.60
CA LEU A 142 -15.46 30.64 -17.45
C LEU A 142 -16.67 30.36 -18.38
N ALA A 143 -16.40 29.73 -19.52
CA ALA A 143 -17.39 29.34 -20.53
C ALA A 143 -16.98 27.97 -21.06
N VAL A 144 -17.83 27.33 -21.87
CA VAL A 144 -17.51 26.00 -22.44
C VAL A 144 -17.49 26.04 -24.00
N ASP A 145 -16.40 25.58 -24.59
CA ASP A 145 -16.32 25.44 -26.04
C ASP A 145 -16.67 23.99 -26.30
N LEU A 146 -17.95 23.71 -26.68
CA LEU A 146 -18.47 22.34 -26.86
C LEU A 146 -17.73 21.53 -27.95
N GLU A 147 -17.08 22.24 -28.89
CA GLU A 147 -16.28 21.63 -29.93
C GLU A 147 -15.00 21.04 -29.36
N LYS A 148 -14.53 21.55 -28.18
CA LYS A 148 -13.28 21.12 -27.52
C LYS A 148 -13.47 20.23 -26.23
N VAL A 149 -14.71 19.74 -26.01
CA VAL A 149 -15.08 18.87 -24.88
C VAL A 149 -15.30 17.49 -25.47
N GLY A 150 -14.48 16.53 -25.07
CA GLY A 150 -14.60 15.18 -25.62
C GLY A 150 -13.78 14.14 -24.90
N LYS A 151 -13.73 12.94 -25.48
CA LYS A 151 -12.96 11.83 -24.94
C LYS A 151 -12.53 10.87 -26.04
N ASN A 152 -11.33 10.35 -25.88
CA ASN A 152 -10.74 9.35 -26.76
C ASN A 152 -11.65 8.13 -26.72
N ASP A 153 -11.85 7.47 -27.87
CA ASP A 153 -12.73 6.30 -27.98
C ASP A 153 -12.22 5.12 -27.19
N ASP A 154 -10.90 5.01 -27.06
CA ASP A 154 -10.22 3.95 -26.34
C ASP A 154 -10.19 4.16 -24.80
N VAL A 155 -10.77 5.27 -24.28
CA VAL A 155 -10.83 5.55 -22.83
C VAL A 155 -11.65 4.43 -22.16
N PHE A 156 -11.12 3.84 -21.07
CA PHE A 156 -11.77 2.73 -20.39
C PHE A 156 -11.56 2.72 -18.88
N LEU A 157 -12.48 2.07 -18.18
CA LEU A 157 -12.43 1.81 -16.75
C LEU A 157 -12.95 0.39 -16.62
N THR A 158 -12.08 -0.55 -16.22
CA THR A 158 -12.43 -1.96 -16.10
C THR A 158 -13.56 -2.10 -15.09
N GLY A 159 -14.64 -2.74 -15.54
CA GLY A 159 -15.84 -2.96 -14.74
C GLY A 159 -16.84 -1.83 -14.80
N TRP A 160 -16.68 -0.92 -15.75
CA TRP A 160 -17.57 0.23 -15.93
C TRP A 160 -17.81 0.53 -17.40
N ASP A 161 -18.98 1.09 -17.71
CA ASP A 161 -19.34 1.52 -19.05
C ASP A 161 -19.35 3.05 -19.01
N ILE A 162 -18.42 3.71 -19.75
CA ILE A 162 -18.31 5.17 -19.80
C ILE A 162 -19.38 5.70 -20.74
N GLU A 163 -20.51 6.13 -20.14
CA GLU A 163 -21.68 6.61 -20.87
C GLU A 163 -21.38 7.89 -21.63
N SER A 164 -20.97 8.96 -20.92
CA SER A 164 -20.71 10.26 -21.52
C SER A 164 -19.74 11.13 -20.71
N PHE A 165 -19.15 12.14 -21.38
CA PHE A 165 -18.27 13.15 -20.79
C PHE A 165 -18.75 14.49 -21.30
N THR A 166 -19.57 15.16 -20.48
CA THR A 166 -20.17 16.46 -20.82
C THR A 166 -19.80 17.55 -19.80
N ALA A 167 -20.23 18.78 -20.06
CA ALA A 167 -19.99 19.89 -19.18
C ALA A 167 -21.27 20.70 -18.98
N VAL A 168 -21.48 21.20 -17.74
CA VAL A 168 -22.63 22.04 -17.42
C VAL A 168 -22.20 23.42 -17.90
N VAL A 169 -22.62 23.81 -19.12
CA VAL A 169 -22.25 25.05 -19.81
C VAL A 169 -22.37 26.31 -18.95
N LYS A 170 -23.34 26.38 -18.04
CA LYS A 170 -23.52 27.55 -17.18
C LYS A 170 -22.60 27.48 -15.97
N PRO A 171 -21.67 28.45 -15.81
CA PRO A 171 -20.76 28.42 -14.66
C PRO A 171 -21.38 28.89 -13.35
N ALA A 172 -20.83 28.48 -12.21
CA ALA A 172 -21.28 28.89 -10.89
C ALA A 172 -20.38 30.02 -10.44
N ASN A 173 -20.86 31.26 -10.54
CA ASN A 173 -20.09 32.47 -10.16
C ASN A 173 -20.45 32.86 -8.74
N PHE A 174 -19.46 33.03 -7.88
CA PHE A 174 -19.71 33.33 -6.47
C PHE A 174 -18.53 34.05 -5.87
N ALA A 175 -18.70 34.66 -4.68
CA ALA A 175 -17.62 35.38 -4.02
C ALA A 175 -16.87 34.45 -3.12
N LEU A 176 -15.54 34.49 -3.15
CA LEU A 176 -14.70 33.69 -2.28
C LEU A 176 -13.44 34.47 -1.95
N GLU A 177 -13.24 34.72 -0.64
CA GLU A 177 -12.10 35.49 -0.14
C GLU A 177 -12.08 36.84 -0.85
N ASP A 178 -13.21 37.60 -0.78
CA ASP A 178 -13.42 38.94 -1.31
C ASP A 178 -13.21 39.09 -2.84
N ARG A 179 -13.28 37.99 -3.60
CA ARG A 179 -13.11 38.02 -5.06
C ARG A 179 -14.10 37.08 -5.73
N LEU A 180 -14.55 37.45 -6.94
CA LEU A 180 -15.48 36.64 -7.76
C LEU A 180 -14.74 35.42 -8.25
N GLU A 181 -15.41 34.27 -8.27
CA GLU A 181 -14.81 32.99 -8.70
C GLU A 181 -15.78 32.22 -9.62
N SER A 182 -15.46 32.09 -10.93
CA SER A 182 -16.30 31.33 -11.86
C SER A 182 -15.89 29.88 -11.84
N LYS A 183 -16.85 28.95 -11.56
CA LYS A 183 -16.64 27.50 -11.46
C LYS A 183 -17.41 26.70 -12.53
N LEU A 184 -16.75 25.75 -13.21
CA LEU A 184 -17.39 24.88 -14.20
C LEU A 184 -17.44 23.41 -13.79
N ASP A 185 -18.55 22.75 -14.08
CA ASP A 185 -18.68 21.35 -13.74
C ASP A 185 -18.60 20.49 -15.01
N TYR A 186 -17.60 19.60 -15.05
CA TYR A 186 -17.39 18.61 -16.10
C TYR A 186 -17.77 17.23 -15.54
N GLN A 187 -18.77 16.62 -16.12
CA GLN A 187 -19.30 15.35 -15.67
C GLN A 187 -18.93 14.16 -16.56
N LEU A 188 -18.52 13.07 -15.93
CA LEU A 188 -18.16 11.81 -16.55
C LEU A 188 -19.13 10.80 -15.97
N ARG A 189 -20.11 10.38 -16.77
CA ARG A 189 -21.13 9.41 -16.35
C ARG A 189 -20.69 8.00 -16.68
N ILE A 190 -20.65 7.16 -15.65
CA ILE A 190 -20.22 5.77 -15.72
C ILE A 190 -21.27 4.89 -15.04
N SER A 191 -21.49 3.67 -15.58
CA SER A 191 -22.42 2.67 -15.04
C SER A 191 -21.65 1.33 -14.89
N ARG A 192 -21.82 0.63 -13.76
CA ARG A 192 -21.09 -0.60 -13.46
C ARG A 192 -21.40 -1.83 -14.35
N GLN A 193 -20.38 -2.70 -14.60
CA GLN A 193 -20.44 -3.98 -15.32
C GLN A 193 -20.54 -5.15 -14.29
N TYR A 194 -21.75 -5.35 -13.77
CA TYR A 194 -22.14 -6.35 -12.77
C TYR A 194 -22.33 -7.80 -13.31
N PHE A 195 -21.75 -8.19 -14.49
CA PHE A 195 -22.04 -9.52 -15.04
C PHE A 195 -21.63 -10.68 -14.14
N SER A 196 -20.33 -10.84 -13.87
CA SER A 196 -19.81 -11.95 -13.09
C SER A 196 -20.20 -11.91 -11.61
N TYR A 197 -20.93 -10.86 -11.19
CA TYR A 197 -21.39 -10.71 -9.81
C TYR A 197 -22.33 -11.83 -9.41
N ILE A 198 -23.28 -12.16 -10.29
CA ILE A 198 -24.28 -13.18 -10.04
C ILE A 198 -23.59 -14.55 -9.83
N PRO A 199 -22.88 -15.13 -10.81
CA PRO A 199 -22.21 -16.42 -10.56
C PRO A 199 -21.07 -16.43 -9.54
N ASN A 200 -20.39 -15.29 -9.31
CA ASN A 200 -19.25 -15.30 -8.40
C ASN A 200 -19.56 -14.88 -6.95
N ILE A 201 -20.64 -14.09 -6.70
CA ILE A 201 -20.97 -13.64 -5.34
C ILE A 201 -22.37 -14.08 -4.89
N ILE A 202 -23.42 -13.88 -5.74
CA ILE A 202 -24.80 -14.21 -5.36
C ILE A 202 -25.04 -15.72 -5.27
N LEU A 203 -24.92 -16.42 -6.41
CA LEU A 203 -25.20 -17.84 -6.48
C LEU A 203 -24.45 -18.66 -5.40
N PRO A 204 -23.12 -18.56 -5.16
CA PRO A 204 -22.53 -19.39 -4.10
C PRO A 204 -23.00 -19.02 -2.70
N MET A 205 -23.35 -17.74 -2.48
CA MET A 205 -23.84 -17.28 -1.19
C MET A 205 -25.21 -17.84 -0.91
N LEU A 206 -26.08 -17.95 -1.95
CA LEU A 206 -27.43 -18.53 -1.82
C LEU A 206 -27.36 -20.05 -1.61
N PHE A 207 -26.45 -20.75 -2.31
CA PHE A 207 -26.25 -22.19 -2.15
C PHE A 207 -25.95 -22.52 -0.69
N ILE A 208 -25.06 -21.75 -0.03
CA ILE A 208 -24.68 -21.97 1.37
C ILE A 208 -25.92 -21.83 2.29
N LEU A 209 -26.81 -20.87 1.98
CA LEU A 209 -28.06 -20.65 2.71
C LEU A 209 -29.02 -21.82 2.47
N PHE A 210 -29.14 -22.28 1.19
CA PHE A 210 -29.99 -23.40 0.82
C PHE A 210 -29.56 -24.69 1.50
N ILE A 211 -28.24 -24.90 1.71
CA ILE A 211 -27.73 -26.08 2.43
C ILE A 211 -28.27 -26.05 3.88
N SER A 212 -28.36 -24.85 4.50
CA SER A 212 -28.89 -24.73 5.88
C SER A 212 -30.38 -25.12 5.95
N TRP A 213 -31.09 -24.98 4.81
CA TRP A 213 -32.51 -25.27 4.70
C TRP A 213 -32.82 -26.78 4.59
N THR A 214 -31.77 -27.63 4.41
CA THR A 214 -31.98 -29.08 4.36
C THR A 214 -32.26 -29.67 5.75
N ALA A 215 -32.10 -28.86 6.82
CA ALA A 215 -32.37 -29.26 8.21
C ALA A 215 -33.89 -29.39 8.47
N PHE A 216 -34.70 -28.91 7.51
CA PHE A 216 -36.16 -28.99 7.57
C PHE A 216 -36.67 -30.37 7.07
N TRP A 217 -35.78 -31.18 6.48
CA TRP A 217 -36.01 -32.54 6.00
C TRP A 217 -35.12 -33.53 6.79
N SER A 218 -34.97 -33.27 8.11
CA SER A 218 -34.18 -34.06 9.04
C SER A 218 -34.68 -33.85 10.48
N THR A 219 -34.69 -34.94 11.27
CA THR A 219 -35.15 -34.94 12.67
C THR A 219 -33.94 -35.00 13.64
N SER A 220 -32.74 -35.35 13.10
CA SER A 220 -31.49 -35.48 13.86
C SER A 220 -30.99 -34.10 14.30
N TYR A 221 -31.06 -33.79 15.62
CA TYR A 221 -30.60 -32.50 16.17
C TYR A 221 -29.12 -32.33 15.97
N GLU A 222 -28.35 -33.43 16.08
CA GLU A 222 -26.90 -33.42 15.88
C GLU A 222 -26.56 -33.06 14.43
N ALA A 223 -27.26 -33.65 13.44
CA ALA A 223 -27.06 -33.35 12.01
C ALA A 223 -27.57 -31.95 11.67
N ASN A 224 -28.65 -31.49 12.33
CA ASN A 224 -29.23 -30.15 12.12
C ASN A 224 -28.35 -29.04 12.68
N VAL A 225 -27.72 -29.27 13.87
CA VAL A 225 -26.80 -28.30 14.48
C VAL A 225 -25.57 -28.16 13.57
N THR A 226 -25.04 -29.29 13.08
CA THR A 226 -23.90 -29.31 12.15
C THR A 226 -24.30 -28.64 10.82
N LEU A 227 -25.52 -28.83 10.34
CA LEU A 227 -25.96 -28.17 9.11
C LEU A 227 -26.01 -26.66 9.23
N VAL A 228 -26.86 -26.11 10.13
CA VAL A 228 -27.05 -24.65 10.26
C VAL A 228 -25.79 -23.90 10.78
N VAL A 229 -25.04 -24.43 11.77
CA VAL A 229 -23.88 -23.69 12.29
C VAL A 229 -22.67 -23.80 11.33
N SER A 230 -22.44 -24.95 10.67
CA SER A 230 -21.33 -25.04 9.72
C SER A 230 -21.58 -24.20 8.48
N THR A 231 -22.84 -24.04 8.04
CA THR A 231 -23.14 -23.20 6.87
C THR A 231 -22.97 -21.72 7.24
N LEU A 232 -23.20 -21.36 8.53
CA LEU A 232 -22.97 -20.00 9.01
C LEU A 232 -21.46 -19.71 8.90
N ILE A 233 -20.60 -20.68 9.29
CA ILE A 233 -19.14 -20.58 9.17
C ILE A 233 -18.77 -20.46 7.69
N ALA A 234 -19.33 -21.31 6.81
CA ALA A 234 -19.09 -21.29 5.37
C ALA A 234 -19.51 -19.94 4.75
N HIS A 235 -20.61 -19.33 5.24
CA HIS A 235 -21.12 -18.04 4.81
C HIS A 235 -20.15 -16.93 5.19
N ILE A 236 -19.78 -16.87 6.50
CA ILE A 236 -18.83 -15.89 6.99
C ILE A 236 -17.50 -16.04 6.21
N ALA A 237 -16.98 -17.28 6.05
CA ALA A 237 -15.75 -17.54 5.29
C ALA A 237 -15.91 -17.07 3.85
N PHE A 238 -17.10 -17.28 3.23
CA PHE A 238 -17.36 -16.81 1.87
C PHE A 238 -17.39 -15.29 1.80
N ASN A 239 -17.96 -14.62 2.83
CA ASN A 239 -17.96 -13.16 2.93
C ASN A 239 -16.53 -12.59 3.00
N ILE A 240 -15.59 -13.25 3.73
CA ILE A 240 -14.19 -12.85 3.82
C ILE A 240 -13.59 -12.95 2.42
N LEU A 241 -13.91 -14.04 1.69
CA LEU A 241 -13.43 -14.24 0.33
C LEU A 241 -13.91 -13.10 -0.63
N VAL A 242 -15.20 -12.73 -0.58
CA VAL A 242 -15.74 -11.71 -1.46
C VAL A 242 -15.77 -10.31 -0.80
N GLU A 243 -14.98 -10.08 0.27
CA GLU A 243 -14.87 -8.81 1.01
C GLU A 243 -14.37 -7.71 0.06
N THR A 244 -15.03 -6.53 0.11
CA THR A 244 -14.75 -5.39 -0.78
C THR A 244 -13.37 -4.73 -0.63
N ASN A 245 -12.63 -5.00 0.47
CA ASN A 245 -11.29 -4.44 0.70
C ASN A 245 -11.27 -2.89 0.92
N CYS A 246 -12.46 -2.26 0.98
CA CYS A 246 -12.64 -0.84 1.28
C CYS A 246 -13.22 -0.81 2.69
N PRO A 247 -12.93 0.25 3.51
CA PRO A 247 -13.55 0.29 4.86
C PRO A 247 -15.07 0.36 4.70
N LYS A 248 -15.78 -0.18 5.67
CA LYS A 248 -17.24 -0.28 5.66
C LYS A 248 -17.94 1.03 5.32
N THR A 249 -18.95 0.92 4.45
CA THR A 249 -19.81 1.98 4.00
C THR A 249 -20.63 2.46 5.21
N PRO A 250 -20.57 3.76 5.59
CA PRO A 250 -21.33 4.25 6.76
C PRO A 250 -22.85 4.16 6.66
N TYR A 251 -23.38 4.10 5.43
CA TYR A 251 -24.79 3.98 5.10
C TYR A 251 -25.10 2.54 4.64
N MET A 252 -26.39 2.18 4.69
CA MET A 252 -26.87 0.85 4.31
C MET A 252 -27.03 0.73 2.79
N THR A 253 -26.33 -0.25 2.22
CA THR A 253 -26.35 -0.57 0.79
C THR A 253 -27.36 -1.69 0.49
N TYR A 254 -27.70 -1.87 -0.80
CA TYR A 254 -28.61 -2.92 -1.26
C TYR A 254 -28.03 -4.28 -0.92
N THR A 255 -26.78 -4.56 -1.35
CA THR A 255 -26.06 -5.80 -1.08
C THR A 255 -25.90 -6.00 0.43
N GLY A 256 -25.76 -4.90 1.15
CA GLY A 256 -25.61 -4.90 2.60
C GLY A 256 -26.83 -5.36 3.35
N ALA A 257 -28.03 -5.00 2.82
CA ALA A 257 -29.33 -5.37 3.38
C ALA A 257 -29.57 -6.89 3.18
N ILE A 258 -29.33 -7.40 1.93
CA ILE A 258 -29.41 -8.83 1.58
C ILE A 258 -28.55 -9.66 2.55
N ILE A 259 -27.26 -9.30 2.69
CA ILE A 259 -26.32 -10.01 3.57
C ILE A 259 -26.78 -9.92 5.03
N PHE A 260 -27.38 -8.79 5.46
CA PHE A 260 -27.91 -8.69 6.83
C PHE A 260 -29.07 -9.66 7.02
N MET A 261 -29.94 -9.73 6.00
CA MET A 261 -31.10 -10.60 5.97
C MET A 261 -30.68 -12.07 6.02
N ILE A 262 -29.58 -12.43 5.32
CA ILE A 262 -29.01 -13.77 5.30
C ILE A 262 -28.53 -14.16 6.70
N TYR A 263 -27.92 -13.23 7.45
CA TYR A 263 -27.48 -13.48 8.84
C TYR A 263 -28.69 -13.71 9.77
N LEU A 264 -29.81 -12.98 9.51
CA LEU A 264 -31.07 -13.12 10.25
C LEU A 264 -31.69 -14.50 10.03
N PHE A 265 -31.68 -14.98 8.76
CA PHE A 265 -32.16 -16.29 8.34
C PHE A 265 -31.38 -17.45 9.00
N TYR A 266 -30.06 -17.27 9.27
CA TYR A 266 -29.26 -18.30 9.95
C TYR A 266 -29.66 -18.34 11.42
N PHE A 267 -30.06 -17.18 11.98
CA PHE A 267 -30.47 -17.11 13.37
C PHE A 267 -31.86 -17.70 13.55
N VAL A 268 -32.80 -17.36 12.64
CA VAL A 268 -34.18 -17.88 12.65
C VAL A 268 -34.19 -19.40 12.43
N ALA A 269 -33.31 -19.92 11.55
CA ALA A 269 -33.17 -21.36 11.29
C ALA A 269 -32.63 -22.10 12.51
N VAL A 270 -31.79 -21.45 13.34
CA VAL A 270 -31.27 -22.04 14.58
C VAL A 270 -32.43 -22.12 15.60
N ILE A 271 -33.23 -21.04 15.71
CA ILE A 271 -34.41 -20.97 16.58
C ILE A 271 -35.36 -22.13 16.25
N GLU A 272 -35.66 -22.37 14.95
CA GLU A 272 -36.51 -23.49 14.49
C GLU A 272 -35.90 -24.84 14.95
N VAL A 273 -34.64 -25.12 14.59
CA VAL A 273 -33.90 -26.35 14.96
C VAL A 273 -33.90 -26.57 16.49
N THR A 274 -33.78 -25.48 17.27
CA THR A 274 -33.79 -25.55 18.73
C THR A 274 -35.23 -25.86 19.25
N VAL A 275 -36.26 -25.22 18.66
CA VAL A 275 -37.67 -25.42 19.02
C VAL A 275 -38.11 -26.84 18.69
N GLN A 276 -37.86 -27.31 17.44
CA GLN A 276 -38.15 -28.67 16.94
C GLN A 276 -37.69 -29.73 17.96
N HIS A 277 -36.40 -29.70 18.33
CA HIS A 277 -35.76 -30.61 19.29
C HIS A 277 -36.36 -30.48 20.70
N TYR A 278 -36.64 -29.24 21.17
CA TYR A 278 -37.19 -29.04 22.51
C TYR A 278 -38.61 -29.57 22.59
N LEU A 279 -39.43 -29.39 21.52
CA LEU A 279 -40.79 -29.93 21.48
C LEU A 279 -40.79 -31.45 21.42
N LYS A 280 -39.83 -32.03 20.67
CA LYS A 280 -39.63 -33.47 20.53
C LYS A 280 -39.27 -34.09 21.89
N VAL A 281 -38.29 -33.50 22.61
CA VAL A 281 -37.83 -33.97 23.92
C VAL A 281 -38.92 -33.71 25.02
N GLU A 282 -39.77 -32.67 24.85
CA GLU A 282 -40.83 -32.33 25.80
C GLU A 282 -42.19 -32.95 25.44
N SER A 283 -42.14 -34.23 24.96
CA SER A 283 -43.27 -35.07 24.59
C SER A 283 -44.36 -34.35 23.76
N GLN A 284 -43.95 -33.62 22.71
CA GLN A 284 -44.87 -32.91 21.83
C GLN A 284 -44.41 -33.07 20.36
N PRO A 285 -44.29 -34.31 19.80
CA PRO A 285 -43.80 -34.44 18.42
C PRO A 285 -44.79 -34.02 17.34
N ALA A 286 -46.04 -33.72 17.74
CA ALA A 286 -47.09 -33.28 16.84
C ALA A 286 -46.83 -31.83 16.41
N ARG A 287 -46.44 -30.97 17.39
CA ARG A 287 -46.12 -29.57 17.16
C ARG A 287 -44.75 -29.43 16.48
N ALA A 288 -43.77 -30.27 16.89
CA ALA A 288 -42.41 -30.30 16.34
C ALA A 288 -42.42 -30.61 14.84
N ALA A 289 -43.14 -31.65 14.43
CA ALA A 289 -43.23 -32.04 13.02
C ALA A 289 -44.04 -31.05 12.17
N SER A 290 -45.02 -30.35 12.76
CA SER A 290 -45.86 -29.41 12.03
C SER A 290 -45.13 -28.09 11.73
N ILE A 291 -44.21 -27.69 12.64
CA ILE A 291 -43.36 -26.48 12.51
C ILE A 291 -42.31 -26.74 11.42
N THR A 292 -41.59 -27.88 11.50
CA THR A 292 -40.56 -28.32 10.54
C THR A 292 -41.12 -28.45 9.13
N ARG A 293 -42.38 -28.88 9.00
CA ARG A 293 -43.04 -29.01 7.70
C ARG A 293 -43.43 -27.65 7.14
N ALA A 294 -43.82 -26.72 8.02
CA ALA A 294 -44.22 -25.34 7.67
C ALA A 294 -43.03 -24.54 7.17
N SER A 295 -41.88 -24.70 7.87
CA SER A 295 -40.60 -24.05 7.58
C SER A 295 -40.10 -24.33 6.17
N ARG A 296 -40.39 -25.53 5.62
CA ARG A 296 -40.01 -25.96 4.26
C ARG A 296 -40.55 -25.01 3.18
N ILE A 297 -41.69 -24.37 3.45
CA ILE A 297 -42.34 -23.43 2.54
C ILE A 297 -42.11 -22.00 3.05
N ALA A 298 -42.29 -21.77 4.38
CA ALA A 298 -42.15 -20.45 5.01
C ALA A 298 -40.80 -19.78 4.76
N PHE A 299 -39.69 -20.53 4.94
CA PHE A 299 -38.34 -20.01 4.71
C PHE A 299 -38.14 -19.53 3.25
N PRO A 300 -38.25 -20.37 2.18
CA PRO A 300 -38.09 -19.83 0.82
C PRO A 300 -39.08 -18.74 0.42
N VAL A 301 -40.33 -18.79 0.90
CA VAL A 301 -41.36 -17.80 0.56
C VAL A 301 -41.05 -16.44 1.21
N VAL A 302 -40.77 -16.42 2.55
CA VAL A 302 -40.42 -15.20 3.30
C VAL A 302 -39.14 -14.58 2.72
N PHE A 303 -38.14 -15.42 2.34
CA PHE A 303 -36.91 -14.97 1.71
C PHE A 303 -37.20 -14.27 0.38
N LEU A 304 -37.90 -14.96 -0.53
CA LEU A 304 -38.28 -14.44 -1.84
C LEU A 304 -39.07 -13.13 -1.74
N LEU A 305 -40.01 -13.05 -0.78
CA LEU A 305 -40.83 -11.85 -0.58
C LEU A 305 -40.01 -10.68 -0.03
N ALA A 306 -39.15 -10.94 1.00
CA ALA A 306 -38.29 -9.92 1.62
C ALA A 306 -37.29 -9.33 0.62
N ASN A 307 -36.78 -10.18 -0.32
CA ASN A 307 -35.89 -9.75 -1.39
C ASN A 307 -36.62 -8.80 -2.35
N ILE A 308 -37.88 -9.11 -2.69
CA ILE A 308 -38.72 -8.26 -3.55
C ILE A 308 -38.98 -6.91 -2.86
N ILE A 309 -39.21 -6.93 -1.54
CA ILE A 309 -39.41 -5.70 -0.74
C ILE A 309 -38.14 -4.82 -0.78
N LEU A 310 -36.93 -5.44 -0.61
CA LEU A 310 -35.64 -4.73 -0.66
C LEU A 310 -35.35 -4.20 -2.05
N ALA A 311 -35.52 -5.05 -3.10
CA ALA A 311 -35.33 -4.65 -4.48
C ALA A 311 -36.25 -3.49 -4.84
N PHE A 312 -37.50 -3.49 -4.32
CA PHE A 312 -38.45 -2.41 -4.54
C PHE A 312 -38.01 -1.15 -3.81
N LEU A 313 -37.54 -1.30 -2.56
CA LEU A 313 -37.07 -0.22 -1.69
C LEU A 313 -35.82 0.48 -2.24
N PHE A 314 -34.89 -0.27 -2.88
CA PHE A 314 -33.64 0.28 -3.43
C PHE A 314 -33.75 0.71 -4.89
N PHE A 315 -34.74 0.18 -5.65
CA PHE A 315 -34.92 0.49 -7.07
C PHE A 315 -36.39 0.75 -7.42
N VAL B 5 14.72 27.38 -31.58
CA VAL B 5 13.52 27.13 -30.75
C VAL B 5 12.21 27.42 -31.54
N SER B 6 12.17 26.90 -32.77
CA SER B 6 11.12 26.99 -33.77
C SER B 6 11.33 25.75 -34.68
N PRO B 7 10.28 25.11 -35.25
CA PRO B 7 10.52 23.90 -36.08
C PRO B 7 11.28 24.17 -37.38
N PRO B 8 12.05 23.20 -37.95
CA PRO B 8 12.80 23.47 -39.18
C PRO B 8 11.89 23.76 -40.38
N PRO B 9 12.32 24.69 -41.27
CA PRO B 9 11.45 25.06 -42.41
C PRO B 9 11.41 24.04 -43.53
N PRO B 10 10.26 23.82 -44.20
CA PRO B 10 10.23 22.78 -45.25
C PRO B 10 10.87 23.26 -46.55
N ILE B 11 11.48 22.33 -47.32
CA ILE B 11 12.08 22.71 -48.61
C ILE B 11 10.98 23.04 -49.63
N ALA B 12 9.94 22.21 -49.61
CA ALA B 12 8.71 22.30 -50.38
C ALA B 12 7.70 22.15 -49.26
N ASP B 13 6.46 21.76 -49.58
CA ASP B 13 5.36 21.56 -48.66
C ASP B 13 5.28 20.14 -48.03
N GLU B 14 6.45 19.56 -47.66
CA GLU B 14 6.51 18.22 -47.03
C GLU B 14 6.46 18.26 -45.47
N PRO B 15 5.89 17.23 -44.79
CA PRO B 15 5.90 17.25 -43.32
C PRO B 15 7.25 16.74 -42.78
N LEU B 16 7.57 17.09 -41.53
CA LEU B 16 8.80 16.63 -40.91
C LEU B 16 8.63 15.17 -40.44
N THR B 17 9.57 14.32 -40.83
CA THR B 17 9.54 12.91 -40.46
C THR B 17 10.48 12.70 -39.31
N VAL B 18 9.91 12.22 -38.20
CA VAL B 18 10.69 11.91 -37.00
C VAL B 18 10.76 10.40 -36.91
N ASN B 19 11.93 9.83 -37.24
CA ASN B 19 12.14 8.39 -37.17
C ASN B 19 12.36 8.03 -35.70
N THR B 20 11.59 7.06 -35.23
CA THR B 20 11.63 6.61 -33.84
C THR B 20 12.16 5.19 -33.70
N GLY B 21 12.51 4.86 -32.46
CA GLY B 21 12.96 3.55 -32.04
C GLY B 21 12.90 3.53 -30.52
N ILE B 22 12.44 2.41 -29.97
CA ILE B 22 12.40 2.10 -28.55
C ILE B 22 13.23 0.81 -28.37
N TYR B 23 14.22 0.82 -27.42
CA TYR B 23 15.02 -0.36 -27.09
C TYR B 23 14.82 -0.69 -25.58
N LEU B 24 14.09 -1.77 -25.27
CA LEU B 24 13.81 -2.14 -23.87
C LEU B 24 15.03 -2.54 -23.12
N ILE B 25 15.37 -1.76 -22.07
CA ILE B 25 16.51 -2.05 -21.19
C ILE B 25 16.02 -3.00 -20.10
N GLU B 26 14.98 -2.61 -19.37
CA GLU B 26 14.37 -3.38 -18.28
C GLU B 26 12.87 -3.22 -18.32
N SER B 27 12.17 -4.29 -18.01
CA SER B 27 10.71 -4.30 -17.90
C SER B 27 10.44 -4.85 -16.49
N TYR B 28 9.60 -4.18 -15.73
CA TYR B 28 9.28 -4.62 -14.37
C TYR B 28 7.83 -4.29 -13.95
N SER B 29 7.52 -4.56 -12.68
CA SER B 29 6.25 -4.28 -12.03
C SER B 29 4.98 -4.41 -12.93
N LEU B 30 4.79 -5.57 -13.62
CA LEU B 30 3.55 -5.79 -14.37
C LEU B 30 2.42 -6.06 -13.36
N ASP B 31 1.55 -5.08 -13.16
CA ASP B 31 0.44 -5.13 -12.21
C ASP B 31 -0.83 -5.56 -12.93
N ASP B 32 -1.33 -6.75 -12.58
CA ASP B 32 -2.53 -7.29 -13.20
C ASP B 32 -3.78 -6.55 -12.74
N CYS B 33 -3.81 -6.14 -11.46
CA CYS B 33 -4.93 -5.42 -10.88
C CYS B 33 -5.10 -4.07 -11.53
N ALA B 34 -3.99 -3.33 -11.66
CA ALA B 34 -3.96 -1.98 -12.23
C ALA B 34 -3.92 -1.94 -13.75
N GLU B 35 -3.59 -3.09 -14.40
CA GLU B 35 -3.40 -3.25 -15.85
C GLU B 35 -2.31 -2.30 -16.35
N THR B 36 -1.24 -2.11 -15.53
CA THR B 36 -0.13 -1.23 -15.85
C THR B 36 1.17 -1.98 -15.77
N PHE B 37 2.22 -1.48 -16.47
CA PHE B 37 3.54 -2.07 -16.46
C PHE B 37 4.57 -1.01 -16.54
N LYS B 38 5.62 -1.13 -15.72
CA LYS B 38 6.69 -0.15 -15.66
C LYS B 38 7.82 -0.63 -16.55
N VAL B 39 8.32 0.26 -17.38
CA VAL B 39 9.35 -0.06 -18.36
C VAL B 39 10.47 0.98 -18.33
N ASN B 40 11.72 0.56 -18.47
CA ASN B 40 12.91 1.41 -18.60
C ASN B 40 13.53 1.13 -20.00
N ALA B 41 13.72 2.18 -20.85
CA ALA B 41 14.21 1.99 -22.24
C ALA B 41 14.89 3.20 -22.85
N PHE B 42 15.50 3.00 -24.04
CA PHE B 42 16.08 4.09 -24.83
C PHE B 42 14.97 4.51 -25.82
N LEU B 43 14.92 5.80 -26.17
CA LEU B 43 14.02 6.34 -27.17
C LEU B 43 14.94 7.11 -28.08
N SER B 44 15.10 6.58 -29.30
CA SER B 44 15.97 7.21 -30.26
C SER B 44 15.06 7.94 -31.20
N LEU B 45 15.41 9.19 -31.52
CA LEU B 45 14.67 10.07 -32.43
C LEU B 45 15.63 10.63 -33.46
N SER B 46 15.20 10.67 -34.73
CA SER B 46 16.02 11.19 -35.82
C SER B 46 15.18 12.01 -36.75
N TRP B 47 15.63 13.22 -37.08
CA TRP B 47 14.94 14.16 -37.99
C TRP B 47 15.95 15.13 -38.62
N LYS B 48 15.55 15.80 -39.75
CA LYS B 48 16.42 16.76 -40.43
C LYS B 48 16.04 18.14 -40.07
N ASP B 49 17.00 18.92 -39.53
CA ASP B 49 16.83 20.33 -39.22
C ASP B 49 18.02 20.95 -39.90
N ARG B 50 17.80 21.40 -41.16
CA ARG B 50 18.86 21.95 -42.02
C ARG B 50 19.52 23.17 -41.47
N ARG B 51 18.93 23.84 -40.44
CA ARG B 51 19.54 25.05 -39.84
C ARG B 51 20.86 24.73 -39.14
N LEU B 52 20.98 23.51 -38.61
CA LEU B 52 22.12 23.02 -37.85
C LEU B 52 23.27 22.47 -38.75
N ALA B 53 23.09 22.55 -40.10
CA ALA B 53 24.02 22.02 -41.08
C ALA B 53 25.35 22.73 -41.04
N PHE B 54 26.42 21.98 -41.36
CA PHE B 54 27.77 22.55 -41.30
C PHE B 54 28.75 21.94 -42.27
N ASP B 55 29.93 22.60 -42.38
CA ASP B 55 31.01 22.10 -43.24
C ASP B 55 32.01 21.45 -42.31
N PRO B 56 32.25 20.12 -42.43
CA PRO B 56 33.21 19.47 -41.52
C PRO B 56 34.65 19.98 -41.64
N VAL B 57 34.98 20.62 -42.78
CA VAL B 57 36.30 21.19 -43.07
C VAL B 57 36.53 22.44 -42.20
N ARG B 58 35.64 23.45 -42.30
CA ARG B 58 35.74 24.69 -41.54
C ARG B 58 35.57 24.48 -40.03
N SER B 59 34.68 23.53 -39.65
CA SER B 59 34.39 23.20 -38.24
C SER B 59 35.47 22.34 -37.61
N GLY B 60 36.08 21.46 -38.40
CA GLY B 60 37.12 20.57 -37.92
C GLY B 60 36.58 19.39 -37.12
N VAL B 61 35.27 19.11 -37.27
CA VAL B 61 34.52 18.01 -36.63
C VAL B 61 33.62 17.32 -37.65
N ARG B 62 33.46 16.01 -37.57
CA ARG B 62 32.60 15.28 -38.52
C ARG B 62 31.15 15.12 -37.97
N VAL B 63 30.98 15.38 -36.67
CA VAL B 63 29.75 15.31 -35.88
C VAL B 63 29.80 16.41 -34.80
N LYS B 64 28.68 17.10 -34.59
CA LYS B 64 28.59 18.14 -33.55
C LYS B 64 27.65 17.65 -32.49
N THR B 65 27.95 17.97 -31.21
CA THR B 65 27.11 17.60 -30.08
C THR B 65 26.48 18.88 -29.55
N TYR B 66 25.18 18.81 -29.20
CA TYR B 66 24.43 19.94 -28.66
C TYR B 66 23.73 19.57 -27.37
N GLU B 67 23.35 20.61 -26.61
CA GLU B 67 22.57 20.47 -25.39
C GLU B 67 21.11 20.58 -25.85
N PRO B 68 20.14 19.92 -25.18
CA PRO B 68 18.75 19.99 -25.65
C PRO B 68 18.18 21.40 -25.80
N GLU B 69 18.65 22.31 -24.92
CA GLU B 69 18.27 23.71 -24.85
C GLU B 69 18.74 24.50 -26.07
N ALA B 70 19.85 24.06 -26.69
CA ALA B 70 20.45 24.72 -27.84
C ALA B 70 19.71 24.55 -29.12
N ILE B 71 18.95 23.44 -29.27
CA ILE B 71 18.28 23.14 -30.55
C ILE B 71 16.78 22.79 -30.44
N TRP B 72 16.10 22.74 -31.62
CA TRP B 72 14.70 22.34 -31.67
C TRP B 72 14.66 20.80 -31.64
N ILE B 73 13.87 20.25 -30.69
CA ILE B 73 13.64 18.84 -30.46
C ILE B 73 12.11 18.61 -30.45
N PRO B 74 11.57 17.64 -31.23
CA PRO B 74 10.11 17.47 -31.27
C PRO B 74 9.52 16.97 -29.97
N GLU B 75 8.38 17.50 -29.52
CA GLU B 75 7.76 17.03 -28.29
C GLU B 75 7.08 15.69 -28.54
N ILE B 76 7.77 14.58 -28.23
CA ILE B 76 7.20 13.24 -28.32
C ILE B 76 6.63 12.89 -26.95
N ARG B 77 5.36 12.48 -26.93
CA ARG B 77 4.66 12.07 -25.72
C ARG B 77 4.10 10.66 -25.92
N PHE B 78 3.76 10.01 -24.82
CA PHE B 78 3.15 8.67 -24.84
C PHE B 78 1.67 8.86 -24.53
N VAL B 79 0.81 8.16 -25.27
CA VAL B 79 -0.64 8.31 -25.10
C VAL B 79 -1.14 7.65 -23.80
N ASN B 80 -0.83 6.37 -23.61
CA ASN B 80 -1.26 5.57 -22.49
C ASN B 80 -0.22 5.52 -21.33
N VAL B 81 0.12 6.69 -20.78
CA VAL B 81 0.98 6.76 -19.59
C VAL B 81 0.23 7.40 -18.45
N GLU B 82 0.58 7.00 -17.20
CA GLU B 82 -0.03 7.55 -15.97
C GLU B 82 0.39 9.05 -15.90
N ASN B 83 1.68 9.29 -15.72
CA ASN B 83 2.26 10.63 -15.73
C ASN B 83 3.30 10.64 -16.85
N ALA B 84 3.81 11.81 -17.24
CA ALA B 84 4.81 11.87 -18.30
C ALA B 84 6.03 11.06 -17.88
N ARG B 85 6.69 10.39 -18.85
CA ARG B 85 7.86 9.56 -18.60
C ARG B 85 8.97 10.36 -17.95
N ASP B 86 9.79 9.72 -17.13
CA ASP B 86 10.93 10.34 -16.45
C ASP B 86 12.04 10.17 -17.46
N ALA B 87 12.37 11.20 -18.24
CA ALA B 87 13.40 11.08 -19.28
C ALA B 87 14.69 11.77 -18.93
N ASP B 88 15.80 11.24 -19.46
CA ASP B 88 17.14 11.79 -19.32
C ASP B 88 17.78 11.67 -20.71
N VAL B 89 18.15 12.82 -21.30
CA VAL B 89 18.80 12.87 -22.62
C VAL B 89 20.20 12.31 -22.49
N VAL B 90 20.47 11.23 -23.22
CA VAL B 90 21.76 10.56 -23.19
C VAL B 90 22.76 11.20 -24.17
N ASP B 91 22.31 11.44 -25.42
CA ASP B 91 23.14 11.98 -26.49
C ASP B 91 22.32 12.70 -27.60
N ILE B 92 22.90 13.75 -28.16
CA ILE B 92 22.40 14.53 -29.30
C ILE B 92 23.59 14.72 -30.25
N SER B 93 23.52 14.12 -31.46
CA SER B 93 24.58 14.20 -32.45
C SER B 93 24.04 14.71 -33.77
N VAL B 94 24.67 15.77 -34.31
CA VAL B 94 24.30 16.43 -35.56
C VAL B 94 25.38 16.17 -36.57
N SER B 95 24.97 15.61 -37.74
CA SER B 95 25.84 15.35 -38.87
C SER B 95 25.86 16.59 -39.82
N PRO B 96 26.84 16.75 -40.74
CA PRO B 96 26.92 17.98 -41.57
C PRO B 96 25.70 18.35 -42.42
N ASP B 97 24.84 17.37 -42.76
CA ASP B 97 23.63 17.64 -43.55
C ASP B 97 22.47 18.24 -42.73
N GLY B 98 22.62 18.20 -41.40
CA GLY B 98 21.64 18.70 -40.44
C GLY B 98 20.80 17.62 -39.78
N THR B 99 21.12 16.34 -40.03
CA THR B 99 20.40 15.20 -39.44
C THR B 99 20.71 15.14 -37.95
N VAL B 100 19.66 15.20 -37.13
CA VAL B 100 19.79 15.16 -35.69
C VAL B 100 19.54 13.73 -35.26
N GLN B 101 20.44 13.21 -34.42
CA GLN B 101 20.31 11.88 -33.86
C GLN B 101 20.23 12.07 -32.34
N TYR B 102 19.03 11.97 -31.82
CA TYR B 102 18.71 12.15 -30.42
C TYR B 102 18.55 10.78 -29.77
N LEU B 103 18.98 10.65 -28.51
CA LEU B 103 18.86 9.44 -27.69
C LEU B 103 18.67 9.79 -26.22
N GLU B 104 17.66 9.14 -25.59
CA GLU B 104 17.30 9.39 -24.22
C GLU B 104 16.95 8.11 -23.52
N ARG B 105 17.12 8.09 -22.19
CA ARG B 105 16.70 6.94 -21.42
C ARG B 105 15.48 7.37 -20.59
N PHE B 106 14.36 6.66 -20.72
CA PHE B 106 13.15 7.01 -20.00
C PHE B 106 12.66 5.84 -19.19
N SER B 107 11.79 6.10 -18.23
CA SER B 107 11.16 5.06 -17.40
C SER B 107 9.72 5.49 -17.30
N ALA B 108 8.80 4.60 -17.68
CA ALA B 108 7.40 4.98 -17.73
C ALA B 108 6.48 3.91 -17.19
N ARG B 109 5.37 4.30 -16.49
CA ARG B 109 4.35 3.32 -16.06
C ARG B 109 3.23 3.41 -17.09
N VAL B 110 3.23 2.47 -18.03
CA VAL B 110 2.31 2.40 -19.17
C VAL B 110 1.00 1.67 -18.79
N LEU B 111 -0.15 2.22 -19.24
CA LEU B 111 -1.45 1.63 -18.99
C LEU B 111 -1.86 0.84 -20.24
N SER B 112 -2.06 -0.47 -20.10
CA SER B 112 -2.41 -1.34 -21.21
C SER B 112 -3.45 -2.37 -20.75
N PRO B 113 -4.65 -2.45 -21.38
CA PRO B 113 -5.66 -3.41 -20.91
C PRO B 113 -5.22 -4.86 -21.00
N LEU B 114 -5.68 -5.66 -20.03
CA LEU B 114 -5.36 -7.08 -19.96
C LEU B 114 -6.66 -7.89 -19.98
N ASP B 115 -6.69 -8.95 -20.81
CA ASP B 115 -7.84 -9.84 -20.95
C ASP B 115 -7.52 -11.17 -20.24
N PHE B 116 -8.17 -11.37 -19.09
CA PHE B 116 -7.98 -12.56 -18.24
C PHE B 116 -8.96 -13.70 -18.48
N ARG B 117 -9.76 -13.65 -19.60
CA ARG B 117 -10.70 -14.72 -19.95
C ARG B 117 -10.04 -16.11 -20.00
N ARG B 118 -8.82 -16.25 -20.55
CA ARG B 118 -8.14 -17.55 -20.63
C ARG B 118 -7.09 -17.79 -19.53
N TYR B 119 -7.16 -17.04 -18.41
CA TYR B 119 -6.21 -17.14 -17.30
C TYR B 119 -6.25 -18.56 -16.69
N PRO B 120 -5.11 -19.20 -16.38
CA PRO B 120 -3.71 -18.73 -16.46
C PRO B 120 -2.96 -19.19 -17.72
N PHE B 121 -3.67 -19.46 -18.81
CA PHE B 121 -3.07 -19.89 -20.07
C PHE B 121 -3.15 -18.76 -21.10
N ASP B 122 -3.32 -17.53 -20.59
CA ASP B 122 -3.45 -16.31 -21.39
C ASP B 122 -2.15 -15.70 -21.87
N SER B 123 -2.26 -15.02 -23.01
CA SER B 123 -1.21 -14.24 -23.66
C SER B 123 -1.70 -12.82 -23.73
N GLN B 124 -0.79 -11.85 -23.65
CA GLN B 124 -1.12 -10.43 -23.68
C GLN B 124 -0.23 -9.69 -24.65
N THR B 125 -0.77 -8.63 -25.28
CA THR B 125 -0.02 -7.70 -26.15
C THR B 125 -0.03 -6.36 -25.44
N LEU B 126 1.10 -5.99 -24.81
CA LEU B 126 1.27 -4.72 -24.10
C LEU B 126 1.58 -3.60 -25.10
N HIS B 127 0.85 -2.48 -25.02
CA HIS B 127 1.03 -1.36 -25.95
C HIS B 127 1.77 -0.18 -25.36
N ILE B 128 2.53 0.53 -26.20
CA ILE B 128 3.22 1.78 -25.86
C ILE B 128 2.93 2.64 -27.08
N TYR B 129 2.09 3.66 -26.92
CA TYR B 129 1.71 4.52 -28.03
C TYR B 129 2.47 5.84 -28.03
N LEU B 130 3.37 6.03 -29.03
CA LEU B 130 4.10 7.29 -29.21
C LEU B 130 3.20 8.25 -29.98
N ILE B 131 3.31 9.56 -29.72
CA ILE B 131 2.49 10.55 -30.41
C ILE B 131 3.24 11.86 -30.49
N VAL B 132 3.05 12.60 -31.60
CA VAL B 132 3.63 13.92 -31.83
C VAL B 132 2.52 14.84 -32.35
N ARG B 133 2.41 16.03 -31.77
CA ARG B 133 1.40 17.00 -32.21
C ARG B 133 2.08 17.98 -33.17
N SER B 134 1.44 18.18 -34.36
CA SER B 134 1.93 19.08 -35.40
C SER B 134 1.79 20.53 -34.96
N VAL B 135 2.67 21.37 -35.52
CA VAL B 135 2.75 22.77 -35.10
C VAL B 135 2.20 23.73 -36.16
N ASP B 136 2.19 25.02 -35.78
CA ASP B 136 1.72 26.16 -36.55
C ASP B 136 2.36 26.23 -37.94
N THR B 137 3.71 26.28 -37.98
CA THR B 137 4.48 26.41 -39.21
C THR B 137 4.59 25.12 -40.04
N ARG B 138 4.50 23.91 -39.43
CA ARG B 138 4.57 22.67 -40.21
C ARG B 138 4.04 21.41 -39.51
N ASN B 139 3.73 20.39 -40.32
CA ASN B 139 3.21 19.11 -39.85
C ASN B 139 4.32 18.14 -39.53
N ILE B 140 4.15 17.40 -38.43
CA ILE B 140 5.14 16.42 -37.99
C ILE B 140 4.50 15.03 -38.03
N VAL B 141 5.22 14.10 -38.67
CA VAL B 141 4.81 12.71 -38.90
C VAL B 141 5.88 11.78 -38.28
N LEU B 142 5.44 10.72 -37.60
CA LEU B 142 6.33 9.72 -37.01
C LEU B 142 6.61 8.57 -38.00
N ALA B 143 7.77 7.93 -37.86
CA ALA B 143 8.23 6.80 -38.65
C ALA B 143 8.92 5.85 -37.70
N VAL B 144 9.14 4.59 -38.10
CA VAL B 144 9.88 3.63 -37.26
C VAL B 144 11.17 3.25 -37.96
N ASP B 145 12.31 3.32 -37.23
CA ASP B 145 13.60 2.85 -37.71
C ASP B 145 13.79 1.50 -37.05
N LEU B 146 13.50 0.39 -37.77
CA LEU B 146 13.57 -0.97 -37.22
C LEU B 146 14.94 -1.38 -36.70
N GLU B 147 16.01 -0.74 -37.23
CA GLU B 147 17.39 -0.99 -36.80
C GLU B 147 17.57 -0.47 -35.37
N LYS B 148 16.73 0.50 -34.97
CA LYS B 148 16.76 1.15 -33.65
C LYS B 148 15.71 0.56 -32.68
N VAL B 149 15.00 -0.52 -33.10
CA VAL B 149 13.96 -1.22 -32.31
C VAL B 149 14.44 -2.63 -31.88
N GLY B 150 14.33 -2.92 -30.57
CA GLY B 150 14.70 -4.19 -29.95
C GLY B 150 14.53 -4.18 -28.45
N LYS B 151 15.04 -5.23 -27.77
CA LYS B 151 15.01 -5.42 -26.32
C LYS B 151 16.24 -6.18 -25.83
N ASN B 152 16.78 -5.78 -24.66
CA ASN B 152 17.91 -6.43 -24.01
C ASN B 152 17.55 -7.88 -23.79
N ASP B 153 18.52 -8.79 -23.94
CA ASP B 153 18.27 -10.24 -23.80
C ASP B 153 17.90 -10.63 -22.38
N ASP B 154 18.41 -9.89 -21.40
CA ASP B 154 18.15 -10.11 -19.98
C ASP B 154 16.79 -9.53 -19.50
N VAL B 155 15.97 -8.94 -20.40
CA VAL B 155 14.65 -8.38 -20.09
C VAL B 155 13.76 -9.52 -19.60
N PHE B 156 13.12 -9.33 -18.41
CA PHE B 156 12.28 -10.37 -17.83
C PHE B 156 11.06 -9.82 -17.09
N LEU B 157 10.04 -10.67 -16.99
CA LEU B 157 8.82 -10.45 -16.21
C LEU B 157 8.58 -11.82 -15.57
N THR B 158 8.67 -11.88 -14.24
CA THR B 158 8.49 -13.11 -13.48
C THR B 158 7.11 -13.66 -13.75
N GLY B 159 7.06 -14.90 -14.23
CA GLY B 159 5.82 -15.59 -14.57
C GLY B 159 5.31 -15.34 -15.97
N TRP B 160 6.18 -14.79 -16.83
CA TRP B 160 5.84 -14.48 -18.21
C TRP B 160 7.00 -14.77 -19.13
N ASP B 161 6.68 -15.13 -20.39
CA ASP B 161 7.65 -15.38 -21.43
C ASP B 161 7.50 -14.21 -22.41
N ILE B 162 8.56 -13.37 -22.50
CA ILE B 162 8.54 -12.22 -23.39
C ILE B 162 8.80 -12.79 -24.79
N GLU B 163 7.74 -12.84 -25.61
CA GLU B 163 7.81 -13.39 -26.95
C GLU B 163 8.57 -12.46 -27.87
N SER B 164 8.10 -11.19 -28.00
CA SER B 164 8.66 -10.21 -28.92
C SER B 164 8.32 -8.78 -28.56
N PHE B 165 9.12 -7.84 -29.08
CA PHE B 165 8.90 -6.41 -28.92
C PHE B 165 9.04 -5.82 -30.30
N THR B 166 7.92 -5.53 -30.93
CA THR B 166 7.91 -4.96 -32.28
C THR B 166 7.18 -3.63 -32.31
N ALA B 167 7.07 -3.02 -33.51
CA ALA B 167 6.33 -1.78 -33.72
C ALA B 167 5.56 -1.87 -35.03
N VAL B 168 4.35 -1.29 -35.06
CA VAL B 168 3.52 -1.20 -36.26
C VAL B 168 4.07 0.03 -37.00
N VAL B 169 4.93 -0.21 -38.01
CA VAL B 169 5.64 0.79 -38.82
C VAL B 169 4.76 1.90 -39.37
N LYS B 170 3.49 1.60 -39.73
CA LYS B 170 2.58 2.60 -40.29
C LYS B 170 1.92 3.42 -39.16
N PRO B 171 2.17 4.76 -39.10
CA PRO B 171 1.57 5.58 -38.04
C PRO B 171 0.09 5.90 -38.29
N ALA B 172 -0.64 6.24 -37.21
CA ALA B 172 -2.04 6.64 -37.27
C ALA B 172 -2.06 8.15 -37.24
N ASN B 173 -2.25 8.79 -38.39
CA ASN B 173 -2.31 10.25 -38.48
C ASN B 173 -3.80 10.68 -38.44
N PHE B 174 -4.13 11.62 -37.56
CA PHE B 174 -5.49 12.07 -37.37
C PHE B 174 -5.53 13.49 -36.83
N ALA B 175 -6.68 14.15 -36.90
CA ALA B 175 -6.81 15.51 -36.42
C ALA B 175 -7.30 15.51 -35.01
N LEU B 176 -6.73 16.33 -34.17
CA LEU B 176 -7.14 16.45 -32.76
C LEU B 176 -6.91 17.89 -32.30
N GLU B 177 -8.03 18.55 -31.93
CA GLU B 177 -8.11 19.95 -31.50
C GLU B 177 -7.49 20.86 -32.58
N ASP B 178 -7.97 20.68 -33.81
CA ASP B 178 -7.61 21.44 -35.02
C ASP B 178 -6.15 21.27 -35.50
N ARG B 179 -5.43 20.21 -35.06
CA ARG B 179 -4.04 19.92 -35.46
C ARG B 179 -3.82 18.46 -35.75
N LEU B 180 -2.93 18.15 -36.70
CA LEU B 180 -2.58 16.77 -37.06
C LEU B 180 -1.78 16.15 -35.92
N GLU B 181 -2.04 14.86 -35.64
CA GLU B 181 -1.34 14.12 -34.61
C GLU B 181 -0.97 12.79 -35.20
N SER B 182 0.34 12.48 -35.27
CA SER B 182 0.83 11.21 -35.81
C SER B 182 1.15 10.30 -34.63
N LYS B 183 0.54 9.09 -34.60
CA LYS B 183 0.65 8.11 -33.50
C LYS B 183 1.29 6.77 -33.92
N LEU B 184 2.22 6.23 -33.13
CA LEU B 184 2.88 4.95 -33.39
C LEU B 184 2.56 3.87 -32.33
N ASP B 185 2.48 2.58 -32.76
CA ASP B 185 2.16 1.49 -31.84
C ASP B 185 3.34 0.56 -31.63
N TYR B 186 3.87 0.57 -30.41
CA TYR B 186 4.92 -0.37 -30.04
C TYR B 186 4.27 -1.52 -29.25
N GLN B 187 4.45 -2.77 -29.72
CA GLN B 187 3.84 -3.94 -29.08
C GLN B 187 4.85 -4.86 -28.40
N LEU B 188 4.54 -5.26 -27.14
CA LEU B 188 5.33 -6.19 -26.35
C LEU B 188 4.43 -7.40 -26.09
N ARG B 189 4.71 -8.51 -26.78
CA ARG B 189 3.93 -9.74 -26.67
C ARG B 189 4.50 -10.64 -25.59
N ILE B 190 3.65 -10.99 -24.62
CA ILE B 190 3.99 -11.80 -23.46
C ILE B 190 2.97 -12.93 -23.32
N SER B 191 3.42 -14.11 -22.86
CA SER B 191 2.58 -15.30 -22.59
C SER B 191 2.90 -15.80 -21.18
N ARG B 192 1.89 -16.16 -20.39
CA ARG B 192 2.06 -16.58 -18.99
C ARG B 192 2.77 -17.92 -18.76
N GLN B 193 3.53 -18.04 -17.63
CA GLN B 193 4.23 -19.24 -17.13
C GLN B 193 3.35 -19.92 -16.02
N TYR B 194 2.35 -20.66 -16.48
CA TYR B 194 1.35 -21.38 -15.67
C TYR B 194 1.80 -22.72 -15.02
N PHE B 195 3.13 -23.02 -14.86
CA PHE B 195 3.47 -24.37 -14.38
C PHE B 195 3.02 -24.70 -12.96
N SER B 196 3.45 -23.93 -11.95
CA SER B 196 3.08 -24.23 -10.58
C SER B 196 1.57 -24.07 -10.26
N TYR B 197 0.75 -23.63 -11.25
CA TYR B 197 -0.68 -23.40 -11.05
C TYR B 197 -1.46 -24.70 -10.94
N ILE B 198 -0.95 -25.79 -11.56
CA ILE B 198 -1.56 -27.11 -11.47
C ILE B 198 -1.33 -27.67 -10.05
N PRO B 199 -0.07 -27.93 -9.59
CA PRO B 199 0.11 -28.43 -8.22
C PRO B 199 -0.26 -27.49 -7.07
N ASN B 200 -0.25 -26.16 -7.27
CA ASN B 200 -0.50 -25.26 -6.14
C ASN B 200 -1.95 -24.78 -6.05
N ILE B 201 -2.68 -24.75 -7.16
CA ILE B 201 -4.04 -24.23 -7.11
C ILE B 201 -5.06 -25.30 -7.47
N ILE B 202 -4.96 -25.89 -8.70
CA ILE B 202 -5.90 -26.89 -9.22
C ILE B 202 -5.92 -28.19 -8.39
N LEU B 203 -4.80 -28.93 -8.35
CA LEU B 203 -4.73 -30.20 -7.63
C LEU B 203 -5.32 -30.13 -6.18
N PRO B 204 -4.88 -29.25 -5.24
CA PRO B 204 -5.50 -29.25 -3.90
C PRO B 204 -6.98 -28.89 -3.90
N MET B 205 -7.43 -28.09 -4.87
CA MET B 205 -8.84 -27.72 -4.98
C MET B 205 -9.66 -28.90 -5.41
N LEU B 206 -9.11 -29.78 -6.31
CA LEU B 206 -9.80 -31.00 -6.76
C LEU B 206 -9.87 -32.06 -5.66
N PHE B 207 -8.76 -32.26 -4.87
CA PHE B 207 -8.70 -33.17 -3.73
C PHE B 207 -9.82 -32.87 -2.73
N ILE B 208 -10.07 -31.57 -2.43
CA ILE B 208 -11.12 -31.15 -1.49
C ILE B 208 -12.52 -31.55 -2.02
N LEU B 209 -12.72 -31.44 -3.35
CA LEU B 209 -13.96 -31.83 -4.02
C LEU B 209 -14.11 -33.35 -3.97
N PHE B 210 -13.02 -34.09 -4.26
CA PHE B 210 -13.00 -35.55 -4.24
C PHE B 210 -13.33 -36.10 -2.83
N ILE B 211 -12.88 -35.42 -1.75
CA ILE B 211 -13.18 -35.83 -0.38
C ILE B 211 -14.72 -35.74 -0.18
N SER B 212 -15.39 -34.72 -0.75
CA SER B 212 -16.85 -34.61 -0.64
C SER B 212 -17.58 -35.78 -1.33
N TRP B 213 -16.94 -36.38 -2.34
CA TRP B 213 -17.47 -37.48 -3.12
C TRP B 213 -17.41 -38.84 -2.38
N THR B 214 -16.70 -38.92 -1.22
CA THR B 214 -16.65 -40.15 -0.44
C THR B 214 -17.98 -40.41 0.31
N ALA B 215 -18.90 -39.43 0.32
CA ALA B 215 -20.22 -39.54 0.95
C ALA B 215 -21.14 -40.48 0.14
N PHE B 216 -20.71 -40.85 -1.09
CA PHE B 216 -21.43 -41.78 -1.96
C PHE B 216 -21.13 -43.25 -1.59
N TRP B 217 -20.13 -43.48 -0.71
CA TRP B 217 -19.71 -44.78 -0.18
C TRP B 217 -19.93 -44.79 1.36
N SER B 218 -21.04 -44.18 1.80
CA SER B 218 -21.44 -44.07 3.20
C SER B 218 -22.95 -43.84 3.30
N THR B 219 -23.59 -44.47 4.31
CA THR B 219 -25.03 -44.38 4.58
C THR B 219 -25.31 -43.47 5.78
N SER B 220 -24.26 -43.17 6.59
CA SER B 220 -24.34 -42.31 7.77
C SER B 220 -24.59 -40.85 7.38
N TYR B 221 -25.80 -40.32 7.66
CA TYR B 221 -26.16 -38.93 7.35
C TYR B 221 -25.31 -37.97 8.14
N GLU B 222 -24.98 -38.30 9.40
CA GLU B 222 -24.13 -37.49 10.24
C GLU B 222 -22.71 -37.36 9.66
N ALA B 223 -22.13 -38.49 9.19
CA ALA B 223 -20.80 -38.51 8.56
C ALA B 223 -20.83 -37.84 7.19
N ASN B 224 -21.95 -37.97 6.44
CA ASN B 224 -22.13 -37.36 5.12
C ASN B 224 -22.30 -35.84 5.20
N VAL B 225 -23.03 -35.33 6.21
CA VAL B 225 -23.20 -33.90 6.43
C VAL B 225 -21.84 -33.29 6.79
N THR B 226 -21.07 -33.97 7.68
CA THR B 226 -19.72 -33.54 8.07
C THR B 226 -18.77 -33.60 6.86
N LEU B 227 -18.93 -34.60 5.98
CA LEU B 227 -18.10 -34.66 4.78
C LEU B 227 -18.34 -33.51 3.83
N VAL B 228 -19.56 -33.38 3.27
CA VAL B 228 -19.86 -32.35 2.27
C VAL B 228 -19.79 -30.88 2.81
N VAL B 229 -20.25 -30.60 4.04
CA VAL B 229 -20.23 -29.22 4.52
C VAL B 229 -18.81 -28.82 5.00
N SER B 230 -18.03 -29.72 5.62
CA SER B 230 -16.67 -29.35 6.02
C SER B 230 -15.75 -29.18 4.83
N THR B 231 -15.96 -29.95 3.73
CA THR B 231 -15.15 -29.77 2.52
C THR B 231 -15.52 -28.45 1.81
N LEU B 232 -16.78 -28.00 1.95
CA LEU B 232 -17.21 -26.70 1.41
C LEU B 232 -16.43 -25.60 2.16
N ILE B 233 -16.29 -25.73 3.51
CA ILE B 233 -15.52 -24.80 4.34
C ILE B 233 -14.05 -24.85 3.91
N ALA B 234 -13.48 -26.06 3.74
CA ALA B 234 -12.09 -26.25 3.29
C ALA B 234 -11.85 -25.63 1.92
N HIS B 235 -12.86 -25.70 1.01
CA HIS B 235 -12.79 -25.14 -0.33
C HIS B 235 -12.77 -23.62 -0.27
N ILE B 236 -13.75 -23.03 0.45
CA ILE B 236 -13.84 -21.59 0.66
C ILE B 236 -12.51 -21.10 1.31
N ALA B 237 -12.03 -21.78 2.38
CA ALA B 237 -10.78 -21.41 3.04
C ALA B 237 -9.63 -21.51 2.06
N PHE B 238 -9.61 -22.54 1.18
CA PHE B 238 -8.56 -22.69 0.18
C PHE B 238 -8.64 -21.55 -0.86
N ASN B 239 -9.86 -21.13 -1.24
CA ASN B 239 -10.02 -20.01 -2.17
C ASN B 239 -9.48 -18.71 -1.61
N ILE B 240 -9.64 -18.45 -0.29
CA ILE B 240 -9.10 -17.28 0.41
C ILE B 240 -7.56 -17.36 0.31
N LEU B 241 -7.00 -18.56 0.53
CA LEU B 241 -5.56 -18.76 0.45
C LEU B 241 -5.00 -18.43 -0.94
N VAL B 242 -5.62 -18.94 -2.02
CA VAL B 242 -5.10 -18.70 -3.36
C VAL B 242 -5.75 -17.45 -4.07
N GLU B 243 -6.38 -16.53 -3.28
CA GLU B 243 -7.04 -15.30 -3.76
C GLU B 243 -6.03 -14.42 -4.49
N THR B 244 -6.43 -13.91 -5.67
CA THR B 244 -5.59 -13.10 -6.59
C THR B 244 -5.16 -11.74 -6.07
N ASN B 245 -5.77 -11.21 -4.98
CA ASN B 245 -5.41 -9.89 -4.43
C ASN B 245 -5.74 -8.67 -5.35
N CYS B 246 -6.38 -8.93 -6.49
CA CYS B 246 -6.86 -7.90 -7.43
C CYS B 246 -8.37 -7.89 -7.25
N PRO B 247 -9.06 -6.72 -7.47
CA PRO B 247 -10.52 -6.74 -7.36
C PRO B 247 -11.08 -7.67 -8.46
N LYS B 248 -12.22 -8.30 -8.15
CA LYS B 248 -12.87 -9.26 -9.05
C LYS B 248 -13.05 -8.73 -10.46
N THR B 249 -12.77 -9.61 -11.41
CA THR B 249 -12.86 -9.41 -12.84
C THR B 249 -14.35 -9.21 -13.18
N PRO B 250 -14.72 -8.08 -13.82
CA PRO B 250 -16.15 -7.84 -14.15
C PRO B 250 -16.80 -8.83 -15.13
N TYR B 251 -15.96 -9.52 -15.93
CA TYR B 251 -16.34 -10.53 -16.91
C TYR B 251 -15.99 -11.91 -16.38
N MET B 252 -16.63 -12.95 -16.95
CA MET B 252 -16.40 -14.33 -16.54
C MET B 252 -15.13 -14.92 -17.17
N THR B 253 -14.22 -15.39 -16.31
CA THR B 253 -12.95 -16.00 -16.70
C THR B 253 -13.07 -17.53 -16.73
N TYR B 254 -12.09 -18.21 -17.35
CA TYR B 254 -12.05 -19.67 -17.45
C TYR B 254 -11.98 -20.27 -16.04
N THR B 255 -10.99 -19.83 -15.23
CA THR B 255 -10.79 -20.28 -13.85
C THR B 255 -12.04 -19.94 -13.00
N GLY B 256 -12.68 -18.84 -13.33
CA GLY B 256 -13.88 -18.39 -12.64
C GLY B 256 -15.08 -19.28 -12.82
N ALA B 257 -15.23 -19.85 -14.05
CA ALA B 257 -16.30 -20.77 -14.43
C ALA B 257 -16.11 -22.12 -13.70
N ILE B 258 -14.86 -22.69 -13.71
CA ILE B 258 -14.50 -23.92 -13.00
C ILE B 258 -14.86 -23.80 -11.51
N ILE B 259 -14.40 -22.70 -10.84
CA ILE B 259 -14.67 -22.46 -9.42
C ILE B 259 -16.20 -22.32 -9.17
N PHE B 260 -16.95 -21.69 -10.11
CA PHE B 260 -18.40 -21.59 -9.98
C PHE B 260 -19.02 -22.97 -10.02
N MET B 261 -18.53 -23.80 -10.97
CA MET B 261 -18.98 -25.17 -11.17
C MET B 261 -18.72 -26.02 -9.95
N ILE B 262 -17.56 -25.82 -9.28
CA ILE B 262 -17.17 -26.51 -8.05
C ILE B 262 -18.16 -26.16 -6.91
N TYR B 263 -18.62 -24.90 -6.82
CA TYR B 263 -19.62 -24.49 -5.82
C TYR B 263 -20.97 -25.14 -6.09
N LEU B 264 -21.31 -25.34 -7.39
CA LEU B 264 -22.56 -26.00 -7.82
C LEU B 264 -22.56 -27.47 -7.42
N PHE B 265 -21.39 -28.13 -7.60
CA PHE B 265 -21.16 -29.53 -7.23
C PHE B 265 -21.29 -29.78 -5.72
N TYR B 266 -20.93 -28.80 -4.88
CA TYR B 266 -21.09 -28.93 -3.43
C TYR B 266 -22.56 -28.82 -3.06
N PHE B 267 -23.32 -28.03 -3.84
CA PHE B 267 -24.75 -27.87 -3.61
C PHE B 267 -25.52 -29.10 -4.07
N VAL B 268 -25.18 -29.65 -5.25
CA VAL B 268 -25.78 -30.86 -5.81
C VAL B 268 -25.47 -32.09 -4.92
N ALA B 269 -24.26 -32.17 -4.37
CA ALA B 269 -23.86 -33.25 -3.45
C ALA B 269 -24.64 -33.18 -2.14
N VAL B 270 -25.01 -31.98 -1.67
CA VAL B 270 -25.82 -31.81 -0.45
C VAL B 270 -27.25 -32.31 -0.76
N ILE B 271 -27.80 -31.94 -1.94
CA ILE B 271 -29.13 -32.37 -2.41
C ILE B 271 -29.20 -33.90 -2.43
N GLU B 272 -28.17 -34.59 -2.97
CA GLU B 272 -28.09 -36.05 -2.98
C GLU B 272 -28.12 -36.60 -1.54
N VAL B 273 -27.19 -36.15 -0.66
CA VAL B 273 -27.08 -36.56 0.74
C VAL B 273 -28.42 -36.32 1.50
N THR B 274 -29.12 -35.23 1.18
CA THR B 274 -30.42 -34.92 1.79
C THR B 274 -31.52 -35.88 1.27
N VAL B 275 -31.52 -36.17 -0.06
CA VAL B 275 -32.48 -37.07 -0.70
C VAL B 275 -32.30 -38.50 -0.20
N GLN B 276 -31.05 -39.01 -0.22
CA GLN B 276 -30.66 -40.35 0.27
C GLN B 276 -31.26 -40.62 1.65
N HIS B 277 -31.00 -39.74 2.63
CA HIS B 277 -31.49 -39.80 4.01
C HIS B 277 -33.02 -39.68 4.10
N TYR B 278 -33.63 -38.79 3.30
CA TYR B 278 -35.09 -38.63 3.31
C TYR B 278 -35.79 -39.88 2.76
N LEU B 279 -35.24 -40.50 1.70
CA LEU B 279 -35.80 -41.73 1.14
C LEU B 279 -35.64 -42.90 2.12
N LYS B 280 -34.48 -43.00 2.79
CA LYS B 280 -34.18 -44.03 3.79
C LYS B 280 -35.19 -43.93 4.96
N VAL B 281 -35.50 -42.71 5.42
CA VAL B 281 -36.45 -42.44 6.51
C VAL B 281 -37.88 -42.70 6.05
N GLU B 282 -38.23 -42.28 4.81
CA GLU B 282 -39.57 -42.48 4.23
C GLU B 282 -39.78 -43.89 3.66
N SER B 283 -39.25 -44.92 4.36
CA SER B 283 -39.35 -46.34 4.05
C SER B 283 -39.16 -46.67 2.54
N GLN B 284 -38.09 -46.13 1.94
CA GLN B 284 -37.77 -46.37 0.53
C GLN B 284 -36.24 -46.57 0.36
N PRO B 285 -35.61 -47.58 1.03
CA PRO B 285 -34.15 -47.75 0.89
C PRO B 285 -33.69 -48.31 -0.46
N ALA B 286 -34.64 -48.72 -1.30
CA ALA B 286 -34.37 -49.25 -2.63
C ALA B 286 -33.97 -48.11 -3.56
N ARG B 287 -34.70 -46.97 -3.47
CA ARG B 287 -34.45 -45.77 -4.27
C ARG B 287 -33.24 -45.01 -3.72
N ALA B 288 -33.09 -44.95 -2.38
CA ALA B 288 -31.97 -44.29 -1.69
C ALA B 288 -30.62 -44.92 -2.10
N ALA B 289 -30.51 -46.26 -2.06
CA ALA B 289 -29.29 -46.95 -2.43
C ALA B 289 -28.98 -46.91 -3.93
N SER B 290 -30.02 -46.81 -4.78
CA SER B 290 -29.83 -46.78 -6.23
C SER B 290 -29.32 -45.42 -6.72
N ILE B 291 -29.73 -44.33 -6.03
CA ILE B 291 -29.31 -42.95 -6.31
C ILE B 291 -27.84 -42.78 -5.90
N THR B 292 -27.49 -43.19 -4.65
CA THR B 292 -26.14 -43.14 -4.08
C THR B 292 -25.14 -43.94 -4.92
N ARG B 293 -25.59 -45.06 -5.51
CA ARG B 293 -24.73 -45.88 -6.37
C ARG B 293 -24.51 -45.22 -7.72
N ALA B 294 -25.56 -44.54 -8.24
CA ALA B 294 -25.52 -43.83 -9.54
C ALA B 294 -24.59 -42.62 -9.47
N SER B 295 -24.66 -41.87 -8.35
CA SER B 295 -23.85 -40.69 -8.04
C SER B 295 -22.35 -40.96 -8.10
N ARG B 296 -21.92 -42.19 -7.73
CA ARG B 296 -20.52 -42.62 -7.75
C ARG B 296 -19.88 -42.50 -9.14
N ILE B 297 -20.70 -42.64 -10.19
CA ILE B 297 -20.26 -42.54 -11.59
C ILE B 297 -20.71 -41.19 -12.17
N ALA B 298 -21.98 -40.78 -11.90
CA ALA B 298 -22.57 -39.53 -12.40
C ALA B 298 -21.77 -38.30 -12.05
N PHE B 299 -21.34 -38.15 -10.77
CA PHE B 299 -20.57 -37.00 -10.33
C PHE B 299 -19.22 -36.89 -11.08
N PRO B 300 -18.28 -37.86 -11.04
CA PRO B 300 -17.03 -37.70 -11.82
C PRO B 300 -17.21 -37.57 -13.33
N VAL B 301 -18.22 -38.24 -13.93
CA VAL B 301 -18.48 -38.18 -15.37
C VAL B 301 -19.02 -36.78 -15.78
N VAL B 302 -20.06 -36.27 -15.08
CA VAL B 302 -20.65 -34.94 -15.32
C VAL B 302 -19.58 -33.85 -15.12
N PHE B 303 -18.73 -33.99 -14.08
CA PHE B 303 -17.62 -33.07 -13.82
C PHE B 303 -16.63 -33.05 -14.99
N LEU B 304 -16.11 -34.23 -15.39
CA LEU B 304 -15.19 -34.40 -16.51
C LEU B 304 -15.74 -33.85 -17.80
N LEU B 305 -17.03 -34.09 -18.08
CA LEU B 305 -17.68 -33.62 -19.30
C LEU B 305 -17.86 -32.09 -19.30
N ALA B 306 -18.35 -31.53 -18.17
CA ALA B 306 -18.56 -30.09 -18.00
C ALA B 306 -17.26 -29.29 -18.14
N ASN B 307 -16.11 -29.85 -17.63
CA ASN B 307 -14.79 -29.25 -17.78
C ASN B 307 -14.34 -29.22 -19.24
N ILE B 308 -14.63 -30.29 -20.02
CA ILE B 308 -14.32 -30.38 -21.45
C ILE B 308 -15.17 -29.34 -22.20
N ILE B 309 -16.44 -29.15 -21.80
CA ILE B 309 -17.35 -28.15 -22.39
C ILE B 309 -16.79 -26.72 -22.16
N LEU B 310 -16.30 -26.43 -20.92
CA LEU B 310 -15.71 -25.13 -20.56
C LEU B 310 -14.42 -24.90 -21.30
N ALA B 311 -13.52 -25.90 -21.29
CA ALA B 311 -12.24 -25.83 -21.99
C ALA B 311 -12.48 -25.59 -23.49
N PHE B 312 -13.52 -26.21 -24.07
CA PHE B 312 -13.87 -26.02 -25.48
C PHE B 312 -14.41 -24.61 -25.71
N LEU B 313 -15.29 -24.11 -24.82
CA LEU B 313 -15.88 -22.77 -24.89
C LEU B 313 -14.83 -21.66 -24.78
N PHE B 314 -13.82 -21.82 -23.88
CA PHE B 314 -12.78 -20.81 -23.65
C PHE B 314 -11.58 -20.93 -24.59
N PHE B 315 -11.34 -22.12 -25.19
CA PHE B 315 -10.20 -22.35 -26.09
C PHE B 315 -10.62 -23.13 -27.36
N VAL C 5 31.43 21.78 -22.77
CA VAL C 5 32.57 20.91 -22.47
C VAL C 5 32.45 19.59 -23.25
N SER C 6 33.52 19.21 -23.95
CA SER C 6 33.64 17.97 -24.73
C SER C 6 34.43 16.91 -23.91
N PRO C 7 34.57 15.63 -24.32
CA PRO C 7 35.35 14.69 -23.51
C PRO C 7 36.85 15.02 -23.58
N PRO C 8 37.70 14.63 -22.60
CA PRO C 8 39.14 14.97 -22.70
C PRO C 8 39.85 14.30 -23.89
N PRO C 9 40.84 14.97 -24.54
CA PRO C 9 41.45 14.38 -25.72
C PRO C 9 42.40 13.22 -25.42
N PRO C 10 42.47 12.16 -26.26
CA PRO C 10 43.40 11.06 -25.96
C PRO C 10 44.85 11.39 -26.26
N ILE C 11 45.79 10.86 -25.46
CA ILE C 11 47.22 11.12 -25.70
C ILE C 11 47.68 10.37 -26.96
N ALA C 12 47.17 9.15 -27.09
CA ALA C 12 47.34 8.26 -28.21
C ALA C 12 45.89 7.92 -28.56
N ASP C 13 45.63 6.74 -29.14
CA ASP C 13 44.32 6.23 -29.49
C ASP C 13 43.70 5.30 -28.40
N GLU C 14 43.87 5.69 -27.12
CA GLU C 14 43.37 4.91 -25.98
C GLU C 14 41.95 5.39 -25.53
N PRO C 15 41.11 4.49 -24.95
CA PRO C 15 39.83 4.95 -24.42
C PRO C 15 39.98 5.56 -23.01
N LEU C 16 39.01 6.38 -22.58
CA LEU C 16 39.05 7.02 -21.27
C LEU C 16 38.62 6.02 -20.22
N THR C 17 39.46 5.87 -19.20
CA THR C 17 39.18 4.95 -18.09
C THR C 17 38.60 5.72 -16.92
N VAL C 18 37.40 5.34 -16.55
CA VAL C 18 36.71 5.93 -15.43
C VAL C 18 36.75 4.87 -14.33
N ASN C 19 37.59 5.13 -13.31
CA ASN C 19 37.70 4.23 -12.16
C ASN C 19 36.52 4.50 -11.26
N THR C 20 35.78 3.45 -10.96
CA THR C 20 34.58 3.51 -10.14
C THR C 20 34.81 2.86 -8.76
N GLY C 21 33.72 2.77 -7.99
CA GLY C 21 33.62 2.22 -6.66
C GLY C 21 32.31 2.69 -6.08
N ILE C 22 31.64 1.82 -5.32
CA ILE C 22 30.36 2.10 -4.67
C ILE C 22 30.53 1.71 -3.20
N TYR C 23 30.10 2.55 -2.26
CA TYR C 23 30.24 2.20 -0.85
C TYR C 23 28.87 2.28 -0.25
N LEU C 24 28.26 1.14 0.10
CA LEU C 24 26.89 1.09 0.68
C LEU C 24 26.81 1.70 2.05
N ILE C 25 25.99 2.74 2.15
CA ILE C 25 25.72 3.48 3.38
C ILE C 25 24.60 2.78 4.14
N GLU C 26 23.48 2.56 3.46
CA GLU C 26 22.29 1.88 3.98
C GLU C 26 21.67 1.02 2.87
N SER C 27 21.16 -0.13 3.28
CA SER C 27 20.41 -1.03 2.44
C SER C 27 19.07 -1.22 3.17
N TYR C 28 17.96 -1.06 2.44
CA TYR C 28 16.64 -1.24 3.02
C TYR C 28 15.62 -1.80 2.02
N SER C 29 14.36 -1.83 2.42
CA SER C 29 13.25 -2.30 1.59
C SER C 29 13.55 -3.46 0.59
N LEU C 30 14.14 -4.62 1.06
CA LEU C 30 14.29 -5.76 0.12
C LEU C 30 12.90 -6.40 -0.05
N ASP C 31 12.27 -6.16 -1.21
CA ASP C 31 10.95 -6.65 -1.53
C ASP C 31 11.07 -7.95 -2.31
N ASP C 32 10.63 -9.06 -1.72
CA ASP C 32 10.72 -10.37 -2.35
C ASP C 32 9.70 -10.47 -3.48
N CYS C 33 8.50 -9.87 -3.30
CA CYS C 33 7.41 -9.89 -4.27
C CYS C 33 7.81 -9.14 -5.54
N ALA C 34 8.37 -7.93 -5.36
CA ALA C 34 8.77 -7.06 -6.46
C ALA C 34 10.15 -7.39 -7.03
N GLU C 35 10.96 -8.19 -6.30
CA GLU C 35 12.35 -8.55 -6.60
C GLU C 35 13.20 -7.28 -6.72
N THR C 36 12.92 -6.28 -5.87
CA THR C 36 13.64 -5.01 -5.84
C THR C 36 14.20 -4.75 -4.46
N PHE C 37 15.27 -3.92 -4.39
CA PHE C 37 15.89 -3.50 -3.13
C PHE C 37 16.33 -2.05 -3.22
N LYS C 38 16.05 -1.30 -2.17
CA LYS C 38 16.38 0.11 -2.12
C LYS C 38 17.69 0.23 -1.39
N VAL C 39 18.63 0.93 -2.03
CA VAL C 39 19.98 1.16 -1.53
C VAL C 39 20.31 2.67 -1.53
N ASN C 40 21.11 3.08 -0.54
CA ASN C 40 21.63 4.44 -0.39
C ASN C 40 23.16 4.24 -0.28
N ALA C 41 23.93 4.89 -1.16
CA ALA C 41 25.36 4.70 -1.20
C ALA C 41 26.04 5.85 -1.87
N PHE C 42 27.39 5.84 -1.81
CA PHE C 42 28.33 6.75 -2.42
C PHE C 42 28.75 6.14 -3.74
N LEU C 43 29.04 6.97 -4.72
CA LEU C 43 29.55 6.51 -6.00
C LEU C 43 30.75 7.38 -6.24
N SER C 44 31.93 6.76 -6.26
CA SER C 44 33.16 7.49 -6.52
C SER C 44 33.57 7.29 -7.99
N LEU C 45 34.06 8.37 -8.63
CA LEU C 45 34.54 8.34 -9.99
C LEU C 45 35.88 9.05 -10.06
N SER C 46 36.81 8.49 -10.85
CA SER C 46 38.12 9.08 -11.05
C SER C 46 38.56 8.86 -12.50
N TRP C 47 39.03 9.91 -13.15
CA TRP C 47 39.48 9.89 -14.55
C TRP C 47 40.48 11.05 -14.73
N LYS C 48 41.24 11.05 -15.84
CA LYS C 48 42.20 12.13 -16.11
C LYS C 48 41.75 12.97 -17.31
N ASP C 49 41.72 14.29 -17.09
CA ASP C 49 41.37 15.31 -18.08
C ASP C 49 42.51 16.36 -18.10
N ARG C 50 43.47 16.15 -19.00
CA ARG C 50 44.68 16.97 -19.12
C ARG C 50 44.40 18.44 -19.34
N ARG C 51 43.23 18.79 -19.90
CA ARG C 51 42.81 20.18 -20.09
C ARG C 51 42.74 20.90 -18.71
N LEU C 52 42.33 20.15 -17.65
CA LEU C 52 42.17 20.66 -16.29
C LEU C 52 43.46 20.69 -15.49
N ALA C 53 44.59 20.26 -16.12
CA ALA C 53 45.91 20.25 -15.47
C ALA C 53 46.40 21.66 -15.22
N PHE C 54 47.11 21.89 -14.10
CA PHE C 54 47.58 23.22 -13.72
C PHE C 54 48.92 23.19 -13.01
N ASP C 55 49.51 24.39 -12.81
CA ASP C 55 50.76 24.54 -12.09
C ASP C 55 50.39 25.03 -10.71
N PRO C 56 50.67 24.26 -9.65
CA PRO C 56 50.30 24.70 -8.29
C PRO C 56 51.01 25.98 -7.81
N VAL C 57 52.14 26.32 -8.48
CA VAL C 57 52.94 27.50 -8.19
C VAL C 57 52.20 28.77 -8.63
N ARG C 58 51.84 28.84 -9.95
CA ARG C 58 51.11 29.97 -10.55
C ARG C 58 49.70 30.14 -9.97
N SER C 59 49.01 29.00 -9.71
CA SER C 59 47.66 28.98 -9.18
C SER C 59 47.59 29.26 -7.69
N GLY C 60 48.63 28.86 -6.95
CA GLY C 60 48.70 29.06 -5.51
C GLY C 60 47.80 28.12 -4.72
N VAL C 61 47.35 27.03 -5.37
CA VAL C 61 46.51 25.96 -4.82
C VAL C 61 47.06 24.60 -5.22
N ARG C 62 46.98 23.63 -4.31
CA ARG C 62 47.48 22.28 -4.59
C ARG C 62 46.39 21.38 -5.22
N VAL C 63 45.09 21.77 -5.02
CA VAL C 63 43.87 21.12 -5.50
C VAL C 63 42.86 22.22 -5.88
N LYS C 64 42.14 22.03 -6.99
CA LYS C 64 41.10 22.95 -7.44
C LYS C 64 39.74 22.25 -7.29
N THR C 65 38.70 23.00 -6.87
CA THR C 65 37.35 22.47 -6.73
C THR C 65 36.50 23.06 -7.85
N TYR C 66 35.62 22.26 -8.45
CA TYR C 66 34.75 22.72 -9.52
C TYR C 66 33.31 22.35 -9.22
N GLU C 67 32.38 23.03 -9.93
CA GLU C 67 30.96 22.75 -9.87
C GLU C 67 30.73 21.77 -11.01
N PRO C 68 29.77 20.82 -10.90
CA PRO C 68 29.57 19.83 -11.99
C PRO C 68 29.36 20.42 -13.39
N GLU C 69 28.71 21.59 -13.41
CA GLU C 69 28.37 22.36 -14.61
C GLU C 69 29.62 22.93 -15.30
N ALA C 70 30.68 23.22 -14.51
CA ALA C 70 31.93 23.83 -14.98
C ALA C 70 32.84 22.90 -15.79
N ILE C 71 32.86 21.58 -15.50
CA ILE C 71 33.76 20.62 -16.16
C ILE C 71 33.05 19.43 -16.80
N TRP C 72 33.79 18.67 -17.62
CA TRP C 72 33.26 17.45 -18.23
C TRP C 72 33.25 16.31 -17.19
N ILE C 73 32.09 15.70 -16.95
CA ILE C 73 31.87 14.58 -16.04
C ILE C 73 31.18 13.46 -16.85
N PRO C 74 31.66 12.19 -16.79
CA PRO C 74 31.01 11.14 -17.58
C PRO C 74 29.60 10.80 -17.10
N GLU C 75 28.66 10.57 -18.04
CA GLU C 75 27.30 10.20 -17.67
C GLU C 75 27.29 8.72 -17.26
N ILE C 76 27.36 8.44 -15.95
CA ILE C 76 27.29 7.07 -15.43
C ILE C 76 25.84 6.79 -15.06
N ARG C 77 25.29 5.70 -15.57
CA ARG C 77 23.92 5.29 -15.30
C ARG C 77 23.94 3.86 -14.80
N PHE C 78 22.83 3.41 -14.25
CA PHE C 78 22.66 2.08 -13.69
C PHE C 78 21.70 1.40 -14.63
N VAL C 79 21.96 0.16 -15.01
CA VAL C 79 21.13 -0.55 -15.96
C VAL C 79 19.85 -1.05 -15.35
N ASN C 80 19.93 -1.73 -14.19
CA ASN C 80 18.80 -2.36 -13.54
C ASN C 80 18.15 -1.48 -12.43
N VAL C 81 17.82 -0.21 -12.75
CA VAL C 81 17.09 0.68 -11.81
C VAL C 81 15.69 0.98 -12.37
N GLU C 82 14.70 1.22 -11.44
CA GLU C 82 13.32 1.53 -11.81
C GLU C 82 13.37 2.92 -12.53
N ASN C 83 13.76 3.96 -11.79
CA ASN C 83 13.94 5.30 -12.34
C ASN C 83 15.38 5.68 -12.04
N ALA C 84 15.89 6.74 -12.65
CA ALA C 84 17.25 7.18 -12.40
C ALA C 84 17.46 7.46 -10.92
N ARG C 85 18.66 7.19 -10.43
CA ARG C 85 19.02 7.41 -9.04
C ARG C 85 18.89 8.87 -8.63
N ASP C 86 18.59 9.10 -7.36
CA ASP C 86 18.51 10.43 -6.78
C ASP C 86 19.93 10.71 -6.33
N ALA C 87 20.66 11.54 -7.08
CA ALA C 87 22.06 11.81 -6.74
C ALA C 87 22.30 13.22 -6.25
N ASP C 88 23.26 13.36 -5.32
CA ASP C 88 23.74 14.62 -4.79
C ASP C 88 25.28 14.59 -4.86
N VAL C 89 25.90 15.50 -5.66
CA VAL C 89 27.36 15.60 -5.78
C VAL C 89 27.91 16.10 -4.45
N VAL C 90 28.75 15.27 -3.81
CA VAL C 90 29.35 15.56 -2.52
C VAL C 90 30.63 16.35 -2.68
N ASP C 91 31.53 15.93 -3.61
CA ASP C 91 32.81 16.61 -3.85
C ASP C 91 33.38 16.39 -5.28
N ILE C 92 34.04 17.42 -5.86
CA ILE C 92 34.77 17.36 -7.13
C ILE C 92 36.13 18.05 -6.88
N SER C 93 37.23 17.29 -6.96
CA SER C 93 38.59 17.79 -6.72
C SER C 93 39.50 17.47 -7.88
N VAL C 94 40.19 18.50 -8.40
CA VAL C 94 41.13 18.39 -9.53
C VAL C 94 42.53 18.65 -9.03
N SER C 95 43.42 17.69 -9.30
CA SER C 95 44.83 17.73 -8.92
C SER C 95 45.64 18.33 -10.09
N PRO C 96 46.88 18.84 -9.87
CA PRO C 96 47.61 19.49 -10.97
C PRO C 96 47.85 18.70 -12.25
N ASP C 97 47.82 17.36 -12.20
CA ASP C 97 48.03 16.53 -13.38
C ASP C 97 46.79 16.41 -14.29
N GLY C 98 45.64 16.86 -13.79
CA GLY C 98 44.36 16.78 -14.49
C GLY C 98 43.47 15.65 -14.02
N THR C 99 43.84 14.98 -12.90
CA THR C 99 43.04 13.89 -12.34
C THR C 99 41.81 14.46 -11.65
N VAL C 100 40.63 14.02 -12.06
CA VAL C 100 39.39 14.45 -11.46
C VAL C 100 38.97 13.38 -10.47
N GLN C 101 38.65 13.82 -9.25
CA GLN C 101 38.18 12.96 -8.19
C GLN C 101 36.78 13.43 -7.85
N TYR C 102 35.79 12.70 -8.36
CA TYR C 102 34.37 12.95 -8.19
C TYR C 102 33.79 12.02 -7.12
N LEU C 103 32.80 12.51 -6.34
CA LEU C 103 32.08 11.75 -5.30
C LEU C 103 30.68 12.28 -5.16
N GLU C 104 29.71 11.35 -5.11
CA GLU C 104 28.29 11.67 -4.98
C GLU C 104 27.59 10.68 -4.08
N ARG C 105 26.52 11.13 -3.43
CA ARG C 105 25.70 10.25 -2.61
C ARG C 105 24.37 10.03 -3.35
N PHE C 106 23.97 8.76 -3.54
CA PHE C 106 22.76 8.48 -4.29
C PHE C 106 21.83 7.47 -3.57
N SER C 107 20.55 7.49 -3.90
CA SER C 107 19.58 6.51 -3.44
C SER C 107 18.91 5.97 -4.73
N ALA C 108 18.64 4.64 -4.77
CA ALA C 108 18.05 3.99 -5.94
C ALA C 108 17.34 2.69 -5.60
N ARG C 109 16.20 2.40 -6.26
CA ARG C 109 15.48 1.14 -6.10
C ARG C 109 15.94 0.24 -7.26
N VAL C 110 16.83 -0.70 -6.93
CA VAL C 110 17.47 -1.61 -7.88
C VAL C 110 16.60 -2.88 -8.10
N LEU C 111 16.46 -3.31 -9.37
CA LEU C 111 15.69 -4.50 -9.74
C LEU C 111 16.69 -5.64 -9.92
N SER C 112 16.54 -6.69 -9.09
CA SER C 112 17.44 -7.84 -9.16
C SER C 112 16.63 -9.13 -8.99
N PRO C 113 16.69 -10.07 -9.97
CA PRO C 113 15.90 -11.30 -9.83
C PRO C 113 16.25 -12.13 -8.58
N LEU C 114 15.25 -12.77 -8.00
CA LEU C 114 15.47 -13.62 -6.82
C LEU C 114 14.99 -15.02 -7.13
N ASP C 115 15.78 -16.04 -6.77
CA ASP C 115 15.45 -17.44 -6.99
C ASP C 115 15.05 -18.08 -5.67
N PHE C 116 13.75 -18.36 -5.52
CA PHE C 116 13.15 -18.92 -4.31
C PHE C 116 13.02 -20.45 -4.31
N ARG C 117 13.67 -21.15 -5.28
CA ARG C 117 13.62 -22.61 -5.36
C ARG C 117 14.08 -23.27 -4.04
N ARG C 118 15.13 -22.77 -3.37
CA ARG C 118 15.63 -23.33 -2.10
C ARG C 118 15.12 -22.61 -0.82
N TYR C 119 14.04 -21.83 -0.93
CA TYR C 119 13.48 -21.07 0.19
C TYR C 119 13.04 -22.02 1.32
N PRO C 120 13.32 -21.74 2.61
CA PRO C 120 13.98 -20.56 3.18
C PRO C 120 15.46 -20.74 3.50
N PHE C 121 16.13 -21.64 2.77
CA PHE C 121 17.57 -21.91 2.95
C PHE C 121 18.37 -21.33 1.77
N ASP C 122 17.76 -20.36 1.09
CA ASP C 122 18.31 -19.71 -0.10
C ASP C 122 19.25 -18.57 0.21
N SER C 123 20.19 -18.39 -0.75
CA SER C 123 21.16 -17.30 -0.81
C SER C 123 20.89 -16.57 -2.10
N GLN C 124 21.12 -15.26 -2.11
CA GLN C 124 20.88 -14.41 -3.26
C GLN C 124 22.09 -13.55 -3.53
N THR C 125 22.32 -13.24 -4.82
CA THR C 125 23.36 -12.32 -5.27
C THR C 125 22.60 -11.16 -5.89
N LEU C 126 22.50 -10.04 -5.18
CA LEU C 126 21.86 -8.82 -5.66
C LEU C 126 22.83 -8.04 -6.61
N HIS C 127 22.35 -7.66 -7.79
CA HIS C 127 23.19 -6.95 -8.77
C HIS C 127 22.92 -5.45 -8.88
N ILE C 128 23.95 -4.67 -9.19
CA ILE C 128 23.88 -3.24 -9.43
C ILE C 128 24.77 -3.09 -10.64
N TYR C 129 24.20 -2.82 -11.80
CA TYR C 129 25.01 -2.72 -13.01
C TYR C 129 25.32 -1.27 -13.42
N LEU C 130 26.59 -0.84 -13.29
CA LEU C 130 27.00 0.50 -13.74
C LEU C 130 27.22 0.43 -15.25
N ILE C 131 26.97 1.52 -15.97
CA ILE C 131 27.17 1.58 -17.41
C ILE C 131 27.53 2.98 -17.81
N VAL C 132 28.40 3.12 -18.82
CA VAL C 132 28.79 4.38 -19.44
C VAL C 132 28.70 4.22 -20.95
N ARG C 133 28.07 5.18 -21.63
CA ARG C 133 27.95 5.15 -23.08
C ARG C 133 29.04 6.02 -23.68
N SER C 134 29.79 5.46 -24.66
CA SER C 134 30.90 6.14 -25.33
C SER C 134 30.35 7.22 -26.26
N VAL C 135 31.14 8.23 -26.57
CA VAL C 135 30.73 9.29 -27.52
C VAL C 135 31.44 9.07 -28.90
N ASP C 136 31.31 10.01 -29.88
CA ASP C 136 31.99 9.79 -31.17
C ASP C 136 33.47 10.23 -31.11
N THR C 137 33.71 11.34 -30.37
CA THR C 137 35.02 11.95 -30.09
C THR C 137 35.98 10.93 -29.45
N ARG C 138 35.49 10.08 -28.51
CA ARG C 138 36.28 9.05 -27.85
C ARG C 138 35.47 8.03 -27.04
N ASN C 139 36.05 6.82 -26.84
CA ASN C 139 35.45 5.68 -26.15
C ASN C 139 35.70 5.74 -24.66
N ILE C 140 34.68 5.42 -23.87
CA ILE C 140 34.76 5.44 -22.42
C ILE C 140 34.58 4.02 -21.90
N VAL C 141 35.52 3.61 -21.02
CA VAL C 141 35.63 2.30 -20.42
C VAL C 141 35.64 2.46 -18.88
N LEU C 142 34.90 1.58 -18.17
CA LEU C 142 34.84 1.58 -16.72
C LEU C 142 35.91 0.64 -16.12
N ALA C 143 36.37 0.99 -14.91
CA ALA C 143 37.35 0.22 -14.14
C ALA C 143 36.86 0.14 -12.70
N VAL C 144 37.24 -0.90 -11.95
CA VAL C 144 36.87 -1.01 -10.54
C VAL C 144 38.09 -0.86 -9.64
N ASP C 145 38.08 0.09 -8.72
CA ASP C 145 39.16 0.13 -7.75
C ASP C 145 38.53 -0.60 -6.55
N LEU C 146 38.97 -1.84 -6.26
CA LEU C 146 38.33 -2.66 -5.21
C LEU C 146 38.54 -2.14 -3.79
N GLU C 147 39.53 -1.28 -3.59
CA GLU C 147 39.79 -0.64 -2.30
C GLU C 147 38.65 0.36 -2.05
N LYS C 148 37.98 0.83 -3.14
CA LYS C 148 36.88 1.80 -3.12
C LYS C 148 35.48 1.14 -3.03
N VAL C 149 35.40 -0.19 -3.24
CA VAL C 149 34.14 -0.95 -3.19
C VAL C 149 33.95 -1.55 -1.77
N GLY C 150 32.97 -1.04 -1.03
CA GLY C 150 32.71 -1.48 0.33
C GLY C 150 31.29 -1.29 0.80
N LYS C 151 31.08 -1.40 2.11
CA LYS C 151 29.79 -1.24 2.79
C LYS C 151 29.98 -0.93 4.28
N ASN C 152 29.14 -0.01 4.83
CA ASN C 152 29.12 0.37 6.22
C ASN C 152 28.84 -0.87 7.05
N ASP C 153 29.47 -0.97 8.24
CA ASP C 153 29.32 -2.16 9.11
C ASP C 153 27.90 -2.32 9.63
N ASP C 154 27.22 -1.19 9.84
CA ASP C 154 25.86 -1.13 10.33
C ASP C 154 24.77 -1.40 9.25
N VAL C 155 25.16 -1.64 7.95
CA VAL C 155 24.24 -1.96 6.84
C VAL C 155 23.53 -3.27 7.21
N PHE C 156 22.20 -3.31 7.11
CA PHE C 156 21.42 -4.50 7.48
C PHE C 156 20.16 -4.73 6.63
N LEU C 157 19.73 -5.99 6.58
CA LEU C 157 18.49 -6.44 5.96
C LEU C 157 17.96 -7.49 6.95
N THR C 158 16.83 -7.19 7.59
CA THR C 158 16.24 -8.07 8.59
C THR C 158 15.88 -9.39 7.92
N GLY C 159 16.37 -10.47 8.52
CA GLY C 159 16.16 -11.83 8.03
C GLY C 159 17.20 -12.29 7.02
N TRP C 160 18.31 -11.53 6.90
CA TRP C 160 19.38 -11.84 5.95
C TRP C 160 20.74 -11.55 6.55
N ASP C 161 21.74 -12.31 6.13
CA ASP C 161 23.12 -12.13 6.52
C ASP C 161 23.84 -11.57 5.29
N ILE C 162 24.33 -10.30 5.33
CA ILE C 162 25.00 -9.65 4.19
C ILE C 162 26.44 -10.15 4.19
N GLU C 163 26.69 -11.15 3.35
CA GLU C 163 27.99 -11.82 3.25
C GLU C 163 29.08 -10.86 2.75
N SER C 164 28.89 -10.29 1.53
CA SER C 164 29.88 -9.44 0.90
C SER C 164 29.28 -8.49 -0.12
N PHE C 165 30.01 -7.37 -0.40
CA PHE C 165 29.72 -6.40 -1.43
C PHE C 165 30.98 -6.29 -2.27
N THR C 166 30.90 -6.77 -3.50
CA THR C 166 32.03 -6.86 -4.43
C THR C 166 31.66 -6.27 -5.76
N ALA C 167 32.55 -6.44 -6.74
CA ALA C 167 32.39 -6.04 -8.12
C ALA C 167 33.20 -7.01 -8.92
N VAL C 168 32.79 -7.29 -10.16
CA VAL C 168 33.54 -8.15 -11.06
C VAL C 168 34.40 -7.17 -11.87
N VAL C 169 35.72 -7.15 -11.58
CA VAL C 169 36.74 -6.25 -12.15
C VAL C 169 36.66 -6.08 -13.66
N LYS C 170 36.47 -7.19 -14.39
CA LYS C 170 36.37 -7.18 -15.84
C LYS C 170 35.02 -6.57 -16.30
N PRO C 171 35.03 -5.40 -17.01
CA PRO C 171 33.77 -4.82 -17.51
C PRO C 171 33.29 -5.47 -18.83
N ALA C 172 31.96 -5.50 -19.02
CA ALA C 172 31.34 -6.05 -20.21
C ALA C 172 31.22 -4.93 -21.24
N ASN C 173 32.14 -4.89 -22.21
CA ASN C 173 32.13 -3.88 -23.25
C ASN C 173 31.42 -4.45 -24.47
N PHE C 174 30.43 -3.72 -24.99
CA PHE C 174 29.63 -4.19 -26.10
C PHE C 174 29.04 -3.01 -26.86
N ALA C 175 28.59 -3.25 -28.10
CA ALA C 175 28.02 -2.23 -28.95
C ALA C 175 26.54 -2.19 -28.74
N LEU C 176 26.00 -0.97 -28.64
CA LEU C 176 24.56 -0.76 -28.47
C LEU C 176 24.19 0.54 -29.13
N GLU C 177 23.35 0.45 -30.18
CA GLU C 177 22.87 1.57 -31.00
C GLU C 177 24.05 2.36 -31.58
N ASP C 178 24.98 1.60 -32.22
CA ASP C 178 26.17 2.09 -32.92
C ASP C 178 27.22 2.77 -32.02
N ARG C 179 27.22 2.50 -30.70
CA ARG C 179 28.19 3.04 -29.74
C ARG C 179 28.62 2.00 -28.71
N LEU C 180 29.85 2.08 -28.26
CA LEU C 180 30.41 1.17 -27.26
C LEU C 180 29.81 1.51 -25.91
N GLU C 181 29.52 0.48 -25.10
CA GLU C 181 28.99 0.58 -23.77
C GLU C 181 29.74 -0.32 -22.79
N SER C 182 30.44 0.27 -21.80
CA SER C 182 31.22 -0.43 -20.78
C SER C 182 30.34 -0.62 -19.59
N LYS C 183 30.08 -1.87 -19.19
CA LYS C 183 29.20 -2.23 -18.07
C LYS C 183 29.95 -2.94 -16.93
N LEU C 184 29.72 -2.52 -15.65
CA LEU C 184 30.33 -3.17 -14.47
C LEU C 184 29.30 -3.87 -13.62
N ASP C 185 29.62 -5.04 -13.13
CA ASP C 185 28.66 -5.74 -12.30
C ASP C 185 29.10 -5.73 -10.84
N TYR C 186 28.33 -5.05 -10.04
CA TYR C 186 28.52 -5.00 -8.60
C TYR C 186 27.63 -6.03 -7.94
N GLN C 187 28.18 -6.83 -7.07
CA GLN C 187 27.35 -7.83 -6.41
C GLN C 187 27.26 -7.64 -4.91
N LEU C 188 26.07 -7.94 -4.35
CA LEU C 188 25.78 -7.92 -2.93
C LEU C 188 25.26 -9.31 -2.62
N ARG C 189 26.08 -10.13 -1.94
CA ARG C 189 25.72 -11.51 -1.59
C ARG C 189 25.09 -11.56 -0.22
N ILE C 190 23.87 -12.09 -0.17
CA ILE C 190 23.05 -12.21 1.04
C ILE C 190 22.57 -13.65 1.17
N SER C 191 22.47 -14.15 2.42
CA SER C 191 21.96 -15.49 2.75
C SER C 191 20.87 -15.35 3.83
N ARG C 192 19.74 -16.06 3.69
CA ARG C 192 18.60 -15.94 4.58
C ARG C 192 18.82 -16.44 6.03
N GLN C 193 18.14 -15.80 7.02
CA GLN C 193 18.12 -16.16 8.45
C GLN C 193 16.81 -16.97 8.74
N TYR C 194 16.83 -18.25 8.38
CA TYR C 194 15.74 -19.23 8.52
C TYR C 194 15.52 -19.79 9.95
N PHE C 195 15.99 -19.09 11.02
CA PHE C 195 15.89 -19.69 12.37
C PHE C 195 14.47 -20.02 12.80
N SER C 196 13.64 -18.99 12.96
CA SER C 196 12.29 -19.13 13.47
C SER C 196 11.33 -19.86 12.51
N TYR C 197 11.79 -20.25 11.31
CA TYR C 197 10.94 -20.91 10.30
C TYR C 197 10.60 -22.33 10.68
N ILE C 198 11.48 -23.01 11.45
CA ILE C 198 11.22 -24.37 11.94
C ILE C 198 10.13 -24.30 13.04
N PRO C 199 10.33 -23.64 14.22
CA PRO C 199 9.25 -23.56 15.21
C PRO C 199 7.98 -22.79 14.83
N ASN C 200 8.05 -21.82 13.90
CA ASN C 200 6.86 -21.03 13.58
C ASN C 200 6.09 -21.50 12.36
N ILE C 201 6.75 -22.17 11.42
CA ILE C 201 6.03 -22.59 10.22
C ILE C 201 6.02 -24.12 10.05
N ILE C 202 7.18 -24.79 10.12
CA ILE C 202 7.29 -26.25 9.90
C ILE C 202 6.65 -27.07 11.05
N LEU C 203 7.18 -27.00 12.29
CA LEU C 203 6.65 -27.77 13.42
C LEU C 203 5.10 -27.68 13.56
N PRO C 204 4.41 -26.51 13.58
CA PRO C 204 2.94 -26.55 13.71
C PRO C 204 2.23 -27.15 12.51
N MET C 205 2.81 -27.03 11.31
CA MET C 205 2.21 -27.60 10.11
C MET C 205 2.28 -29.12 10.15
N LEU C 206 3.38 -29.70 10.70
CA LEU C 206 3.56 -31.15 10.84
C LEU C 206 2.64 -31.70 11.94
N PHE C 207 2.49 -30.98 13.07
CA PHE C 207 1.58 -31.38 14.15
C PHE C 207 0.15 -31.58 13.62
N ILE C 208 -0.35 -30.66 12.80
CA ILE C 208 -1.69 -30.73 12.21
C ILE C 208 -1.84 -32.01 11.36
N LEU C 209 -0.76 -32.38 10.62
CA LEU C 209 -0.72 -33.59 9.80
C LEU C 209 -0.72 -34.83 10.69
N PHE C 210 0.11 -34.81 11.75
CA PHE C 210 0.20 -35.90 12.73
C PHE C 210 -1.15 -36.16 13.44
N ILE C 211 -1.93 -35.11 13.72
CA ILE C 211 -3.27 -35.25 14.31
C ILE C 211 -4.17 -36.05 13.35
N SER C 212 -4.05 -35.83 12.02
CA SER C 212 -4.84 -36.58 11.03
C SER C 212 -4.47 -38.07 11.02
N TRP C 213 -3.24 -38.39 11.44
CA TRP C 213 -2.73 -39.76 11.49
C TRP C 213 -3.25 -40.58 12.69
N THR C 214 -3.94 -39.92 13.66
CA THR C 214 -4.52 -40.63 14.80
C THR C 214 -5.77 -41.42 14.40
N ALA C 215 -6.29 -41.21 13.17
CA ALA C 215 -7.45 -41.94 12.62
C ALA C 215 -7.09 -43.41 12.30
N PHE C 216 -5.79 -43.74 12.33
CA PHE C 216 -5.30 -45.10 12.12
C PHE C 216 -5.37 -45.95 13.41
N TRP C 217 -5.66 -45.29 14.56
CA TRP C 217 -5.84 -45.89 15.88
C TRP C 217 -7.29 -45.64 16.36
N SER C 218 -8.24 -45.74 15.41
CA SER C 218 -9.68 -45.54 15.64
C SER C 218 -10.49 -46.24 14.56
N THR C 219 -11.62 -46.85 14.96
CA THR C 219 -12.54 -47.59 14.07
C THR C 219 -13.80 -46.76 13.77
N SER C 220 -14.03 -45.69 14.55
CA SER C 220 -15.19 -44.79 14.41
C SER C 220 -15.06 -43.94 13.17
N TYR C 221 -15.91 -44.19 12.15
CA TYR C 221 -15.91 -43.43 10.88
C TYR C 221 -16.28 -41.98 11.12
N GLU C 222 -17.21 -41.73 12.06
CA GLU C 222 -17.61 -40.38 12.43
C GLU C 222 -16.44 -39.59 13.06
N ALA C 223 -15.67 -40.21 13.98
CA ALA C 223 -14.50 -39.58 14.60
C ALA C 223 -13.36 -39.43 13.60
N ASN C 224 -13.22 -40.39 12.66
CA ASN C 224 -12.18 -40.37 11.62
C ASN C 224 -12.43 -39.30 10.58
N VAL C 225 -13.71 -39.10 10.17
CA VAL C 225 -14.10 -38.05 9.21
C VAL C 225 -13.82 -36.67 9.85
N THR C 226 -14.20 -36.49 11.14
CA THR C 226 -13.94 -35.26 11.89
C THR C 226 -12.42 -35.07 12.07
N LEU C 227 -11.65 -36.14 12.27
CA LEU C 227 -10.20 -35.99 12.38
C LEU C 227 -9.54 -35.49 11.10
N VAL C 228 -9.64 -36.26 10.00
CA VAL C 228 -8.97 -35.91 8.74
C VAL C 228 -9.50 -34.62 8.06
N VAL C 229 -10.82 -34.38 8.05
CA VAL C 229 -11.33 -33.18 7.37
C VAL C 229 -11.12 -31.91 8.22
N SER C 230 -11.26 -31.97 9.56
CA SER C 230 -11.01 -30.78 10.38
C SER C 230 -9.54 -30.41 10.40
N THR C 231 -8.60 -31.39 10.33
CA THR C 231 -7.17 -31.08 10.26
C THR C 231 -6.82 -30.46 8.90
N LEU C 232 -7.56 -30.82 7.83
CA LEU C 232 -7.36 -30.23 6.51
C LEU C 232 -7.73 -28.75 6.60
N ILE C 233 -8.84 -28.42 7.30
CA ILE C 233 -9.30 -27.04 7.54
C ILE C 233 -8.27 -26.29 8.41
N ALA C 234 -7.73 -26.95 9.47
CA ALA C 234 -6.70 -26.37 10.33
C ALA C 234 -5.42 -26.09 9.54
N HIS C 235 -5.07 -26.98 8.58
CA HIS C 235 -3.88 -26.86 7.71
C HIS C 235 -4.05 -25.68 6.78
N ILE C 236 -5.19 -25.63 6.04
CA ILE C 236 -5.49 -24.53 5.12
C ILE C 236 -5.47 -23.20 5.92
N ALA C 237 -6.16 -23.15 7.09
CA ALA C 237 -6.17 -21.96 7.96
C ALA C 237 -4.76 -21.59 8.39
N PHE C 238 -3.92 -22.59 8.70
CA PHE C 238 -2.53 -22.34 9.07
C PHE C 238 -1.72 -21.77 7.89
N ASN C 239 -1.96 -22.26 6.66
CA ASN C 239 -1.30 -21.73 5.46
C ASN C 239 -1.67 -20.25 5.26
N ILE C 240 -2.94 -19.87 5.47
CA ILE C 240 -3.40 -18.48 5.36
C ILE C 240 -2.61 -17.63 6.37
N LEU C 241 -2.41 -18.15 7.58
CA LEU C 241 -1.67 -17.47 8.63
C LEU C 241 -0.21 -17.23 8.22
N VAL C 242 0.47 -18.24 7.69
CA VAL C 242 1.88 -18.12 7.32
C VAL C 242 2.07 -17.76 5.82
N GLU C 243 1.02 -17.20 5.16
CA GLU C 243 1.02 -16.80 3.75
C GLU C 243 2.09 -15.74 3.50
N THR C 244 2.88 -15.93 2.43
CA THR C 244 4.02 -15.07 2.03
C THR C 244 3.65 -13.64 1.62
N ASN C 245 2.37 -13.32 1.32
CA ASN C 245 1.95 -11.98 0.91
C ASN C 245 2.59 -11.49 -0.43
N CYS C 246 3.14 -12.41 -1.20
CA CYS C 246 3.69 -12.13 -2.53
C CYS C 246 2.82 -12.98 -3.43
N PRO C 247 2.58 -12.56 -4.72
CA PRO C 247 1.82 -13.46 -5.63
C PRO C 247 2.60 -14.77 -5.81
N LYS C 248 1.86 -15.88 -6.03
CA LYS C 248 2.49 -17.19 -6.13
C LYS C 248 3.63 -17.24 -7.15
N THR C 249 4.70 -17.92 -6.75
CA THR C 249 5.93 -18.16 -7.50
C THR C 249 5.56 -18.98 -8.74
N PRO C 250 5.88 -18.51 -9.97
CA PRO C 250 5.52 -19.27 -11.20
C PRO C 250 6.17 -20.65 -11.35
N TYR C 251 7.30 -20.86 -10.66
CA TYR C 251 8.07 -22.09 -10.62
C TYR C 251 7.86 -22.81 -9.28
N MET C 252 8.16 -24.12 -9.24
CA MET C 252 8.00 -24.93 -8.04
C MET C 252 9.18 -24.75 -7.07
N THR C 253 8.86 -24.35 -5.84
CA THR C 253 9.82 -24.14 -4.75
C THR C 253 9.91 -25.39 -3.86
N TYR C 254 10.96 -25.46 -3.01
CA TYR C 254 11.17 -26.55 -2.06
C TYR C 254 10.00 -26.61 -1.09
N THR C 255 9.70 -25.49 -0.41
CA THR C 255 8.58 -25.36 0.53
C THR C 255 7.24 -25.65 -0.16
N GLY C 256 7.16 -25.28 -1.43
CA GLY C 256 5.98 -25.49 -2.26
C GLY C 256 5.67 -26.93 -2.53
N ALA C 257 6.74 -27.76 -2.73
CA ALA C 257 6.65 -29.21 -2.97
C ALA C 257 6.17 -29.93 -1.70
N ILE C 258 6.78 -29.62 -0.52
CA ILE C 258 6.41 -30.14 0.79
C ILE C 258 4.91 -29.89 1.04
N ILE C 259 4.45 -28.63 0.90
CA ILE C 259 3.05 -28.26 1.12
C ILE C 259 2.13 -28.98 0.13
N PHE C 260 2.58 -29.20 -1.13
CA PHE C 260 1.77 -29.95 -2.10
C PHE C 260 1.62 -31.40 -1.64
N MET C 261 2.74 -31.96 -1.15
CA MET C 261 2.81 -33.33 -0.64
C MET C 261 1.91 -33.51 0.57
N ILE C 262 1.84 -32.48 1.46
CA ILE C 262 0.97 -32.47 2.64
C ILE C 262 -0.50 -32.51 2.23
N TYR C 263 -0.89 -31.81 1.15
CA TYR C 263 -2.27 -31.84 0.62
C TYR C 263 -2.61 -33.22 0.06
N LEU C 264 -1.61 -33.90 -0.54
CA LEU C 264 -1.74 -35.26 -1.10
C LEU C 264 -1.99 -36.27 0.01
N PHE C 265 -1.25 -36.13 1.13
CA PHE C 265 -1.36 -36.95 2.33
C PHE C 265 -2.74 -36.84 3.01
N TYR C 266 -3.40 -35.67 2.94
CA TYR C 266 -4.74 -35.49 3.50
C TYR C 266 -5.74 -36.20 2.61
N PHE C 267 -5.46 -36.25 1.30
CA PHE C 267 -6.35 -36.93 0.35
C PHE C 267 -6.23 -38.44 0.47
N VAL C 268 -4.98 -38.94 0.56
CA VAL C 268 -4.69 -40.36 0.72
C VAL C 268 -5.25 -40.90 2.07
N ALA C 269 -5.17 -40.08 3.15
CA ALA C 269 -5.71 -40.45 4.46
C ALA C 269 -7.23 -40.52 4.43
N VAL C 270 -7.90 -39.71 3.58
CA VAL C 270 -9.37 -39.77 3.43
C VAL C 270 -9.72 -41.07 2.70
N ILE C 271 -8.96 -41.42 1.64
CA ILE C 271 -9.13 -42.65 0.86
C ILE C 271 -9.05 -43.87 1.79
N GLU C 272 -8.04 -43.92 2.69
CA GLU C 272 -7.88 -44.98 3.68
C GLU C 272 -9.13 -45.07 4.59
N VAL C 273 -9.51 -43.95 5.25
CA VAL C 273 -10.67 -43.84 6.14
C VAL C 273 -11.96 -44.29 5.41
N THR C 274 -12.08 -43.95 4.13
CA THR C 274 -13.25 -44.33 3.33
C THR C 274 -13.22 -45.85 3.01
N VAL C 275 -12.04 -46.41 2.67
CA VAL C 275 -11.84 -47.83 2.37
C VAL C 275 -12.09 -48.68 3.61
N GLN C 276 -11.46 -48.34 4.76
CA GLN C 276 -11.61 -48.99 6.06
C GLN C 276 -13.09 -49.21 6.39
N HIS C 277 -13.89 -48.14 6.39
CA HIS C 277 -15.33 -48.14 6.65
C HIS C 277 -16.12 -48.94 5.62
N TYR C 278 -15.78 -48.84 4.31
CA TYR C 278 -16.48 -49.58 3.27
C TYR C 278 -16.22 -51.07 3.39
N LEU C 279 -14.99 -51.49 3.74
CA LEU C 279 -14.65 -52.90 3.94
C LEU C 279 -15.35 -53.46 5.17
N LYS C 280 -15.44 -52.65 6.24
CA LYS C 280 -16.11 -52.98 7.50
C LYS C 280 -17.60 -53.20 7.24
N VAL C 281 -18.26 -52.26 6.53
CA VAL C 281 -19.70 -52.35 6.22
C VAL C 281 -19.98 -53.47 5.18
N GLU C 282 -19.01 -53.81 4.31
CA GLU C 282 -19.16 -54.86 3.30
C GLU C 282 -18.63 -56.22 3.76
N SER C 283 -18.89 -56.54 5.04
CA SER C 283 -18.56 -57.78 5.74
C SER C 283 -17.10 -58.30 5.46
N GLN C 284 -16.11 -57.42 5.57
CA GLN C 284 -14.70 -57.76 5.37
C GLN C 284 -13.83 -57.07 6.43
N PRO C 285 -14.04 -57.30 7.75
CA PRO C 285 -13.23 -56.58 8.76
C PRO C 285 -11.79 -57.05 8.88
N ALA C 286 -11.45 -58.15 8.18
CA ALA C 286 -10.11 -58.70 8.18
C ALA C 286 -9.19 -57.82 7.34
N ARG C 287 -9.69 -57.39 6.16
CA ARG C 287 -8.95 -56.51 5.24
C ARG C 287 -8.93 -55.07 5.76
N ALA C 288 -10.05 -54.61 6.37
CA ALA C 288 -10.20 -53.28 6.95
C ALA C 288 -9.17 -53.05 8.07
N ALA C 289 -9.06 -53.98 9.02
CA ALA C 289 -8.12 -53.87 10.14
C ALA C 289 -6.66 -54.03 9.72
N SER C 290 -6.38 -54.78 8.64
CA SER C 290 -5.01 -55.00 8.15
C SER C 290 -4.45 -53.79 7.42
N ILE C 291 -5.34 -53.02 6.73
CA ILE C 291 -5.00 -51.78 6.00
C ILE C 291 -4.70 -50.68 7.01
N THR C 292 -5.61 -50.47 8.00
CA THR C 292 -5.49 -49.49 9.08
C THR C 292 -4.22 -49.71 9.90
N ARG C 293 -3.82 -50.97 10.10
CA ARG C 293 -2.62 -51.29 10.85
C ARG C 293 -1.37 -51.01 10.04
N ALA C 294 -1.44 -51.23 8.70
CA ALA C 294 -0.33 -51.00 7.76
C ALA C 294 -0.05 -49.51 7.61
N SER C 295 -1.13 -48.69 7.52
CA SER C 295 -1.11 -47.24 7.41
C SER C 295 -0.35 -46.57 8.55
N ARG C 296 -0.39 -47.14 9.77
CA ARG C 296 0.31 -46.64 10.96
C ARG C 296 1.83 -46.52 10.75
N ILE C 297 2.39 -47.38 9.88
CA ILE C 297 3.81 -47.39 9.55
C ILE C 297 4.02 -46.78 8.16
N ALA C 298 3.17 -47.16 7.18
CA ALA C 298 3.25 -46.69 5.79
C ALA C 298 3.22 -45.17 5.64
N PHE C 299 2.28 -44.48 6.33
CA PHE C 299 2.16 -43.03 6.28
C PHE C 299 3.44 -42.34 6.80
N PRO C 300 3.92 -42.50 8.06
CA PRO C 300 5.16 -41.83 8.46
C PRO C 300 6.40 -42.20 7.66
N VAL C 301 6.51 -43.45 7.20
CA VAL C 301 7.66 -43.92 6.44
C VAL C 301 7.69 -43.29 5.04
N VAL C 302 6.57 -43.35 4.29
CA VAL C 302 6.43 -42.75 2.94
C VAL C 302 6.67 -41.23 3.01
N PHE C 303 6.15 -40.56 4.08
CA PHE C 303 6.36 -39.14 4.32
C PHE C 303 7.84 -38.83 4.51
N LEU C 304 8.50 -39.51 5.47
CA LEU C 304 9.92 -39.36 5.76
C LEU C 304 10.80 -39.60 4.52
N LEU C 305 10.48 -40.64 3.74
CA LEU C 305 11.23 -40.97 2.52
C LEU C 305 11.05 -39.94 1.43
N ALA C 306 9.79 -39.50 1.17
CA ALA C 306 9.45 -38.49 0.16
C ALA C 306 10.10 -37.15 0.47
N ASN C 307 10.24 -36.77 1.76
CA ASN C 307 10.93 -35.56 2.22
C ASN C 307 12.42 -35.64 1.88
N ILE C 308 13.03 -36.82 2.12
CA ILE C 308 14.44 -37.06 1.81
C ILE C 308 14.66 -36.95 0.30
N ILE C 309 13.72 -37.47 -0.51
CA ILE C 309 13.77 -37.39 -1.98
C ILE C 309 13.72 -35.91 -2.44
N LEU C 310 12.81 -35.09 -1.82
CA LEU C 310 12.67 -33.65 -2.14
C LEU C 310 13.89 -32.87 -1.70
N ALA C 311 14.36 -33.11 -0.45
CA ALA C 311 15.54 -32.45 0.07
C ALA C 311 16.75 -32.75 -0.81
N PHE C 312 16.84 -34.00 -1.34
CA PHE C 312 17.92 -34.41 -2.23
C PHE C 312 17.80 -33.73 -3.59
N LEU C 313 16.58 -33.67 -4.14
CA LEU C 313 16.31 -33.02 -5.43
C LEU C 313 16.60 -31.52 -5.41
N PHE C 314 16.25 -30.82 -4.30
CA PHE C 314 16.44 -29.37 -4.19
C PHE C 314 17.83 -28.96 -3.69
N PHE C 315 18.55 -29.86 -3.00
CA PHE C 315 19.88 -29.56 -2.44
C PHE C 315 20.88 -30.71 -2.69
N VAL D 5 31.86 31.49 -0.14
CA VAL D 5 31.71 30.17 -0.75
C VAL D 5 33.05 29.39 -0.75
N SER D 6 33.68 29.37 0.43
CA SER D 6 34.94 28.71 0.77
C SER D 6 34.91 28.51 2.28
N PRO D 7 35.45 27.42 2.87
CA PRO D 7 35.36 27.28 4.34
C PRO D 7 36.16 28.33 5.13
N PRO D 8 35.77 28.68 6.39
CA PRO D 8 36.51 29.71 7.12
C PRO D 8 37.95 29.33 7.41
N PRO D 9 38.91 30.29 7.41
CA PRO D 9 40.31 29.91 7.64
C PRO D 9 40.62 29.63 9.12
N PRO D 10 41.49 28.63 9.43
CA PRO D 10 41.79 28.35 10.85
C PRO D 10 42.73 29.37 11.45
N ILE D 11 42.57 29.67 12.75
CA ILE D 11 43.48 30.63 13.41
C ILE D 11 44.89 30.02 13.56
N ALA D 12 44.91 28.72 13.92
CA ALA D 12 46.05 27.83 14.06
C ALA D 12 45.53 26.66 13.23
N ASP D 13 46.10 25.46 13.41
CA ASP D 13 45.79 24.23 12.69
C ASP D 13 44.65 23.39 13.36
N GLU D 14 43.60 24.08 13.84
CA GLU D 14 42.46 23.46 14.50
C GLU D 14 41.30 23.14 13.52
N PRO D 15 40.50 22.07 13.77
CA PRO D 15 39.39 21.80 12.84
C PRO D 15 38.21 22.69 13.20
N LEU D 16 37.28 22.87 12.24
CA LEU D 16 36.07 23.66 12.48
C LEU D 16 35.07 22.84 13.30
N THR D 17 34.61 23.41 14.40
CA THR D 17 33.64 22.77 15.26
C THR D 17 32.26 23.29 14.93
N VAL D 18 31.39 22.39 14.53
CA VAL D 18 30.03 22.73 14.20
C VAL D 18 29.18 22.19 15.34
N ASN D 19 28.69 23.10 16.20
CA ASN D 19 27.84 22.73 17.33
C ASN D 19 26.44 22.47 16.78
N THR D 20 25.89 21.30 17.12
CA THR D 20 24.59 20.88 16.65
C THR D 20 23.59 20.78 17.79
N GLY D 21 22.33 20.85 17.39
CA GLY D 21 21.19 20.66 18.26
C GLY D 21 20.07 20.16 17.37
N ILE D 22 19.22 19.28 17.94
CA ILE D 22 18.02 18.77 17.32
C ILE D 22 16.87 18.94 18.32
N TYR D 23 15.77 19.61 17.89
CA TYR D 23 14.58 19.82 18.70
C TYR D 23 13.35 19.18 18.02
N LEU D 24 12.87 18.03 18.56
CA LEU D 24 11.73 17.32 17.98
C LEU D 24 10.45 18.11 18.09
N ILE D 25 9.88 18.45 16.94
CA ILE D 25 8.60 19.16 16.83
C ILE D 25 7.51 18.09 16.88
N GLU D 26 7.57 17.11 15.95
CA GLU D 26 6.61 16.02 15.82
C GLU D 26 7.32 14.73 15.48
N SER D 27 6.82 13.63 16.00
CA SER D 27 7.28 12.30 15.68
C SER D 27 6.02 11.53 15.24
N TYR D 28 6.11 10.84 14.11
CA TYR D 28 4.96 10.08 13.61
C TYR D 28 5.38 8.82 12.85
N SER D 29 4.41 8.15 12.28
CA SER D 29 4.59 6.97 11.44
C SER D 29 5.74 6.02 11.86
N LEU D 30 5.72 5.49 13.12
CA LEU D 30 6.71 4.48 13.49
C LEU D 30 6.26 3.14 12.90
N ASP D 31 6.94 2.69 11.84
CA ASP D 31 6.61 1.45 11.12
C ASP D 31 7.47 0.31 11.66
N ASP D 32 6.82 -0.68 12.30
CA ASP D 32 7.53 -1.82 12.88
C ASP D 32 8.03 -2.76 11.80
N CYS D 33 7.25 -2.94 10.72
CA CYS D 33 7.61 -3.82 9.60
C CYS D 33 8.80 -3.29 8.86
N ALA D 34 8.80 -1.97 8.58
CA ALA D 34 9.87 -1.32 7.84
C ALA D 34 11.07 -0.90 8.70
N GLU D 35 10.89 -0.90 10.04
CA GLU D 35 11.89 -0.46 11.04
C GLU D 35 12.30 1.00 10.77
N THR D 36 11.33 1.84 10.35
CA THR D 36 11.53 3.26 10.04
C THR D 36 10.59 4.09 10.85
N PHE D 37 10.92 5.37 10.99
CA PHE D 37 10.09 6.31 11.72
C PHE D 37 10.32 7.68 11.14
N LYS D 38 9.23 8.43 10.94
CA LYS D 38 9.29 9.78 10.36
C LYS D 38 9.36 10.79 11.50
N VAL D 39 10.18 11.81 11.33
CA VAL D 39 10.36 12.83 12.35
C VAL D 39 10.31 14.24 11.75
N ASN D 40 9.72 15.21 12.43
CA ASN D 40 9.69 16.62 12.03
C ASN D 40 10.39 17.41 13.16
N ALA D 41 11.50 18.11 12.84
CA ALA D 41 12.30 18.79 13.85
C ALA D 41 13.12 19.99 13.33
N PHE D 42 13.73 20.70 14.28
CA PHE D 42 14.62 21.83 14.05
C PHE D 42 16.02 21.27 14.16
N LEU D 43 16.91 21.72 13.26
CA LEU D 43 18.32 21.39 13.27
C LEU D 43 19.04 22.73 13.38
N SER D 44 19.64 22.96 14.54
CA SER D 44 20.40 24.18 14.78
C SER D 44 21.86 23.86 14.58
N LEU D 45 22.59 24.72 13.90
CA LEU D 45 24.02 24.61 13.65
C LEU D 45 24.71 25.90 14.02
N SER D 46 25.87 25.81 14.69
CA SER D 46 26.63 26.97 15.14
C SER D 46 28.11 26.74 14.91
N TRP D 47 28.78 27.68 14.25
CA TRP D 47 30.22 27.63 13.97
C TRP D 47 30.78 29.05 13.84
N LYS D 48 32.11 29.22 14.01
CA LYS D 48 32.74 30.55 13.90
C LYS D 48 33.46 30.72 12.57
N ASP D 49 33.15 31.81 11.86
CA ASP D 49 33.70 32.21 10.56
C ASP D 49 34.11 33.67 10.75
N ARG D 50 35.41 33.89 11.05
CA ARG D 50 35.98 35.22 11.32
C ARG D 50 35.86 36.22 10.15
N ARG D 51 35.70 35.74 8.91
CA ARG D 51 35.47 36.58 7.74
C ARG D 51 34.14 37.36 7.86
N LEU D 52 33.17 36.80 8.61
CA LEU D 52 31.85 37.38 8.84
C LEU D 52 31.78 38.29 10.08
N ALA D 53 32.91 38.41 10.81
CA ALA D 53 32.99 39.26 12.00
C ALA D 53 32.86 40.76 11.60
N PHE D 54 32.22 41.56 12.46
CA PHE D 54 31.98 42.99 12.19
C PHE D 54 32.02 43.86 13.45
N ASP D 55 32.01 45.20 13.24
CA ASP D 55 31.94 46.16 14.32
C ASP D 55 30.50 46.63 14.38
N PRO D 56 29.80 46.38 15.52
CA PRO D 56 28.39 46.81 15.61
C PRO D 56 28.19 48.33 15.57
N VAL D 57 29.25 49.09 15.86
CA VAL D 57 29.26 50.56 15.85
C VAL D 57 29.16 51.07 14.40
N ARG D 58 30.12 50.68 13.53
CA ARG D 58 30.16 51.08 12.12
C ARG D 58 28.97 50.53 11.32
N SER D 59 28.54 49.29 11.61
CA SER D 59 27.42 48.62 10.94
C SER D 59 26.05 49.12 11.40
N GLY D 60 25.96 49.50 12.67
CA GLY D 60 24.72 50.00 13.25
C GLY D 60 23.71 48.90 13.53
N VAL D 61 24.19 47.64 13.61
CA VAL D 61 23.42 46.42 13.90
C VAL D 61 24.18 45.56 14.91
N ARG D 62 23.47 44.92 15.84
CA ARG D 62 24.13 44.04 16.80
C ARG D 62 24.24 42.58 16.30
N VAL D 63 23.39 42.23 15.30
CA VAL D 63 23.28 40.92 14.63
C VAL D 63 23.01 41.16 13.13
N LYS D 64 23.65 40.37 12.26
CA LYS D 64 23.44 40.45 10.81
C LYS D 64 22.73 39.18 10.35
N THR D 65 21.81 39.32 9.40
CA THR D 65 21.07 38.18 8.84
C THR D 65 21.56 37.98 7.42
N TYR D 66 21.75 36.72 7.02
CA TYR D 66 22.19 36.36 5.67
C TYR D 66 21.27 35.34 5.03
N GLU D 67 21.33 35.25 3.70
CA GLU D 67 20.61 34.24 2.93
C GLU D 67 21.61 33.09 2.82
N PRO D 68 21.15 31.81 2.78
CA PRO D 68 22.10 30.68 2.69
C PRO D 68 23.13 30.78 1.56
N GLU D 69 22.71 31.36 0.43
CA GLU D 69 23.52 31.54 -0.76
C GLU D 69 24.65 32.57 -0.57
N ALA D 70 24.47 33.49 0.38
CA ALA D 70 25.43 34.55 0.65
C ALA D 70 26.67 34.10 1.43
N ILE D 71 26.54 33.11 2.32
CA ILE D 71 27.65 32.67 3.18
C ILE D 71 27.96 31.14 3.09
N TRP D 72 29.10 30.75 3.69
CA TRP D 72 29.52 29.35 3.76
C TRP D 72 28.77 28.69 4.92
N ILE D 73 28.06 27.58 4.59
CA ILE D 73 27.30 26.75 5.52
C ILE D 73 27.78 25.29 5.38
N PRO D 74 28.10 24.58 6.48
CA PRO D 74 28.58 23.18 6.36
C PRO D 74 27.52 22.21 5.86
N GLU D 75 27.86 21.29 4.95
CA GLU D 75 26.88 20.34 4.48
C GLU D 75 26.71 19.21 5.48
N ILE D 76 25.66 19.29 6.31
CA ILE D 76 25.33 18.26 7.29
C ILE D 76 24.32 17.31 6.64
N ARG D 77 24.60 16.03 6.69
CA ARG D 77 23.73 14.98 6.17
C ARG D 77 23.42 13.98 7.29
N PHE D 78 22.39 13.17 7.07
CA PHE D 78 21.98 12.12 8.00
C PHE D 78 22.43 10.82 7.36
N VAL D 79 22.99 9.92 8.17
CA VAL D 79 23.51 8.64 7.69
C VAL D 79 22.39 7.67 7.36
N ASN D 80 21.50 7.43 8.35
CA ASN D 80 20.44 6.45 8.28
C ASN D 80 19.07 7.00 7.81
N VAL D 81 19.05 7.67 6.65
CA VAL D 81 17.79 8.15 6.06
C VAL D 81 17.51 7.42 4.74
N GLU D 82 16.21 7.30 4.38
CA GLU D 82 15.82 6.64 3.13
C GLU D 82 16.35 7.52 1.96
N ASN D 83 15.85 8.79 1.90
CA ASN D 83 16.23 9.86 0.96
C ASN D 83 16.60 11.05 1.82
N ALA D 84 17.24 12.06 1.22
CA ALA D 84 17.64 13.23 1.99
C ALA D 84 16.44 13.91 2.63
N ARG D 85 16.66 14.50 3.81
CA ARG D 85 15.64 15.21 4.55
C ARG D 85 15.07 16.38 3.75
N ASP D 86 13.81 16.70 4.00
CA ASP D 86 13.11 17.82 3.41
C ASP D 86 13.45 18.97 4.38
N ALA D 87 14.36 19.87 3.97
CA ALA D 87 14.75 20.97 4.86
C ALA D 87 14.34 22.33 4.34
N ASP D 88 14.05 23.26 5.28
CA ASP D 88 13.70 24.66 5.02
C ASP D 88 14.45 25.51 6.03
N VAL D 89 15.33 26.42 5.55
CA VAL D 89 16.13 27.29 6.42
C VAL D 89 15.19 28.30 7.07
N VAL D 90 15.16 28.28 8.41
CA VAL D 90 14.29 29.16 9.19
C VAL D 90 14.98 30.51 9.45
N ASP D 91 16.25 30.48 9.92
CA ASP D 91 17.00 31.67 10.29
C ASP D 91 18.53 31.44 10.24
N ILE D 92 19.27 32.51 9.86
CA ILE D 92 20.74 32.59 9.85
C ILE D 92 21.10 33.93 10.50
N SER D 93 21.76 33.89 11.65
CA SER D 93 22.14 35.08 12.41
C SER D 93 23.63 35.08 12.70
N VAL D 94 24.32 36.17 12.33
CA VAL D 94 25.75 36.37 12.56
C VAL D 94 25.97 37.45 13.61
N SER D 95 26.72 37.10 14.65
CA SER D 95 27.09 38.01 15.74
C SER D 95 28.43 38.70 15.39
N PRO D 96 28.80 39.84 16.05
CA PRO D 96 30.03 40.56 15.65
C PRO D 96 31.36 39.79 15.69
N ASP D 97 31.44 38.69 16.47
CA ASP D 97 32.67 37.90 16.54
C ASP D 97 32.84 36.92 15.36
N GLY D 98 31.80 36.75 14.55
CA GLY D 98 31.80 35.86 13.41
C GLY D 98 31.10 34.53 13.68
N THR D 99 30.39 34.42 14.83
CA THR D 99 29.63 33.21 15.18
C THR D 99 28.36 33.15 14.35
N VAL D 100 28.20 32.07 13.59
CA VAL D 100 27.03 31.86 12.75
C VAL D 100 26.06 30.98 13.52
N GLN D 101 24.79 31.39 13.58
CA GLN D 101 23.73 30.65 14.23
C GLN D 101 22.71 30.34 13.16
N TYR D 102 22.76 29.12 12.66
CA TYR D 102 21.90 28.60 11.61
C TYR D 102 20.79 27.76 12.27
N LEU D 103 19.59 27.80 11.67
CA LEU D 103 18.41 27.06 12.10
C LEU D 103 17.57 26.70 10.88
N GLU D 104 17.14 25.42 10.84
CA GLU D 104 16.32 24.89 9.77
C GLU D 104 15.29 23.93 10.30
N ARG D 105 14.16 23.82 9.60
CA ARG D 105 13.14 22.86 9.97
C ARG D 105 13.16 21.79 8.90
N PHE D 106 13.28 20.53 9.35
CA PHE D 106 13.40 19.40 8.46
C PHE D 106 12.42 18.29 8.84
N SER D 107 12.14 17.39 7.90
CA SER D 107 11.33 16.22 8.11
C SER D 107 12.08 15.10 7.40
N ALA D 108 12.17 13.90 8.04
CA ALA D 108 12.91 12.77 7.47
C ALA D 108 12.36 11.43 7.92
N ARG D 109 12.42 10.39 7.03
CA ARG D 109 12.03 9.02 7.38
C ARG D 109 13.35 8.30 7.70
N VAL D 110 13.62 8.17 8.99
CA VAL D 110 14.86 7.59 9.53
C VAL D 110 14.77 6.05 9.66
N LEU D 111 15.83 5.33 9.27
CA LEU D 111 15.88 3.86 9.35
C LEU D 111 16.65 3.49 10.60
N SER D 112 16.02 2.77 11.52
CA SER D 112 16.64 2.39 12.78
C SER D 112 16.15 1.00 13.20
N PRO D 113 17.06 0.02 13.35
CA PRO D 113 16.64 -1.36 13.67
C PRO D 113 15.83 -1.52 14.96
N LEU D 114 14.90 -2.48 14.95
CA LEU D 114 14.05 -2.75 16.10
C LEU D 114 14.18 -4.20 16.54
N ASP D 115 14.35 -4.41 17.87
CA ASP D 115 14.48 -5.73 18.47
C ASP D 115 13.19 -6.10 19.19
N PHE D 116 12.45 -7.04 18.60
CA PHE D 116 11.15 -7.51 19.08
C PHE D 116 11.20 -8.76 19.99
N ARG D 117 12.43 -9.15 20.45
CA ARG D 117 12.57 -10.33 21.32
C ARG D 117 11.69 -10.26 22.57
N ARG D 118 11.57 -9.07 23.23
CA ARG D 118 10.75 -8.90 24.43
C ARG D 118 9.34 -8.33 24.18
N TYR D 119 8.84 -8.40 22.92
CA TYR D 119 7.53 -7.87 22.53
C TYR D 119 6.41 -8.57 23.31
N PRO D 120 5.40 -7.86 23.85
CA PRO D 120 5.12 -6.42 23.74
C PRO D 120 5.57 -5.60 24.95
N PHE D 121 6.59 -6.08 25.68
CA PHE D 121 7.13 -5.37 26.86
C PHE D 121 8.49 -4.76 26.52
N ASP D 122 8.75 -4.59 25.21
CA ASP D 122 10.00 -4.08 24.66
C ASP D 122 10.15 -2.59 24.67
N SER D 123 11.42 -2.17 24.77
CA SER D 123 11.87 -0.79 24.70
C SER D 123 12.79 -0.70 23.51
N GLN D 124 12.82 0.46 22.86
CA GLN D 124 13.63 0.71 21.68
C GLN D 124 14.37 2.02 21.81
N THR D 125 15.58 2.09 21.22
CA THR D 125 16.40 3.29 21.15
C THR D 125 16.50 3.62 19.66
N LEU D 126 15.80 4.67 19.25
CA LEU D 126 15.76 5.13 17.86
C LEU D 126 16.89 6.10 17.62
N HIS D 127 17.67 5.85 16.55
CA HIS D 127 18.84 6.64 16.22
C HIS D 127 18.65 7.62 15.05
N ILE D 128 19.31 8.77 15.12
CA ILE D 128 19.38 9.76 14.05
C ILE D 128 20.85 10.11 14.03
N TYR D 129 21.55 9.71 12.95
CA TYR D 129 22.99 9.93 12.84
C TYR D 129 23.36 11.12 11.98
N LEU D 130 23.86 12.19 12.60
CA LEU D 130 24.32 13.36 11.85
C LEU D 130 25.74 13.07 11.39
N ILE D 131 26.15 13.62 10.23
CA ILE D 131 27.49 13.43 9.71
C ILE D 131 27.88 14.62 8.88
N VAL D 132 29.18 14.99 8.95
CA VAL D 132 29.78 16.07 8.17
C VAL D 132 31.07 15.55 7.55
N ARG D 133 31.25 15.80 6.24
CA ARG D 133 32.46 15.40 5.53
C ARG D 133 33.40 16.58 5.50
N SER D 134 34.68 16.34 5.89
CA SER D 134 35.73 17.37 5.90
C SER D 134 36.11 17.80 4.49
N VAL D 135 36.49 19.07 4.34
CA VAL D 135 36.81 19.71 3.04
C VAL D 135 38.32 19.93 2.80
N ASP D 136 38.70 20.23 1.53
CA ASP D 136 40.09 20.39 1.09
C ASP D 136 40.96 21.24 2.02
N THR D 137 40.51 22.48 2.27
CA THR D 137 41.27 23.44 3.07
C THR D 137 41.19 23.23 4.58
N ARG D 138 40.18 22.48 5.10
CA ARG D 138 40.15 22.22 6.55
C ARG D 138 39.21 21.09 6.99
N ASN D 139 39.47 20.53 8.18
CA ASN D 139 38.70 19.44 8.77
C ASN D 139 37.54 19.98 9.56
N ILE D 140 36.38 19.32 9.45
CA ILE D 140 35.15 19.69 10.15
C ILE D 140 34.78 18.59 11.13
N VAL D 141 34.53 19.00 12.39
CA VAL D 141 34.18 18.15 13.52
C VAL D 141 32.84 18.60 14.11
N LEU D 142 31.95 17.65 14.46
CA LEU D 142 30.65 17.96 15.07
C LEU D 142 30.75 17.98 16.61
N ALA D 143 29.88 18.75 17.25
CA ALA D 143 29.77 18.91 18.69
C ALA D 143 28.29 18.99 19.03
N VAL D 144 27.88 18.81 20.30
CA VAL D 144 26.48 18.92 20.72
C VAL D 144 26.27 20.13 21.67
N ASP D 145 25.34 21.04 21.32
CA ASP D 145 24.91 22.14 22.18
C ASP D 145 23.66 21.64 22.89
N LEU D 146 23.80 21.14 24.14
CA LEU D 146 22.72 20.53 24.90
C LEU D 146 21.55 21.47 25.17
N GLU D 147 21.81 22.80 25.17
CA GLU D 147 20.79 23.84 25.35
C GLU D 147 19.88 23.88 24.12
N LYS D 148 20.39 23.42 22.97
CA LYS D 148 19.68 23.38 21.69
C LYS D 148 19.08 21.99 21.37
N VAL D 149 19.22 21.00 22.28
CA VAL D 149 18.68 19.64 22.13
C VAL D 149 17.44 19.53 23.02
N GLY D 150 16.40 18.89 22.50
CA GLY D 150 15.15 18.70 23.20
C GLY D 150 14.01 18.25 22.31
N LYS D 151 12.81 18.17 22.89
CA LYS D 151 11.57 17.77 22.23
C LYS D 151 10.36 18.49 22.80
N ASN D 152 9.40 18.78 21.91
CA ASN D 152 8.11 19.38 22.24
C ASN D 152 7.41 18.43 23.20
N ASP D 153 6.73 18.96 24.22
CA ASP D 153 6.03 18.14 25.22
C ASP D 153 4.88 17.36 24.65
N ASP D 154 4.25 17.88 23.59
CA ASP D 154 3.14 17.25 22.91
C ASP D 154 3.56 16.14 21.88
N VAL D 155 4.89 15.87 21.74
CA VAL D 155 5.41 14.82 20.83
C VAL D 155 4.86 13.47 21.31
N PHE D 156 4.32 12.68 20.37
CA PHE D 156 3.71 11.38 20.71
C PHE D 156 3.89 10.32 19.65
N LEU D 157 3.83 9.07 20.10
CA LEU D 157 3.82 7.88 19.26
C LEU D 157 2.75 6.99 19.93
N THR D 158 1.64 6.75 19.23
CA THR D 158 0.54 5.95 19.75
C THR D 158 1.04 4.56 20.05
N GLY D 159 0.84 4.13 21.30
CA GLY D 159 1.26 2.82 21.79
C GLY D 159 2.67 2.79 22.32
N TRP D 160 3.26 3.98 22.57
CA TRP D 160 4.61 4.11 23.07
C TRP D 160 4.74 5.24 24.07
N ASP D 161 5.68 5.12 25.00
CA ASP D 161 5.99 6.17 25.97
C ASP D 161 7.37 6.69 25.56
N ILE D 162 7.45 7.98 25.14
CA ILE D 162 8.70 8.63 24.73
C ILE D 162 9.46 9.01 26.00
N GLU D 163 10.41 8.16 26.39
CA GLU D 163 11.20 8.34 27.61
C GLU D 163 12.09 9.57 27.52
N SER D 164 12.98 9.63 26.52
CA SER D 164 13.92 10.74 26.37
C SER D 164 14.43 10.92 24.96
N PHE D 165 14.90 12.16 24.66
CA PHE D 165 15.56 12.52 23.41
C PHE D 165 16.92 13.16 23.75
N THR D 166 18.00 12.35 23.69
CA THR D 166 19.36 12.80 24.03
C THR D 166 20.35 12.60 22.88
N ALA D 167 21.61 12.99 23.09
CA ALA D 167 22.66 12.78 22.09
C ALA D 167 23.94 12.32 22.73
N VAL D 168 24.74 11.52 22.03
CA VAL D 168 26.04 11.05 22.52
C VAL D 168 27.00 12.20 22.15
N VAL D 169 27.31 13.08 23.14
CA VAL D 169 28.10 14.31 22.99
C VAL D 169 29.40 14.12 22.26
N LYS D 170 30.08 12.97 22.44
CA LYS D 170 31.36 12.73 21.78
C LYS D 170 31.14 12.15 20.37
N PRO D 171 31.62 12.85 19.31
CA PRO D 171 31.40 12.37 17.94
C PRO D 171 32.30 11.19 17.53
N ALA D 172 31.90 10.42 16.52
CA ALA D 172 32.68 9.33 15.98
C ALA D 172 33.40 9.86 14.75
N ASN D 173 34.69 10.17 14.88
CA ASN D 173 35.51 10.67 13.78
C ASN D 173 36.28 9.52 13.16
N PHE D 174 36.22 9.41 11.84
CA PHE D 174 36.83 8.33 11.08
C PHE D 174 37.06 8.77 9.65
N ALA D 175 37.84 8.03 8.90
CA ALA D 175 38.13 8.33 7.51
C ALA D 175 37.15 7.61 6.63
N LEU D 176 36.66 8.26 5.61
CA LEU D 176 35.73 7.68 4.64
C LEU D 176 35.95 8.33 3.27
N GLU D 177 36.39 7.51 2.31
CA GLU D 177 36.76 7.88 0.94
C GLU D 177 37.84 8.98 0.96
N ASP D 178 38.91 8.74 1.74
CA ASP D 178 40.10 9.58 1.89
C ASP D 178 39.85 10.94 2.53
N ARG D 179 38.73 11.09 3.27
CA ARG D 179 38.43 12.33 4.00
C ARG D 179 37.89 12.02 5.39
N LEU D 180 38.20 12.90 6.35
CA LEU D 180 37.73 12.74 7.73
C LEU D 180 36.22 13.02 7.75
N GLU D 181 35.48 12.24 8.53
CA GLU D 181 34.06 12.46 8.67
C GLU D 181 33.72 12.41 10.15
N SER D 182 32.97 13.40 10.66
CA SER D 182 32.59 13.46 12.07
C SER D 182 31.11 13.07 12.15
N LYS D 183 30.78 12.04 12.96
CA LYS D 183 29.41 11.50 13.11
C LYS D 183 28.83 11.67 14.53
N LEU D 184 27.58 12.16 14.64
CA LEU D 184 26.89 12.29 15.93
C LEU D 184 25.70 11.32 16.10
N ASP D 185 25.53 10.78 17.31
CA ASP D 185 24.44 9.85 17.59
C ASP D 185 23.35 10.54 18.43
N TYR D 186 22.15 10.72 17.82
CA TYR D 186 20.97 11.29 18.49
C TYR D 186 20.04 10.12 18.82
N GLN D 187 19.80 9.88 20.13
CA GLN D 187 18.96 8.79 20.58
C GLN D 187 17.57 9.24 21.11
N LEU D 188 16.52 8.51 20.66
CA LEU D 188 15.14 8.70 21.07
C LEU D 188 14.73 7.38 21.71
N ARG D 189 14.62 7.36 23.04
CA ARG D 189 14.26 6.17 23.79
C ARG D 189 12.76 6.08 24.00
N ILE D 190 12.18 4.98 23.55
CA ILE D 190 10.74 4.72 23.61
C ILE D 190 10.49 3.35 24.22
N SER D 191 9.41 3.20 25.00
CA SER D 191 9.00 1.94 25.64
C SER D 191 7.51 1.70 25.30
N ARG D 192 7.15 0.46 24.94
CA ARG D 192 5.80 0.13 24.49
C ARG D 192 4.73 0.22 25.59
N GLN D 193 3.58 0.83 25.26
CA GLN D 193 2.45 0.97 26.17
C GLN D 193 1.27 0.23 25.54
N TYR D 194 1.24 -1.08 25.73
CA TYR D 194 0.20 -1.94 25.20
C TYR D 194 -0.47 -2.62 26.39
N PHE D 195 -1.38 -1.87 27.00
CA PHE D 195 -2.13 -2.31 28.17
C PHE D 195 -3.11 -3.37 27.73
N SER D 196 -3.89 -3.01 26.70
CA SER D 196 -4.91 -3.80 26.06
C SER D 196 -4.43 -5.13 25.46
N TYR D 197 -3.13 -5.41 25.52
CA TYR D 197 -2.57 -6.65 25.01
C TYR D 197 -3.07 -7.87 25.77
N ILE D 198 -3.16 -7.77 27.09
CA ILE D 198 -3.64 -8.86 27.95
C ILE D 198 -5.11 -9.20 27.60
N PRO D 199 -6.11 -8.29 27.77
CA PRO D 199 -7.49 -8.63 27.39
C PRO D 199 -7.77 -8.87 25.90
N ASN D 200 -6.96 -8.29 24.98
CA ASN D 200 -7.29 -8.43 23.56
C ASN D 200 -6.59 -9.58 22.84
N ILE D 201 -5.42 -10.01 23.35
CA ILE D 201 -4.66 -11.08 22.68
C ILE D 201 -4.42 -12.28 23.58
N ILE D 202 -3.90 -12.09 24.82
CA ILE D 202 -3.58 -13.21 25.71
C ILE D 202 -4.85 -13.94 26.21
N LEU D 203 -5.72 -13.25 26.98
CA LEU D 203 -6.90 -13.86 27.56
C LEU D 203 -7.75 -14.62 26.56
N PRO D 204 -8.17 -14.10 25.38
CA PRO D 204 -8.96 -14.96 24.49
C PRO D 204 -8.17 -16.15 23.94
N MET D 205 -6.85 -16.01 23.79
CA MET D 205 -6.02 -17.10 23.30
C MET D 205 -5.91 -18.19 24.32
N LEU D 206 -5.84 -17.85 25.64
CA LEU D 206 -5.79 -18.82 26.74
C LEU D 206 -7.14 -19.52 26.93
N PHE D 207 -8.26 -18.79 26.79
CA PHE D 207 -9.61 -19.35 26.88
C PHE D 207 -9.77 -20.48 25.86
N ILE D 208 -9.33 -20.27 24.61
CA ILE D 208 -9.44 -21.27 23.53
C ILE D 208 -8.66 -22.55 23.92
N LEU D 209 -7.48 -22.39 24.57
CA LEU D 209 -6.64 -23.48 25.05
C LEU D 209 -7.35 -24.20 26.20
N PHE D 210 -7.92 -23.43 27.16
CA PHE D 210 -8.65 -23.96 28.29
C PHE D 210 -9.86 -24.78 27.86
N ILE D 211 -10.57 -24.37 26.79
CA ILE D 211 -11.70 -25.13 26.24
C ILE D 211 -11.20 -26.52 25.78
N SER D 212 -9.99 -26.62 25.19
CA SER D 212 -9.43 -27.91 24.77
C SER D 212 -9.15 -28.85 25.97
N TRP D 213 -8.93 -28.25 27.15
CA TRP D 213 -8.63 -28.95 28.38
C TRP D 213 -9.88 -29.58 29.05
N THR D 214 -11.10 -29.25 28.55
CA THR D 214 -12.32 -29.84 29.09
C THR D 214 -12.50 -31.30 28.63
N ALA D 215 -11.68 -31.76 27.68
CA ALA D 215 -11.68 -33.14 27.17
C ALA D 215 -11.14 -34.13 28.22
N PHE D 216 -10.52 -33.59 29.31
CA PHE D 216 -10.00 -34.39 30.41
C PHE D 216 -11.10 -34.76 31.43
N TRP D 217 -12.30 -34.14 31.27
CA TRP D 217 -13.51 -34.38 32.07
C TRP D 217 -14.63 -34.93 31.16
N SER D 218 -14.23 -35.79 30.20
CA SER D 218 -15.12 -36.45 29.23
C SER D 218 -14.48 -37.75 28.73
N THR D 219 -15.33 -38.77 28.54
CA THR D 219 -14.91 -40.11 28.06
C THR D 219 -15.30 -40.31 26.59
N SER D 220 -16.18 -39.43 26.06
CA SER D 220 -16.65 -39.47 24.67
C SER D 220 -15.55 -39.06 23.70
N TYR D 221 -15.02 -40.03 22.90
CA TYR D 221 -13.95 -39.77 21.93
C TYR D 221 -14.44 -38.83 20.85
N GLU D 222 -15.72 -38.94 20.44
CA GLU D 222 -16.32 -38.07 19.44
C GLU D 222 -16.38 -36.62 19.93
N ALA D 223 -16.81 -36.41 21.19
CA ALA D 223 -16.86 -35.07 21.80
C ALA D 223 -15.46 -34.52 22.07
N ASN D 224 -14.49 -35.40 22.42
CA ASN D 224 -13.10 -35.03 22.68
C ASN D 224 -12.35 -34.62 21.41
N VAL D 225 -12.59 -35.34 20.28
CA VAL D 225 -12.00 -35.02 18.98
C VAL D 225 -12.54 -33.64 18.52
N THR D 226 -13.87 -33.41 18.68
CA THR D 226 -14.50 -32.13 18.34
C THR D 226 -13.97 -31.03 19.26
N LEU D 227 -13.72 -31.32 20.54
CA LEU D 227 -13.16 -30.31 21.44
C LEU D 227 -11.76 -29.87 21.04
N VAL D 228 -10.77 -30.78 21.04
CA VAL D 228 -9.37 -30.44 20.76
C VAL D 228 -9.11 -29.95 19.31
N VAL D 229 -9.73 -30.55 18.28
CA VAL D 229 -9.44 -30.13 16.91
C VAL D 229 -10.20 -28.82 16.55
N SER D 230 -11.43 -28.62 17.04
CA SER D 230 -12.13 -27.35 16.75
C SER D 230 -11.49 -26.17 17.46
N THR D 231 -10.93 -26.38 18.68
CA THR D 231 -10.23 -25.31 19.39
C THR D 231 -8.91 -24.97 18.69
N LEU D 232 -8.28 -25.96 18.02
CA LEU D 232 -7.06 -25.73 17.25
C LEU D 232 -7.42 -24.79 16.08
N ILE D 233 -8.57 -25.03 15.41
CA ILE D 233 -9.07 -24.20 14.32
C ILE D 233 -9.36 -22.81 14.87
N ALA D 234 -10.09 -22.70 16.01
CA ALA D 234 -10.40 -21.43 16.67
C ALA D 234 -9.14 -20.65 17.04
N HIS D 235 -8.06 -21.35 17.48
CA HIS D 235 -6.77 -20.77 17.83
C HIS D 235 -6.10 -20.20 16.60
N ILE D 236 -5.95 -21.03 15.54
CA ILE D 236 -5.37 -20.58 14.27
C ILE D 236 -6.16 -19.37 13.74
N ALA D 237 -7.52 -19.45 13.71
CA ALA D 237 -8.37 -18.34 13.27
C ALA D 237 -8.14 -17.12 14.13
N PHE D 238 -7.97 -17.29 15.46
CA PHE D 238 -7.69 -16.16 16.35
C PHE D 238 -6.33 -15.55 16.05
N ASN D 239 -5.32 -16.37 15.72
CA ASN D 239 -4.01 -15.84 15.36
C ASN D 239 -4.06 -15.02 14.07
N ILE D 240 -4.87 -15.43 13.07
CA ILE D 240 -5.07 -14.68 11.82
C ILE D 240 -5.68 -13.32 12.21
N LEU D 241 -6.65 -13.30 13.12
CA LEU D 241 -7.28 -12.07 13.59
C LEU D 241 -6.24 -11.13 14.25
N VAL D 242 -5.37 -11.65 15.14
CA VAL D 242 -4.41 -10.80 15.84
C VAL D 242 -3.02 -10.77 15.16
N GLU D 243 -2.97 -11.12 13.84
CA GLU D 243 -1.74 -11.14 13.01
C GLU D 243 -1.16 -9.74 12.92
N THR D 244 0.17 -9.61 13.13
CA THR D 244 0.91 -8.35 13.18
C THR D 244 0.99 -7.58 11.86
N ASN D 245 0.64 -8.18 10.70
CA ASN D 245 0.68 -7.46 9.41
C ASN D 245 2.11 -7.12 8.89
N CYS D 246 3.16 -7.54 9.64
CA CYS D 246 4.57 -7.37 9.28
C CYS D 246 5.03 -8.78 8.90
N PRO D 247 6.07 -8.92 7.99
CA PRO D 247 6.57 -10.28 7.70
C PRO D 247 7.14 -10.88 8.98
N LYS D 248 7.03 -12.21 9.11
CA LYS D 248 7.50 -12.93 10.31
C LYS D 248 8.94 -12.58 10.68
N THR D 249 9.15 -12.37 11.98
CA THR D 249 10.41 -12.04 12.61
C THR D 249 11.39 -13.21 12.38
N PRO D 250 12.58 -12.96 11.79
CA PRO D 250 13.54 -14.06 11.53
C PRO D 250 14.10 -14.77 12.77
N TYR D 251 14.06 -14.07 13.92
CA TYR D 251 14.49 -14.56 15.22
C TYR D 251 13.28 -14.91 16.09
N MET D 252 13.49 -15.73 17.14
CA MET D 252 12.43 -16.14 18.05
C MET D 252 12.12 -15.05 19.11
N THR D 253 10.85 -14.63 19.15
CA THR D 253 10.35 -13.63 20.09
C THR D 253 9.71 -14.29 21.31
N TYR D 254 9.46 -13.50 22.39
CA TYR D 254 8.83 -13.99 23.61
C TYR D 254 7.42 -14.49 23.30
N THR D 255 6.59 -13.64 22.66
CA THR D 255 5.22 -13.97 22.24
C THR D 255 5.23 -15.17 21.28
N GLY D 256 6.28 -15.26 20.46
CA GLY D 256 6.45 -16.33 19.49
C GLY D 256 6.67 -17.69 20.11
N ALA D 257 7.40 -17.72 21.25
CA ALA D 257 7.70 -18.94 22.02
C ALA D 257 6.41 -19.46 22.70
N ILE D 258 5.63 -18.56 23.38
CA ILE D 258 4.33 -18.86 24.00
C ILE D 258 3.40 -19.50 22.95
N ILE D 259 3.20 -18.84 21.79
CA ILE D 259 2.34 -19.33 20.72
C ILE D 259 2.86 -20.69 20.18
N PHE D 260 4.19 -20.90 20.12
CA PHE D 260 4.73 -22.19 19.69
C PHE D 260 4.36 -23.28 20.69
N MET D 261 4.49 -22.93 21.99
CA MET D 261 4.17 -23.79 23.11
C MET D 261 2.68 -24.18 23.11
N ILE D 262 1.80 -23.22 22.78
CA ILE D 262 0.36 -23.43 22.65
C ILE D 262 0.06 -24.44 21.54
N TYR D 263 0.78 -24.39 20.40
CA TYR D 263 0.60 -25.36 19.31
C TYR D 263 1.04 -26.76 19.76
N LEU D 264 2.10 -26.84 20.60
CA LEU D 264 2.63 -28.10 21.14
C LEU D 264 1.59 -28.75 22.08
N PHE D 265 0.94 -27.92 22.93
CA PHE D 265 -0.11 -28.33 23.87
C PHE D 265 -1.35 -28.89 23.15
N TYR D 266 -1.68 -28.39 21.94
CA TYR D 266 -2.81 -28.91 21.17
C TYR D 266 -2.44 -30.28 20.61
N PHE D 267 -1.15 -30.48 20.31
CA PHE D 267 -0.69 -31.76 19.77
C PHE D 267 -0.63 -32.80 20.88
N VAL D 268 -0.10 -32.43 22.07
CA VAL D 268 0.01 -33.31 23.23
C VAL D 268 -1.40 -33.70 23.75
N ALA D 269 -2.37 -32.77 23.72
CA ALA D 269 -3.75 -33.04 24.12
C ALA D 269 -4.42 -34.00 23.15
N VAL D 270 -4.05 -34.01 21.85
CA VAL D 270 -4.61 -34.96 20.87
C VAL D 270 -4.03 -36.35 21.18
N ILE D 271 -2.70 -36.42 21.46
CA ILE D 271 -2.01 -37.66 21.84
C ILE D 271 -2.71 -38.31 23.05
N GLU D 272 -3.03 -37.52 24.11
CA GLU D 272 -3.75 -37.98 25.30
C GLU D 272 -5.13 -38.56 24.89
N VAL D 273 -5.97 -37.76 24.20
CA VAL D 273 -7.30 -38.15 23.71
C VAL D 273 -7.24 -39.44 22.86
N THR D 274 -6.19 -39.60 22.05
CA THR D 274 -5.99 -40.79 21.21
C THR D 274 -5.60 -42.00 22.09
N VAL D 275 -4.70 -41.80 23.09
CA VAL D 275 -4.24 -42.84 24.02
C VAL D 275 -5.40 -43.33 24.89
N GLN D 276 -6.14 -42.39 25.54
CA GLN D 276 -7.32 -42.65 26.39
C GLN D 276 -8.27 -43.62 25.69
N HIS D 277 -8.73 -43.28 24.47
CA HIS D 277 -9.63 -44.08 23.64
C HIS D 277 -9.03 -45.43 23.23
N TYR D 278 -7.73 -45.47 22.86
CA TYR D 278 -7.08 -46.73 22.48
C TYR D 278 -6.97 -47.67 23.65
N LEU D 279 -6.65 -47.15 24.87
CA LEU D 279 -6.58 -47.99 26.08
C LEU D 279 -7.96 -48.51 26.47
N LYS D 280 -9.00 -47.67 26.32
CA LYS D 280 -10.39 -48.01 26.59
C LYS D 280 -10.87 -49.13 25.65
N VAL D 281 -10.62 -48.99 24.33
CA VAL D 281 -10.99 -49.99 23.32
C VAL D 281 -10.13 -51.29 23.45
N GLU D 282 -8.89 -51.18 23.95
CA GLU D 282 -7.98 -52.33 24.14
C GLU D 282 -8.05 -52.92 25.55
N SER D 283 -9.29 -53.00 26.09
CA SER D 283 -9.65 -53.58 27.39
C SER D 283 -8.69 -53.17 28.55
N GLN D 284 -8.39 -51.87 28.68
CA GLN D 284 -7.53 -51.36 29.75
C GLN D 284 -8.11 -50.03 30.29
N PRO D 285 -9.36 -50.00 30.83
CA PRO D 285 -9.93 -48.71 31.28
C PRO D 285 -9.33 -48.18 32.59
N ALA D 286 -8.48 -48.98 33.24
CA ALA D 286 -7.81 -48.60 34.49
C ALA D 286 -6.71 -47.62 34.17
N ARG D 287 -5.94 -47.89 33.10
CA ARG D 287 -4.84 -47.02 32.66
C ARG D 287 -5.38 -45.78 31.94
N ALA D 288 -6.46 -45.94 31.14
CA ALA D 288 -7.12 -44.85 30.42
C ALA D 288 -7.65 -43.78 31.39
N ALA D 289 -8.37 -44.19 32.44
CA ALA D 289 -8.92 -43.26 33.43
C ALA D 289 -7.84 -42.61 34.31
N SER D 290 -6.72 -43.30 34.55
CA SER D 290 -5.65 -42.77 35.40
C SER D 290 -4.82 -41.70 34.70
N ILE D 291 -4.68 -41.82 33.36
CA ILE D 291 -3.97 -40.86 32.49
C ILE D 291 -4.81 -39.58 32.38
N THR D 292 -6.11 -39.71 32.04
CA THR D 292 -7.08 -38.62 31.91
C THR D 292 -7.20 -37.82 33.21
N ARG D 293 -7.10 -38.49 34.36
CA ARG D 293 -7.18 -37.83 35.66
C ARG D 293 -5.90 -37.07 35.97
N ALA D 294 -4.75 -37.62 35.54
CA ALA D 294 -3.42 -37.02 35.74
C ALA D 294 -3.27 -35.74 34.90
N SER D 295 -3.75 -35.79 33.64
CA SER D 295 -3.75 -34.71 32.66
C SER D 295 -4.45 -33.45 33.18
N ARG D 296 -5.50 -33.61 34.00
CA ARG D 296 -6.27 -32.51 34.61
C ARG D 296 -5.38 -31.57 35.45
N ILE D 297 -4.30 -32.10 36.01
CA ILE D 297 -3.36 -31.33 36.84
C ILE D 297 -2.07 -31.10 36.03
N ALA D 298 -1.57 -32.15 35.32
CA ALA D 298 -0.33 -32.09 34.53
C ALA D 298 -0.33 -30.99 33.48
N PHE D 299 -1.42 -30.86 32.69
CA PHE D 299 -1.53 -29.83 31.65
C PHE D 299 -1.45 -28.41 32.24
N PRO D 300 -2.34 -27.94 33.16
CA PRO D 300 -2.16 -26.58 33.71
C PRO D 300 -0.85 -26.33 34.46
N VAL D 301 -0.30 -27.34 35.15
CA VAL D 301 0.95 -27.20 35.91
C VAL D 301 2.15 -27.05 34.96
N VAL D 302 2.29 -27.96 33.96
CA VAL D 302 3.36 -27.92 32.95
C VAL D 302 3.29 -26.60 32.16
N PHE D 303 2.07 -26.14 31.82
CA PHE D 303 1.86 -24.87 31.13
C PHE D 303 2.36 -23.70 31.97
N LEU D 304 1.88 -23.57 33.22
CA LEU D 304 2.27 -22.53 34.16
C LEU D 304 3.79 -22.50 34.39
N LEU D 305 4.41 -23.68 34.53
CA LEU D 305 5.86 -23.79 34.76
C LEU D 305 6.66 -23.38 33.53
N ALA D 306 6.26 -23.87 32.33
CA ALA D 306 6.92 -23.56 31.06
C ALA D 306 6.87 -22.07 30.73
N ASN D 307 5.75 -21.38 31.10
CA ASN D 307 5.59 -19.94 30.93
C ASN D 307 6.57 -19.18 31.82
N ILE D 308 6.77 -19.66 33.08
CA ILE D 308 7.72 -19.07 34.04
C ILE D 308 9.15 -19.24 33.50
N ILE D 309 9.45 -20.41 32.90
CA ILE D 309 10.75 -20.71 32.29
C ILE D 309 11.04 -19.73 31.12
N LEU D 310 10.02 -19.49 30.25
CA LEU D 310 10.12 -18.56 29.12
C LEU D 310 10.27 -17.14 29.58
N ALA D 311 9.42 -16.71 30.53
CA ALA D 311 9.48 -15.36 31.09
C ALA D 311 10.84 -15.12 31.73
N PHE D 312 11.43 -16.15 32.39
CA PHE D 312 12.75 -16.05 33.00
C PHE D 312 13.84 -15.96 31.93
N LEU D 313 13.73 -16.77 30.87
CA LEU D 313 14.68 -16.77 29.74
C LEU D 313 14.71 -15.44 28.96
N PHE D 314 13.53 -14.82 28.75
CA PHE D 314 13.41 -13.56 27.99
C PHE D 314 13.60 -12.30 28.83
N PHE D 315 13.40 -12.39 30.18
CA PHE D 315 13.51 -11.24 31.08
C PHE D 315 14.28 -11.61 32.37
N VAL E 5 13.47 42.57 1.57
CA VAL E 5 13.91 41.29 2.14
C VAL E 5 14.50 41.49 3.56
N SER E 6 13.73 42.21 4.38
CA SER E 6 13.98 42.55 5.77
C SER E 6 12.58 42.82 6.39
N PRO E 7 12.27 42.51 7.67
CA PRO E 7 10.91 42.78 8.19
C PRO E 7 10.55 44.27 8.28
N PRO E 8 9.25 44.66 8.18
CA PRO E 8 8.91 46.09 8.24
C PRO E 8 9.25 46.77 9.56
N PRO E 9 9.66 48.05 9.56
CA PRO E 9 10.02 48.69 10.84
C PRO E 9 8.82 49.07 11.71
N PRO E 10 8.91 48.95 13.04
CA PRO E 10 7.76 49.32 13.88
C PRO E 10 7.58 50.82 14.05
N ILE E 11 6.33 51.31 14.17
CA ILE E 11 6.08 52.75 14.37
C ILE E 11 6.49 53.17 15.79
N ALA E 12 6.14 52.33 16.76
CA ALA E 12 6.49 52.38 18.16
C ALA E 12 6.96 50.94 18.31
N ASP E 13 7.20 50.50 19.53
CA ASP E 13 7.74 49.20 19.95
C ASP E 13 6.70 48.05 19.94
N GLU E 14 5.81 48.06 18.92
CA GLU E 14 4.77 47.04 18.75
C GLU E 14 5.20 45.84 17.86
N PRO E 15 4.69 44.60 18.11
CA PRO E 15 5.06 43.49 17.24
C PRO E 15 4.21 43.53 15.98
N LEU E 16 4.69 42.87 14.90
CA LEU E 16 3.93 42.80 13.65
C LEU E 16 2.80 41.79 13.77
N THR E 17 1.58 42.24 13.45
CA THR E 17 0.41 41.39 13.48
C THR E 17 0.09 40.87 12.08
N VAL E 18 0.11 39.56 11.97
CA VAL E 18 -0.18 38.90 10.73
C VAL E 18 -1.58 38.27 10.93
N ASN E 19 -2.62 38.87 10.28
CA ASN E 19 -3.99 38.33 10.33
C ASN E 19 -4.05 37.13 9.39
N THR E 20 -4.52 36.00 9.93
CA THR E 20 -4.65 34.73 9.23
C THR E 20 -6.11 34.27 9.09
N GLY E 21 -6.31 33.33 8.18
CA GLY E 21 -7.57 32.67 7.90
C GLY E 21 -7.33 31.46 7.02
N ILE E 22 -7.83 30.26 7.46
CA ILE E 22 -7.79 29.03 6.67
C ILE E 22 -9.22 28.74 6.13
N TYR E 23 -9.38 28.53 4.81
CA TYR E 23 -10.69 28.18 4.23
C TYR E 23 -10.58 26.80 3.55
N LEU E 24 -11.18 25.76 4.16
CA LEU E 24 -11.11 24.39 3.64
C LEU E 24 -11.80 24.24 2.33
N ILE E 25 -11.03 23.90 1.29
CA ILE E 25 -11.53 23.63 -0.07
C ILE E 25 -11.98 22.17 -0.14
N GLU E 26 -11.09 21.23 0.20
CA GLU E 26 -11.37 19.81 0.22
C GLU E 26 -10.68 19.19 1.42
N SER E 27 -11.35 18.20 2.02
CA SER E 27 -10.80 17.42 3.11
C SER E 27 -10.91 15.98 2.62
N TYR E 28 -9.82 15.21 2.73
CA TYR E 28 -9.84 13.82 2.27
C TYR E 28 -8.90 12.92 3.10
N SER E 29 -8.84 11.65 2.71
CA SER E 29 -7.97 10.65 3.30
C SER E 29 -7.81 10.72 4.84
N LEU E 30 -8.94 10.75 5.62
CA LEU E 30 -8.81 10.69 7.09
C LEU E 30 -8.42 9.25 7.46
N ASP E 31 -7.15 9.05 7.83
CA ASP E 31 -6.60 7.75 8.19
C ASP E 31 -6.66 7.57 9.69
N ASP E 32 -7.48 6.63 10.14
CA ASP E 32 -7.64 6.37 11.57
C ASP E 32 -6.41 5.68 12.14
N CYS E 33 -5.77 4.79 11.35
CA CYS E 33 -4.58 4.04 11.76
C CYS E 33 -3.42 4.98 11.97
N ALA E 34 -3.19 5.89 11.00
CA ALA E 34 -2.10 6.86 11.02
C ALA E 34 -2.37 8.11 11.85
N GLU E 35 -3.66 8.36 12.19
CA GLU E 35 -4.16 9.55 12.90
C GLU E 35 -3.81 10.80 12.12
N THR E 36 -3.87 10.73 10.77
CA THR E 36 -3.57 11.84 9.88
C THR E 36 -4.73 12.09 8.94
N PHE E 37 -4.83 13.34 8.41
CA PHE E 37 -5.86 13.74 7.48
C PHE E 37 -5.27 14.72 6.49
N LYS E 38 -5.60 14.50 5.22
CA LYS E 38 -5.09 15.31 4.14
C LYS E 38 -6.12 16.37 3.85
N VAL E 39 -5.66 17.62 3.87
CA VAL E 39 -6.48 18.81 3.68
C VAL E 39 -5.96 19.68 2.55
N ASN E 40 -6.87 20.27 1.79
CA ASN E 40 -6.54 21.21 0.73
C ASN E 40 -7.28 22.55 1.08
N ALA E 41 -6.56 23.69 1.20
CA ALA E 41 -7.23 24.90 1.65
C ALA E 41 -6.57 26.18 1.19
N PHE E 42 -7.23 27.32 1.42
CA PHE E 42 -6.67 28.64 1.18
C PHE E 42 -6.07 29.12 2.53
N LEU E 43 -4.97 29.86 2.44
CA LEU E 43 -4.34 30.50 3.59
C LEU E 43 -4.23 31.97 3.21
N SER E 44 -4.98 32.80 3.94
CA SER E 44 -4.98 34.23 3.71
C SER E 44 -4.12 34.91 4.81
N LEU E 45 -3.21 35.79 4.39
CA LEU E 45 -2.36 36.52 5.30
C LEU E 45 -2.46 38.02 5.00
N SER E 46 -2.55 38.84 6.06
CA SER E 46 -2.60 40.28 5.92
C SER E 46 -1.77 40.93 6.99
N TRP E 47 -0.90 41.89 6.58
CA TRP E 47 -0.01 42.63 7.49
C TRP E 47 0.35 43.97 6.84
N LYS E 48 0.77 44.96 7.66
CA LYS E 48 1.14 46.27 7.12
C LYS E 48 2.66 46.44 7.13
N ASP E 49 3.15 46.84 5.95
CA ASP E 49 4.54 47.13 5.63
C ASP E 49 4.54 48.54 5.06
N ARG E 50 4.90 49.55 5.88
CA ARG E 50 4.88 50.95 5.48
C ARG E 50 5.87 51.29 4.36
N ARG E 51 6.92 50.47 4.19
CA ARG E 51 7.91 50.65 3.11
C ARG E 51 7.26 50.50 1.73
N LEU E 52 6.19 49.69 1.65
CA LEU E 52 5.45 49.41 0.42
C LEU E 52 4.32 50.42 0.14
N ALA E 53 4.13 51.40 1.07
CA ALA E 53 3.10 52.44 0.92
C ALA E 53 3.41 53.35 -0.26
N PHE E 54 2.39 53.78 -1.01
CA PHE E 54 2.56 54.60 -2.20
C PHE E 54 1.47 55.63 -2.39
N ASP E 55 1.68 56.55 -3.36
CA ASP E 55 0.68 57.55 -3.69
C ASP E 55 0.02 57.06 -4.97
N PRO E 56 -1.31 56.78 -4.92
CA PRO E 56 -1.98 56.28 -6.13
C PRO E 56 -2.00 57.27 -7.30
N VAL E 57 -1.78 58.57 -7.00
CA VAL E 57 -1.75 59.65 -7.98
C VAL E 57 -0.48 59.55 -8.85
N ARG E 58 0.70 59.56 -8.20
CA ARG E 58 2.00 59.47 -8.86
C ARG E 58 2.20 58.13 -9.57
N SER E 59 1.74 57.01 -8.92
CA SER E 59 1.85 55.65 -9.44
C SER E 59 0.86 55.35 -10.56
N GLY E 60 -0.32 55.94 -10.50
CA GLY E 60 -1.37 55.74 -11.49
C GLY E 60 -2.07 54.40 -11.37
N VAL E 61 -1.96 53.79 -10.18
CA VAL E 61 -2.58 52.51 -9.80
C VAL E 61 -3.17 52.63 -8.39
N ARG E 62 -4.33 52.02 -8.14
CA ARG E 62 -4.94 52.05 -6.81
C ARG E 62 -4.46 50.89 -5.93
N VAL E 63 -3.93 49.80 -6.58
CA VAL E 63 -3.39 48.57 -5.96
C VAL E 63 -2.17 48.14 -6.77
N LYS E 64 -1.12 47.67 -6.10
CA LYS E 64 0.08 47.16 -6.73
C LYS E 64 0.16 45.64 -6.48
N THR E 65 0.61 44.88 -7.49
CA THR E 65 0.80 43.43 -7.39
C THR E 65 2.29 43.16 -7.37
N TYR E 66 2.72 42.22 -6.53
CA TYR E 66 4.12 41.84 -6.41
C TYR E 66 4.29 40.31 -6.54
N GLU E 67 5.53 39.90 -6.82
CA GLU E 67 5.92 38.51 -6.85
C GLU E 67 6.45 38.24 -5.44
N PRO E 68 6.29 36.99 -4.91
CA PRO E 68 6.72 36.72 -3.53
C PRO E 68 8.17 37.08 -3.20
N GLU E 69 9.03 36.92 -4.22
CA GLU E 69 10.47 37.19 -4.18
C GLU E 69 10.76 38.69 -4.01
N ALA E 70 9.86 39.55 -4.53
CA ALA E 70 10.03 41.00 -4.52
C ALA E 70 9.85 41.68 -3.16
N ILE E 71 9.00 41.13 -2.28
CA ILE E 71 8.70 41.77 -0.99
C ILE E 71 8.92 40.83 0.18
N TRP E 72 8.90 41.41 1.40
CA TRP E 72 8.99 40.64 2.64
C TRP E 72 7.61 39.98 2.92
N ILE E 73 7.62 38.67 3.16
CA ILE E 73 6.43 37.90 3.45
C ILE E 73 6.78 37.01 4.64
N PRO E 74 5.95 36.98 5.70
CA PRO E 74 6.32 36.21 6.88
C PRO E 74 6.37 34.70 6.64
N GLU E 75 7.38 34.01 7.21
CA GLU E 75 7.48 32.56 7.06
C GLU E 75 6.45 31.88 7.97
N ILE E 76 5.27 31.54 7.41
CA ILE E 76 4.23 30.86 8.17
C ILE E 76 4.42 29.36 7.95
N ARG E 77 4.48 28.59 9.03
CA ARG E 77 4.61 27.14 8.98
C ARG E 77 3.50 26.51 9.83
N PHE E 78 3.25 25.22 9.62
CA PHE E 78 2.25 24.47 10.39
C PHE E 78 3.08 23.60 11.33
N VAL E 79 2.64 23.42 12.57
CA VAL E 79 3.39 22.63 13.55
C VAL E 79 3.19 21.14 13.35
N ASN E 80 1.92 20.69 13.33
CA ASN E 80 1.59 19.30 13.18
C ASN E 80 1.37 18.84 11.67
N VAL E 81 2.41 18.99 10.82
CA VAL E 81 2.39 18.46 9.45
C VAL E 81 3.51 17.40 9.26
N GLU E 82 3.30 16.43 8.27
CA GLU E 82 4.27 15.38 7.92
C GLU E 82 5.48 15.99 7.21
N ASN E 83 5.25 16.82 6.24
CA ASN E 83 6.31 17.52 5.56
C ASN E 83 5.71 18.91 5.36
N ALA E 84 6.50 19.90 4.94
CA ALA E 84 5.98 21.24 4.70
C ALA E 84 4.88 21.16 3.66
N ARG E 85 3.88 22.03 3.79
CA ARG E 85 2.74 22.06 2.87
C ARG E 85 3.19 22.38 1.44
N ASP E 86 2.46 21.85 0.47
CA ASP E 86 2.67 22.11 -0.93
C ASP E 86 1.83 23.39 -1.18
N ALA E 87 2.48 24.54 -1.30
CA ALA E 87 1.77 25.79 -1.49
C ALA E 87 1.92 26.40 -2.88
N ASP E 88 0.92 27.15 -3.31
CA ASP E 88 0.90 27.93 -4.55
C ASP E 88 0.31 29.31 -4.21
N VAL E 89 1.11 30.37 -4.40
CA VAL E 89 0.68 31.74 -4.13
C VAL E 89 -0.36 32.11 -5.19
N VAL E 90 -1.57 32.43 -4.74
CA VAL E 90 -2.69 32.77 -5.60
C VAL E 90 -2.67 34.24 -5.97
N ASP E 91 -2.53 35.13 -4.96
CA ASP E 91 -2.50 36.58 -5.17
C ASP E 91 -1.73 37.35 -4.06
N ILE E 92 -1.05 38.44 -4.44
CA ILE E 92 -0.36 39.38 -3.55
C ILE E 92 -0.77 40.79 -3.99
N SER E 93 -1.51 41.52 -3.14
CA SER E 93 -2.00 42.87 -3.45
C SER E 93 -1.61 43.84 -2.36
N VAL E 94 -0.96 44.96 -2.78
CA VAL E 94 -0.50 46.02 -1.90
C VAL E 94 -1.32 47.29 -2.16
N SER E 95 -1.93 47.80 -1.09
CA SER E 95 -2.77 48.99 -1.12
C SER E 95 -1.86 50.21 -0.77
N PRO E 96 -2.28 51.47 -1.09
CA PRO E 96 -1.39 52.62 -0.86
C PRO E 96 -0.91 52.86 0.57
N ASP E 97 -1.56 52.28 1.59
CA ASP E 97 -1.13 52.47 2.98
C ASP E 97 -0.02 51.54 3.43
N GLY E 98 0.28 50.54 2.59
CA GLY E 98 1.30 49.52 2.83
C GLY E 98 0.74 48.19 3.30
N THR E 99 -0.61 48.02 3.25
CA THR E 99 -1.28 46.78 3.66
C THR E 99 -1.07 45.72 2.60
N VAL E 100 -0.48 44.59 3.00
CA VAL E 100 -0.25 43.47 2.11
C VAL E 100 -1.36 42.47 2.30
N GLN E 101 -1.98 42.04 1.19
CA GLN E 101 -3.05 41.04 1.19
C GLN E 101 -2.54 39.87 0.37
N TYR E 102 -2.09 38.85 1.07
CA TYR E 102 -1.51 37.63 0.53
C TYR E 102 -2.55 36.51 0.58
N LEU E 103 -2.59 35.65 -0.45
CA LEU E 103 -3.45 34.47 -0.51
C LEU E 103 -2.71 33.34 -1.23
N GLU E 104 -2.80 32.13 -0.68
CA GLU E 104 -2.18 30.96 -1.26
C GLU E 104 -3.07 29.74 -1.11
N ARG E 105 -2.95 28.79 -2.06
CA ARG E 105 -3.66 27.53 -1.96
C ARG E 105 -2.66 26.42 -1.61
N PHE E 106 -2.97 25.61 -0.59
CA PHE E 106 -2.05 24.59 -0.14
C PHE E 106 -2.72 23.27 0.13
N SER E 107 -1.92 22.18 0.03
CA SER E 107 -2.35 20.85 0.42
C SER E 107 -1.33 20.40 1.46
N ALA E 108 -1.79 19.62 2.48
CA ALA E 108 -0.95 19.16 3.59
C ALA E 108 -1.55 17.97 4.32
N ARG E 109 -0.71 17.00 4.73
CA ARG E 109 -1.17 15.85 5.50
C ARG E 109 -0.89 16.18 6.98
N VAL E 110 -1.94 16.55 7.71
CA VAL E 110 -1.91 17.00 9.10
C VAL E 110 -1.99 15.82 10.06
N LEU E 111 -1.14 15.82 11.12
CA LEU E 111 -1.12 14.78 12.14
C LEU E 111 -1.92 15.28 13.35
N SER E 112 -3.00 14.58 13.68
CA SER E 112 -3.86 14.97 14.79
C SER E 112 -4.30 13.72 15.56
N PRO E 113 -4.03 13.63 16.90
CA PRO E 113 -4.42 12.43 17.64
C PRO E 113 -5.93 12.17 17.61
N LEU E 114 -6.30 10.87 17.59
CA LEU E 114 -7.69 10.47 17.60
C LEU E 114 -7.94 9.57 18.79
N ASP E 115 -9.04 9.82 19.52
CA ASP E 115 -9.43 9.07 20.70
C ASP E 115 -10.59 8.14 20.36
N PHE E 116 -10.29 6.83 20.25
CA PHE E 116 -11.25 5.80 19.88
C PHE E 116 -11.95 5.11 21.07
N ARG E 117 -11.79 5.65 22.31
CA ARG E 117 -12.42 5.07 23.49
C ARG E 117 -13.96 4.92 23.31
N ARG E 118 -14.66 5.88 22.70
CA ARG E 118 -16.12 5.81 22.49
C ARG E 118 -16.56 5.33 21.10
N TYR E 119 -15.64 4.69 20.33
CA TYR E 119 -15.90 4.21 18.98
C TYR E 119 -17.05 3.18 18.98
N PRO E 120 -18.03 3.24 18.05
CA PRO E 120 -18.17 4.15 16.89
C PRO E 120 -19.12 5.32 17.12
N PHE E 121 -19.28 5.75 18.38
CA PHE E 121 -20.15 6.87 18.73
C PHE E 121 -19.29 8.10 19.12
N ASP E 122 -18.02 8.08 18.67
CA ASP E 122 -17.01 9.10 18.96
C ASP E 122 -17.07 10.32 18.07
N SER E 123 -16.63 11.43 18.67
CA SER E 123 -16.46 12.73 18.05
C SER E 123 -14.99 13.08 18.17
N GLN E 124 -14.46 13.82 17.19
CA GLN E 124 -13.06 14.20 17.18
C GLN E 124 -12.93 15.66 16.85
N THR E 125 -11.88 16.30 17.40
CA THR E 125 -11.50 17.68 17.11
C THR E 125 -10.12 17.59 16.42
N LEU E 126 -10.08 17.75 15.10
CA LEU E 126 -8.87 17.73 14.30
C LEU E 126 -8.17 19.11 14.42
N HIS E 127 -6.88 19.13 14.70
CA HIS E 127 -6.15 20.39 14.84
C HIS E 127 -5.23 20.70 13.68
N ILE E 128 -4.97 22.00 13.47
CA ILE E 128 -4.07 22.57 12.47
C ILE E 128 -3.41 23.72 13.22
N TYR E 129 -2.08 23.69 13.41
CA TYR E 129 -1.48 24.77 14.18
C TYR E 129 -0.64 25.69 13.36
N LEU E 130 -1.06 26.94 13.15
CA LEU E 130 -0.20 27.86 12.41
C LEU E 130 0.82 28.39 13.37
N ILE E 131 2.03 28.68 12.87
CA ILE E 131 3.10 29.20 13.71
C ILE E 131 3.96 30.13 12.90
N VAL E 132 4.46 31.20 13.55
CA VAL E 132 5.39 32.16 12.97
C VAL E 132 6.52 32.39 13.98
N ARG E 133 7.77 32.33 13.49
CA ARG E 133 8.93 32.56 14.35
C ARG E 133 9.36 34.01 14.20
N SER E 134 9.53 34.71 15.34
CA SER E 134 9.95 36.12 15.39
C SER E 134 11.39 36.27 14.95
N VAL E 135 11.71 37.43 14.40
CA VAL E 135 13.05 37.65 13.87
C VAL E 135 13.91 38.56 14.77
N ASP E 136 15.06 38.94 14.23
CA ASP E 136 16.08 39.77 14.88
C ASP E 136 15.58 41.18 15.20
N THR E 137 15.14 41.92 14.17
CA THR E 137 14.72 43.31 14.27
C THR E 137 13.31 43.49 14.90
N ARG E 138 12.41 42.49 14.84
CA ARG E 138 11.09 42.61 15.46
C ARG E 138 10.32 41.30 15.67
N ASN E 139 9.37 41.36 16.62
CA ASN E 139 8.52 40.23 16.99
C ASN E 139 7.31 40.14 16.09
N ILE E 140 6.94 38.91 15.70
CA ILE E 140 5.80 38.65 14.85
C ILE E 140 4.78 37.84 15.65
N VAL E 141 3.52 38.33 15.63
CA VAL E 141 2.38 37.77 16.34
C VAL E 141 1.26 37.46 15.30
N LEU E 142 0.60 36.30 15.46
CA LEU E 142 -0.50 35.91 14.61
C LEU E 142 -1.85 36.40 15.21
N ALA E 143 -2.83 36.62 14.32
CA ALA E 143 -4.18 37.03 14.65
C ALA E 143 -5.10 36.23 13.75
N VAL E 144 -6.38 36.08 14.10
CA VAL E 144 -7.34 35.38 13.24
C VAL E 144 -8.65 36.16 13.11
N ASP E 145 -9.16 36.35 11.89
CA ASP E 145 -10.44 37.02 11.70
C ASP E 145 -11.39 35.90 11.27
N LEU E 146 -12.27 35.45 12.18
CA LEU E 146 -13.13 34.28 12.00
C LEU E 146 -14.08 34.41 10.81
N GLU E 147 -14.15 35.60 10.22
CA GLU E 147 -14.98 35.87 9.05
C GLU E 147 -14.30 35.16 7.86
N LYS E 148 -12.94 35.10 7.90
CA LYS E 148 -12.07 34.52 6.89
C LYS E 148 -11.91 33.01 7.01
N VAL E 149 -12.09 32.45 8.24
CA VAL E 149 -12.01 31.02 8.60
C VAL E 149 -13.36 30.32 8.29
N GLY E 150 -13.35 29.38 7.35
CA GLY E 150 -14.54 28.65 6.96
C GLY E 150 -14.22 27.37 6.22
N LYS E 151 -15.21 26.86 5.47
CA LYS E 151 -15.09 25.64 4.68
C LYS E 151 -16.14 25.57 3.58
N ASN E 152 -15.73 25.01 2.42
CA ASN E 152 -16.59 24.79 1.27
C ASN E 152 -17.74 23.91 1.70
N ASP E 153 -18.96 24.16 1.19
CA ASP E 153 -20.16 23.41 1.59
C ASP E 153 -20.09 21.96 1.17
N ASP E 154 -19.39 21.70 0.05
CA ASP E 154 -19.21 20.36 -0.51
C ASP E 154 -18.08 19.55 0.16
N VAL E 155 -17.38 20.12 1.19
CA VAL E 155 -16.33 19.42 1.95
C VAL E 155 -16.97 18.21 2.64
N PHE E 156 -16.32 17.04 2.51
CA PHE E 156 -16.83 15.80 3.07
C PHE E 156 -15.75 14.83 3.54
N LEU E 157 -16.12 13.97 4.48
CA LEU E 157 -15.35 12.86 5.00
C LEU E 157 -16.38 11.75 5.14
N THR E 158 -16.24 10.70 4.33
CA THR E 158 -17.17 9.58 4.33
C THR E 158 -17.19 8.93 5.70
N GLY E 159 -18.39 8.83 6.28
CA GLY E 159 -18.62 8.26 7.59
C GLY E 159 -18.48 9.25 8.72
N TRP E 160 -18.47 10.54 8.40
CA TRP E 160 -18.33 11.60 9.39
C TRP E 160 -19.21 12.77 9.07
N ASP E 161 -19.64 13.49 10.11
CA ASP E 161 -20.43 14.70 9.99
C ASP E 161 -19.50 15.81 10.42
N ILE E 162 -19.09 16.70 9.48
CA ILE E 162 -18.20 17.83 9.77
C ILE E 162 -19.09 18.91 10.40
N GLU E 163 -19.00 19.00 11.73
CA GLU E 163 -19.77 19.94 12.53
C GLU E 163 -19.34 21.38 12.24
N SER E 164 -18.04 21.72 12.45
CA SER E 164 -17.55 23.08 12.31
C SER E 164 -16.05 23.18 12.09
N PHE E 165 -15.62 24.34 11.56
CA PHE E 165 -14.20 24.68 11.37
C PHE E 165 -13.97 26.03 11.92
N THR E 166 -13.20 26.10 12.97
CA THR E 166 -12.98 27.37 13.64
C THR E 166 -11.54 27.54 14.00
N ALA E 167 -11.23 28.57 14.76
CA ALA E 167 -9.90 28.87 15.28
C ALA E 167 -10.05 29.48 16.67
N VAL E 168 -9.13 29.18 17.57
CA VAL E 168 -9.09 29.76 18.90
C VAL E 168 -8.35 31.09 18.68
N VAL E 169 -9.11 32.20 18.67
CA VAL E 169 -8.68 33.58 18.40
C VAL E 169 -7.41 34.01 19.14
N LYS E 170 -7.22 33.55 20.41
CA LYS E 170 -6.04 33.91 21.19
C LYS E 170 -4.86 33.01 20.79
N PRO E 171 -3.76 33.62 20.23
CA PRO E 171 -2.58 32.81 19.88
C PRO E 171 -1.74 32.43 21.12
N ALA E 172 -0.96 31.33 21.02
CA ALA E 172 -0.08 30.86 22.06
C ALA E 172 1.30 31.39 21.73
N ASN E 173 1.71 32.44 22.45
CA ASN E 173 3.01 33.07 22.28
C ASN E 173 3.95 32.51 23.32
N PHE E 174 5.10 31.99 22.88
CA PHE E 174 6.06 31.33 23.75
C PHE E 174 7.44 31.42 23.17
N ALA E 175 8.47 31.19 24.01
CA ALA E 175 9.85 31.26 23.58
C ALA E 175 10.31 29.90 23.16
N LEU E 176 11.02 29.84 22.05
CA LEU E 176 11.57 28.58 21.53
C LEU E 176 12.88 28.88 20.81
N GLU E 177 13.98 28.33 21.37
CA GLU E 177 15.36 28.50 20.90
C GLU E 177 15.73 29.99 20.83
N ASP E 178 15.46 30.67 21.97
CA ASP E 178 15.76 32.09 22.24
C ASP E 178 14.99 33.09 21.35
N ARG E 179 13.84 32.67 20.75
CA ARG E 179 12.97 33.54 19.94
C ARG E 179 11.49 33.30 20.24
N LEU E 180 10.69 34.36 20.12
CA LEU E 180 9.25 34.29 20.34
C LEU E 180 8.61 33.55 19.17
N GLU E 181 7.60 32.73 19.47
CA GLU E 181 6.83 31.95 18.51
C GLU E 181 5.35 32.14 18.84
N SER E 182 4.57 32.66 17.87
CA SER E 182 3.12 32.85 18.00
C SER E 182 2.46 31.69 17.27
N LYS E 183 1.62 30.94 17.97
CA LYS E 183 0.94 29.74 17.45
C LYS E 183 -0.60 29.88 17.48
N LEU E 184 -1.32 29.57 16.35
CA LEU E 184 -2.79 29.58 16.29
C LEU E 184 -3.35 28.19 16.24
N ASP E 185 -4.55 27.98 16.81
CA ASP E 185 -5.11 26.65 16.84
C ASP E 185 -6.39 26.57 16.02
N TYR E 186 -6.32 26.03 14.80
CA TYR E 186 -7.52 25.82 13.98
C TYR E 186 -8.08 24.49 14.38
N GLN E 187 -9.41 24.39 14.48
CA GLN E 187 -10.08 23.17 14.93
C GLN E 187 -11.19 22.78 14.00
N LEU E 188 -11.17 21.51 13.53
CA LEU E 188 -12.16 20.93 12.67
C LEU E 188 -12.87 19.85 13.49
N ARG E 189 -14.12 20.12 13.90
CA ARG E 189 -14.92 19.21 14.69
C ARG E 189 -15.75 18.30 13.83
N ILE E 190 -15.56 17.00 14.02
CA ILE E 190 -16.20 15.92 13.27
C ILE E 190 -16.80 14.91 14.24
N SER E 191 -17.97 14.33 13.89
CA SER E 191 -18.65 13.28 14.67
C SER E 191 -18.97 12.10 13.71
N ARG E 192 -18.74 10.86 14.15
CA ARG E 192 -18.92 9.68 13.31
C ARG E 192 -20.38 9.32 12.90
N GLN E 193 -20.57 8.74 11.68
CA GLN E 193 -21.84 8.23 11.11
C GLN E 193 -21.90 6.70 11.34
N TYR E 194 -22.27 6.31 12.57
CA TYR E 194 -22.37 4.92 13.06
C TYR E 194 -23.64 4.16 12.62
N PHE E 195 -24.31 4.59 11.54
CA PHE E 195 -25.59 4.02 11.10
C PHE E 195 -25.55 2.52 10.90
N SER E 196 -24.86 2.10 9.84
CA SER E 196 -24.76 0.71 9.44
C SER E 196 -23.98 -0.20 10.40
N TYR E 197 -23.43 0.35 11.51
CA TYR E 197 -22.62 -0.42 12.47
C TYR E 197 -23.47 -1.37 13.30
N ILE E 198 -24.76 -1.01 13.53
CA ILE E 198 -25.69 -1.88 14.25
C ILE E 198 -26.04 -3.09 13.35
N PRO E 199 -26.70 -2.94 12.16
CA PRO E 199 -26.97 -4.13 11.33
C PRO E 199 -25.76 -4.87 10.73
N ASN E 200 -24.60 -4.21 10.54
CA ASN E 200 -23.48 -4.89 9.90
C ASN E 200 -22.46 -5.49 10.86
N ILE E 201 -22.32 -4.94 12.08
CA ILE E 201 -21.33 -5.43 13.04
C ILE E 201 -21.95 -6.01 14.30
N ILE E 202 -22.73 -5.22 15.06
CA ILE E 202 -23.36 -5.65 16.31
C ILE E 202 -24.37 -6.80 16.12
N LEU E 203 -25.50 -6.57 15.41
CA LEU E 203 -26.53 -7.59 15.20
C LEU E 203 -25.98 -8.99 14.81
N PRO E 204 -25.14 -9.17 13.76
CA PRO E 204 -24.65 -10.53 13.48
C PRO E 204 -23.73 -11.10 14.55
N MET E 205 -23.01 -10.24 15.26
CA MET E 205 -22.13 -10.70 16.33
C MET E 205 -22.92 -11.23 17.51
N LEU E 206 -24.08 -10.60 17.81
CA LEU E 206 -24.99 -11.03 18.90
C LEU E 206 -25.71 -12.31 18.54
N PHE E 207 -26.15 -12.46 17.27
CA PHE E 207 -26.80 -13.68 16.78
C PHE E 207 -25.90 -14.90 17.01
N ILE E 208 -24.61 -14.79 16.68
CA ILE E 208 -23.63 -15.88 16.85
C ILE E 208 -23.54 -16.29 18.34
N LEU E 209 -23.60 -15.30 19.26
CA LEU E 209 -23.58 -15.50 20.71
C LEU E 209 -24.87 -16.19 21.15
N PHE E 210 -26.02 -15.70 20.64
CA PHE E 210 -27.34 -16.26 20.95
C PHE E 210 -27.46 -17.73 20.50
N ILE E 211 -26.83 -18.11 19.37
CA ILE E 211 -26.82 -19.49 18.90
C ILE E 211 -26.11 -20.37 19.95
N SER E 212 -25.02 -19.86 20.58
CA SER E 212 -24.30 -20.63 21.62
C SER E 212 -25.18 -20.85 22.87
N TRP E 213 -26.16 -19.97 23.09
CA TRP E 213 -27.07 -20.04 24.22
C TRP E 213 -28.18 -21.09 24.06
N THR E 214 -28.33 -21.69 22.85
CA THR E 214 -29.33 -22.74 22.64
C THR E 214 -28.90 -24.08 23.29
N ALA E 215 -27.64 -24.16 23.77
CA ALA E 215 -27.08 -25.34 24.45
C ALA E 215 -27.70 -25.51 25.86
N PHE E 216 -28.42 -24.47 26.34
CA PHE E 216 -29.10 -24.49 27.63
C PHE E 216 -30.49 -25.17 27.52
N TRP E 217 -30.94 -25.46 26.29
CA TRP E 217 -32.18 -26.17 25.95
C TRP E 217 -31.84 -27.48 25.20
N SER E 218 -30.76 -28.15 25.67
CA SER E 218 -30.25 -29.42 25.12
C SER E 218 -29.43 -30.14 26.18
N THR E 219 -29.56 -31.48 26.23
CA THR E 219 -28.86 -32.35 27.17
C THR E 219 -27.72 -33.11 26.46
N SER E 220 -27.73 -33.11 25.10
CA SER E 220 -26.72 -33.78 24.27
C SER E 220 -25.37 -33.04 24.35
N TYR E 221 -24.36 -33.65 25.00
CA TYR E 221 -23.02 -33.07 25.15
C TYR E 221 -22.36 -32.92 23.81
N GLU E 222 -22.58 -33.87 22.89
CA GLU E 222 -22.04 -33.82 21.54
C GLU E 222 -22.60 -32.63 20.76
N ALA E 223 -23.93 -32.39 20.84
CA ALA E 223 -24.58 -31.25 20.18
C ALA E 223 -24.21 -29.93 20.86
N ASN E 224 -24.00 -29.94 22.19
CA ASN E 224 -23.62 -28.75 22.97
C ASN E 224 -22.17 -28.32 22.69
N VAL E 225 -21.25 -29.30 22.55
CA VAL E 225 -19.84 -29.02 22.22
C VAL E 225 -19.79 -28.42 20.81
N THR E 226 -20.56 -28.98 19.84
CA THR E 226 -20.64 -28.47 18.47
C THR E 226 -21.28 -27.08 18.48
N LEU E 227 -22.28 -26.83 19.34
CA LEU E 227 -22.88 -25.50 19.42
C LEU E 227 -21.91 -24.45 19.91
N VAL E 228 -21.36 -24.61 21.13
CA VAL E 228 -20.51 -23.60 21.76
C VAL E 228 -19.16 -23.39 21.02
N VAL E 229 -18.48 -24.47 20.61
CA VAL E 229 -17.16 -24.32 19.98
C VAL E 229 -17.28 -23.85 18.52
N SER E 230 -18.30 -24.31 17.77
CA SER E 230 -18.45 -23.82 16.39
C SER E 230 -18.88 -22.37 16.33
N THR E 231 -19.67 -21.89 17.31
CA THR E 231 -20.06 -20.48 17.36
C THR E 231 -18.85 -19.60 17.75
N LEU E 232 -17.91 -20.15 18.54
CA LEU E 232 -16.68 -19.44 18.89
C LEU E 232 -15.85 -19.24 17.59
N ILE E 233 -15.77 -20.28 16.73
CA ILE E 233 -15.11 -20.23 15.42
C ILE E 233 -15.83 -19.20 14.55
N ALA E 234 -17.18 -19.25 14.49
CA ALA E 234 -18.00 -18.30 13.72
C ALA E 234 -17.79 -16.86 14.18
N HIS E 235 -17.61 -16.65 15.50
CA HIS E 235 -17.37 -15.34 16.11
C HIS E 235 -16.02 -14.82 15.70
N ILE E 236 -14.96 -15.63 15.90
CA ILE E 236 -13.59 -15.28 15.51
C ILE E 236 -13.57 -14.98 13.99
N ALA E 237 -14.18 -15.85 13.14
CA ALA E 237 -14.27 -15.64 11.69
C ALA E 237 -15.00 -14.34 11.38
N PHE E 238 -16.07 -14.03 12.13
CA PHE E 238 -16.79 -12.77 11.93
C PHE E 238 -15.93 -11.56 12.34
N ASN E 239 -15.13 -11.68 13.42
CA ASN E 239 -14.23 -10.60 13.84
C ASN E 239 -13.16 -10.32 12.79
N ILE E 240 -12.66 -11.36 12.06
CA ILE E 240 -11.69 -11.22 10.96
C ILE E 240 -12.38 -10.43 9.84
N LEU E 241 -13.66 -10.76 9.56
CA LEU E 241 -14.42 -10.07 8.52
C LEU E 241 -14.60 -8.57 8.83
N VAL E 242 -14.97 -8.22 10.06
CA VAL E 242 -15.20 -6.83 10.44
C VAL E 242 -13.94 -6.16 11.10
N GLU E 243 -12.73 -6.74 10.87
CA GLU E 243 -11.44 -6.23 11.38
C GLU E 243 -11.18 -4.84 10.82
N THR E 244 -10.78 -3.91 11.71
CA THR E 244 -10.55 -2.48 11.45
C THR E 244 -9.38 -2.17 10.50
N ASN E 245 -8.47 -3.12 10.22
CA ASN E 245 -7.33 -2.89 9.31
C ASN E 245 -6.27 -1.88 9.84
N CYS E 246 -6.44 -1.43 11.10
CA CYS E 246 -5.48 -0.55 11.79
C CYS E 246 -4.86 -1.46 12.85
N PRO E 247 -3.57 -1.23 13.26
CA PRO E 247 -3.01 -2.04 14.36
C PRO E 247 -3.85 -1.79 15.63
N LYS E 248 -3.97 -2.81 16.50
CA LYS E 248 -4.78 -2.69 17.71
C LYS E 248 -4.44 -1.46 18.56
N THR E 249 -5.50 -0.83 19.04
CA THR E 249 -5.49 0.35 19.89
C THR E 249 -4.78 0.00 21.21
N PRO E 250 -3.73 0.76 21.60
CA PRO E 250 -3.00 0.45 22.86
C PRO E 250 -3.80 0.59 24.16
N TYR E 251 -4.89 1.36 24.11
CA TYR E 251 -5.84 1.58 25.21
C TYR E 251 -7.13 0.80 24.97
N MET E 252 -7.92 0.57 26.03
CA MET E 252 -9.18 -0.18 25.92
C MET E 252 -10.33 0.72 25.41
N THR E 253 -10.96 0.28 24.31
CA THR E 253 -12.09 0.94 23.67
C THR E 253 -13.43 0.34 24.14
N TYR E 254 -14.54 1.06 23.88
CA TYR E 254 -15.88 0.62 24.23
C TYR E 254 -16.19 -0.69 23.50
N THR E 255 -16.05 -0.71 22.15
CA THR E 255 -16.27 -1.88 21.31
C THR E 255 -15.32 -3.02 21.71
N GLY E 256 -14.13 -2.66 22.16
CA GLY E 256 -13.11 -3.60 22.61
C GLY E 256 -13.47 -4.36 23.86
N ALA E 257 -14.15 -3.66 24.80
CA ALA E 257 -14.63 -4.22 26.08
C ALA E 257 -15.76 -5.23 25.82
N ILE E 258 -16.77 -4.85 24.98
CA ILE E 258 -17.89 -5.70 24.55
C ILE E 258 -17.35 -7.00 23.94
N ILE E 259 -16.44 -6.91 22.95
CA ILE E 259 -15.85 -8.07 22.28
C ILE E 259 -15.07 -8.93 23.27
N PHE E 260 -14.38 -8.31 24.26
CA PHE E 260 -13.66 -9.09 25.28
C PHE E 260 -14.66 -9.87 26.13
N MET E 261 -15.77 -9.21 26.50
CA MET E 261 -16.84 -9.77 27.28
C MET E 261 -17.50 -10.93 26.56
N ILE E 262 -17.68 -10.82 25.23
CA ILE E 262 -18.23 -11.87 24.37
C ILE E 262 -17.33 -13.11 24.39
N TYR E 263 -15.98 -12.94 24.39
CA TYR E 263 -15.02 -14.04 24.48
C TYR E 263 -15.11 -14.74 25.85
N LEU E 264 -15.39 -13.96 26.92
CA LEU E 264 -15.55 -14.45 28.29
C LEU E 264 -16.81 -15.33 28.40
N PHE E 265 -17.90 -14.88 27.75
CA PHE E 265 -19.19 -15.58 27.68
C PHE E 265 -19.09 -16.92 26.94
N TYR E 266 -18.20 -17.04 25.94
CA TYR E 266 -18.00 -18.31 25.24
C TYR E 266 -17.25 -19.28 26.14
N PHE E 267 -16.38 -18.74 27.00
CA PHE E 267 -15.59 -19.56 27.93
C PHE E 267 -16.48 -20.05 29.07
N VAL E 268 -17.31 -19.16 29.63
CA VAL E 268 -18.25 -19.47 30.71
C VAL E 268 -19.31 -20.49 30.24
N ALA E 269 -19.79 -20.35 28.96
CA ALA E 269 -20.75 -21.28 28.38
C ALA E 269 -20.14 -22.67 28.18
N VAL E 270 -18.82 -22.77 27.91
CA VAL E 270 -18.12 -24.07 27.79
C VAL E 270 -18.05 -24.71 29.20
N ILE E 271 -17.70 -23.91 30.24
CA ILE E 271 -17.64 -24.34 31.64
C ILE E 271 -18.98 -24.95 32.07
N GLU E 272 -20.11 -24.26 31.76
CA GLU E 272 -21.46 -24.76 32.03
C GLU E 272 -21.70 -26.12 31.34
N VAL E 273 -21.52 -26.19 30.00
CA VAL E 273 -21.68 -27.40 29.19
C VAL E 273 -20.80 -28.57 29.72
N THR E 274 -19.59 -28.25 30.20
CA THR E 274 -18.68 -29.25 30.77
C THR E 274 -19.18 -29.73 32.15
N VAL E 275 -19.67 -28.78 33.01
CA VAL E 275 -20.21 -29.07 34.35
C VAL E 275 -21.48 -29.91 34.25
N GLN E 276 -22.45 -29.49 33.40
CA GLN E 276 -23.72 -30.17 33.12
C GLN E 276 -23.47 -31.66 32.85
N HIS E 277 -22.62 -31.98 31.86
CA HIS E 277 -22.24 -33.32 31.45
C HIS E 277 -21.51 -34.10 32.55
N TYR E 278 -20.59 -33.44 33.30
CA TYR E 278 -19.87 -34.11 34.38
C TYR E 278 -20.79 -34.46 35.53
N LEU E 279 -21.76 -33.59 35.88
CA LEU E 279 -22.73 -33.88 36.93
C LEU E 279 -23.67 -35.01 36.51
N LYS E 280 -24.06 -35.02 35.22
CA LYS E 280 -24.92 -36.04 34.62
C LYS E 280 -24.23 -37.42 34.67
N VAL E 281 -22.95 -37.49 34.25
CA VAL E 281 -22.19 -38.73 34.23
C VAL E 281 -21.80 -39.17 35.68
N GLU E 282 -21.67 -38.21 36.62
CA GLU E 282 -21.33 -38.51 38.02
C GLU E 282 -22.57 -38.66 38.93
N SER E 283 -23.63 -39.30 38.38
CA SER E 283 -24.91 -39.64 39.02
C SER E 283 -25.54 -38.47 39.83
N GLN E 284 -25.61 -37.28 39.24
CA GLN E 284 -26.21 -36.11 39.89
C GLN E 284 -27.04 -35.31 38.85
N PRO E 285 -28.08 -35.89 38.21
CA PRO E 285 -28.84 -35.13 37.19
C PRO E 285 -29.76 -34.05 37.76
N ALA E 286 -29.90 -34.00 39.09
CA ALA E 286 -30.72 -33.01 39.78
C ALA E 286 -30.01 -31.66 39.75
N ARG E 287 -28.68 -31.67 40.01
CA ARG E 287 -27.85 -30.48 40.00
C ARG E 287 -27.55 -30.02 38.57
N ALA E 288 -27.33 -30.98 37.65
CA ALA E 288 -27.06 -30.73 36.23
C ALA E 288 -28.24 -29.99 35.56
N ALA E 289 -29.48 -30.47 35.76
CA ALA E 289 -30.67 -29.84 35.19
C ALA E 289 -31.01 -28.49 35.83
N SER E 290 -30.65 -28.29 37.12
CA SER E 290 -30.96 -27.03 37.81
C SER E 290 -30.03 -25.89 37.39
N ILE E 291 -28.76 -26.24 37.04
CA ILE E 291 -27.73 -25.30 36.55
C ILE E 291 -28.11 -24.85 35.13
N THR E 292 -28.40 -25.81 34.22
CA THR E 292 -28.81 -25.59 32.84
C THR E 292 -30.06 -24.74 32.74
N ARG E 293 -31.00 -24.90 33.70
CA ARG E 293 -32.23 -24.12 33.74
C ARG E 293 -31.96 -22.70 34.21
N ALA E 294 -31.01 -22.53 35.16
CA ALA E 294 -30.61 -21.23 35.72
C ALA E 294 -29.89 -20.39 34.67
N SER E 295 -29.00 -21.03 33.89
CA SER E 295 -28.22 -20.43 32.81
C SER E 295 -29.09 -19.78 31.73
N ARG E 296 -30.28 -20.32 31.47
CA ARG E 296 -31.25 -19.79 30.51
C ARG E 296 -31.65 -18.34 30.79
N ILE E 297 -31.62 -17.95 32.08
CA ILE E 297 -31.97 -16.60 32.53
C ILE E 297 -30.68 -15.85 32.89
N ALA E 298 -29.75 -16.52 33.63
CA ALA E 298 -28.48 -15.94 34.10
C ALA E 298 -27.62 -15.36 32.98
N PHE E 299 -27.44 -16.11 31.87
CA PHE E 299 -26.64 -15.65 30.73
C PHE E 299 -27.23 -14.37 30.10
N PRO E 300 -28.49 -14.31 29.57
CA PRO E 300 -28.98 -13.04 29.02
C PRO E 300 -29.05 -11.87 30.02
N VAL E 301 -29.35 -12.14 31.28
CA VAL E 301 -29.47 -11.10 32.33
C VAL E 301 -28.08 -10.51 32.65
N VAL E 302 -27.07 -11.37 32.95
CA VAL E 302 -25.68 -10.94 33.24
C VAL E 302 -25.09 -10.17 32.04
N PHE E 303 -25.38 -10.63 30.80
CA PHE E 303 -24.95 -9.97 29.57
C PHE E 303 -25.55 -8.57 29.48
N LEU E 304 -26.89 -8.46 29.57
CA LEU E 304 -27.62 -7.19 29.53
C LEU E 304 -27.14 -6.22 30.59
N LEU E 305 -26.90 -6.70 31.82
CA LEU E 305 -26.43 -5.87 32.92
C LEU E 305 -25.01 -5.37 32.73
N ALA E 306 -24.10 -6.28 32.32
CA ALA E 306 -22.68 -5.96 32.05
C ALA E 306 -22.53 -4.92 30.93
N ASN E 307 -23.39 -5.00 29.89
CA ASN E 307 -23.43 -4.04 28.80
C ASN E 307 -23.85 -2.66 29.28
N ILE E 308 -24.84 -2.59 30.20
CA ILE E 308 -25.30 -1.34 30.81
C ILE E 308 -24.18 -0.73 31.65
N ILE E 309 -23.42 -1.58 32.38
CA ILE E 309 -22.28 -1.15 33.19
C ILE E 309 -21.18 -0.53 32.30
N LEU E 310 -20.87 -1.18 31.15
CA LEU E 310 -19.87 -0.69 30.18
C LEU E 310 -20.34 0.58 29.50
N ALA E 311 -21.59 0.61 29.02
CA ALA E 311 -22.16 1.80 28.40
C ALA E 311 -22.14 2.97 29.38
N PHE E 312 -22.39 2.72 30.68
CA PHE E 312 -22.36 3.75 31.70
C PHE E 312 -20.92 4.24 31.97
N LEU E 313 -19.96 3.29 32.04
CA LEU E 313 -18.55 3.59 32.23
C LEU E 313 -17.93 4.42 31.09
N PHE E 314 -18.30 4.11 29.82
CA PHE E 314 -17.77 4.78 28.63
C PHE E 314 -18.52 6.05 28.26
N PHE E 315 -19.79 6.21 28.70
CA PHE E 315 -20.62 7.38 28.36
C PHE E 315 -21.41 7.89 29.58
#